data_4HQM
# 
_entry.id   4HQM 
# 
_audit_conform.dict_name       mmcif_pdbx.dic 
_audit_conform.dict_version    5.399 
_audit_conform.dict_location   http://mmcif.pdb.org/dictionaries/ascii/mmcif_pdbx.dic 
# 
loop_
_database_2.database_id 
_database_2.database_code 
_database_2.pdbx_database_accession 
_database_2.pdbx_DOI 
PDB   4HQM         pdb_00004hqm 10.2210/pdb4hqm/pdb 
RCSB  RCSB075797   ?            ?                   
WWPDB D_1000075797 ?            ?                   
# 
loop_
_pdbx_audit_revision_history.ordinal 
_pdbx_audit_revision_history.data_content_type 
_pdbx_audit_revision_history.major_revision 
_pdbx_audit_revision_history.minor_revision 
_pdbx_audit_revision_history.revision_date 
1 'Structure model' 1 0 2013-03-06 
2 'Structure model' 1 1 2013-05-22 
3 'Structure model' 1 2 2024-11-20 
# 
_pdbx_audit_revision_details.ordinal             1 
_pdbx_audit_revision_details.revision_ordinal    1 
_pdbx_audit_revision_details.data_content_type   'Structure model' 
_pdbx_audit_revision_details.provider            repository 
_pdbx_audit_revision_details.type                'Initial release' 
_pdbx_audit_revision_details.description         ? 
_pdbx_audit_revision_details.details             ? 
# 
loop_
_pdbx_audit_revision_group.ordinal 
_pdbx_audit_revision_group.revision_ordinal 
_pdbx_audit_revision_group.data_content_type 
_pdbx_audit_revision_group.group 
1 2 'Structure model' 'Database references'  
2 3 'Structure model' 'Data collection'      
3 3 'Structure model' 'Database references'  
4 3 'Structure model' 'Derived calculations' 
5 3 'Structure model' 'Structure summary'    
# 
loop_
_pdbx_audit_revision_category.ordinal 
_pdbx_audit_revision_category.revision_ordinal 
_pdbx_audit_revision_category.data_content_type 
_pdbx_audit_revision_category.category 
1 3 'Structure model' chem_comp_atom            
2 3 'Structure model' chem_comp_bond            
3 3 'Structure model' database_2                
4 3 'Structure model' pdbx_entry_details        
5 3 'Structure model' pdbx_modification_feature 
6 3 'Structure model' struct_conn               
7 3 'Structure model' struct_ref_seq_dif        
8 3 'Structure model' struct_site               
# 
loop_
_pdbx_audit_revision_item.ordinal 
_pdbx_audit_revision_item.revision_ordinal 
_pdbx_audit_revision_item.data_content_type 
_pdbx_audit_revision_item.item 
1 3 'Structure model' '_database_2.pdbx_DOI'                         
2 3 'Structure model' '_database_2.pdbx_database_accession'          
3 3 'Structure model' '_pdbx_entry_details.has_protein_modification' 
4 3 'Structure model' '_struct_conn.pdbx_leaving_atom_flag'          
5 3 'Structure model' '_struct_ref_seq_dif.details'                  
6 3 'Structure model' '_struct_site.pdbx_auth_asym_id'               
7 3 'Structure model' '_struct_site.pdbx_auth_comp_id'               
8 3 'Structure model' '_struct_site.pdbx_auth_seq_id'                
# 
_pdbx_database_status.status_code                     REL 
_pdbx_database_status.entry_id                        4HQM 
_pdbx_database_status.recvd_initial_deposition_date   2012-10-25 
_pdbx_database_status.deposit_site                    RCSB 
_pdbx_database_status.process_site                    RCSB 
_pdbx_database_status.status_code_sf                  REL 
_pdbx_database_status.status_code_mr                  ? 
_pdbx_database_status.SG_entry                        ? 
_pdbx_database_status.status_code_cs                  ? 
_pdbx_database_status.methods_development_category    ? 
_pdbx_database_status.pdb_format_compatible           Y 
_pdbx_database_status.status_code_nmr_data            ? 
# 
loop_
_audit_author.name 
_audit_author.pdbx_ordinal 
'Ji, Q.'         1  
'Zhang, L.'      2  
'Jones, M.B.'    3  
'Sun, F.'        4  
'Deng, X.'       5  
'Liang, H.'      6  
'Brugarolas, P.' 7  
'Gao, N.'        8  
'Peterson, S.N.' 9  
'Lan, L.'        10 
'Bae, T.'        11 
'He, C.'         12 
# 
_citation.id                        primary 
_citation.title                     
'Molecular mechanism of quinone signaling mediated through S-quinonization of a YodB family repressor QsrR.' 
_citation.journal_abbrev            Proc.Natl.Acad.Sci.USA 
_citation.journal_volume            110 
_citation.page_first                5010 
_citation.page_last                 5015 
_citation.year                      2013 
_citation.journal_id_ASTM           PNASA6 
_citation.country                   US 
_citation.journal_id_ISSN           0027-8424 
_citation.journal_id_CSD            0040 
_citation.book_publisher            ? 
_citation.pdbx_database_id_PubMed   23479646 
_citation.pdbx_database_id_DOI      10.1073/pnas.1219446110 
# 
loop_
_citation_author.citation_id 
_citation_author.name 
_citation_author.ordinal 
_citation_author.identifier_ORCID 
primary 'Ji, Q.'         1  ? 
primary 'Zhang, L.'      2  ? 
primary 'Jones, M.B.'    3  ? 
primary 'Sun, F.'        4  ? 
primary 'Deng, X.'       5  ? 
primary 'Liang, H.'      6  ? 
primary 'Cho, H.'        7  ? 
primary 'Brugarolas, P.' 8  ? 
primary 'Gao, Y.N.'      9  ? 
primary 'Peterson, S.N.' 10 ? 
primary 'Lan, L.'        11 ? 
primary 'Bae, T.'        12 ? 
primary 'He, C.'         13 ? 
# 
loop_
_entity.id 
_entity.type 
_entity.src_method 
_entity.pdbx_description 
_entity.formula_weight 
_entity.pdbx_number_of_molecules 
_entity.pdbx_ec 
_entity.pdbx_mutation 
_entity.pdbx_fragment 
_entity.details 
1 polymer     man 'QsrR protein'               13071.968 2 ? ? ? ? 
2 non-polymer syn 2-methylnaphthalene-1,4-diol 174.196   2 ? ? ? ? 
# 
_entity_poly.entity_id                      1 
_entity_poly.type                           'polypeptide(L)' 
_entity_poly.nstd_linkage                   no 
_entity_poly.nstd_monomer                   no 
_entity_poly.pdbx_seq_one_letter_code       
;SNAMMEVCPYLEETFKILGRSWNGLIINYLSRSNDSSAHFSDMKRDLKTITPRALSLKLSELAQWELVEKQIISTSPVQI
IYVLTEKGKALAEALHPIEAWAQSYVDLTDQRTAK
;
_entity_poly.pdbx_seq_one_letter_code_can   
;SNAMMEVCPYLEETFKILGRSWNGLIINYLSRSNDSSAHFSDMKRDLKTITPRALSLKLSELAQWELVEKQIISTSPVQI
IYVLTEKGKALAEALHPIEAWAQSYVDLTDQRTAK
;
_entity_poly.pdbx_strand_id                 A,B 
_entity_poly.pdbx_target_identifier         ? 
# 
_pdbx_entity_nonpoly.entity_id   2 
_pdbx_entity_nonpoly.name        2-methylnaphthalene-1,4-diol 
_pdbx_entity_nonpoly.comp_id     17Z 
# 
loop_
_entity_poly_seq.entity_id 
_entity_poly_seq.num 
_entity_poly_seq.mon_id 
_entity_poly_seq.hetero 
1 1   SER n 
1 2   ASN n 
1 3   ALA n 
1 4   MET n 
1 5   MET n 
1 6   GLU n 
1 7   VAL n 
1 8   CYS n 
1 9   PRO n 
1 10  TYR n 
1 11  LEU n 
1 12  GLU n 
1 13  GLU n 
1 14  THR n 
1 15  PHE n 
1 16  LYS n 
1 17  ILE n 
1 18  LEU n 
1 19  GLY n 
1 20  ARG n 
1 21  SER n 
1 22  TRP n 
1 23  ASN n 
1 24  GLY n 
1 25  LEU n 
1 26  ILE n 
1 27  ILE n 
1 28  ASN n 
1 29  TYR n 
1 30  LEU n 
1 31  SER n 
1 32  ARG n 
1 33  SER n 
1 34  ASN n 
1 35  ASP n 
1 36  SER n 
1 37  SER n 
1 38  ALA n 
1 39  HIS n 
1 40  PHE n 
1 41  SER n 
1 42  ASP n 
1 43  MET n 
1 44  LYS n 
1 45  ARG n 
1 46  ASP n 
1 47  LEU n 
1 48  LYS n 
1 49  THR n 
1 50  ILE n 
1 51  THR n 
1 52  PRO n 
1 53  ARG n 
1 54  ALA n 
1 55  LEU n 
1 56  SER n 
1 57  LEU n 
1 58  LYS n 
1 59  LEU n 
1 60  SER n 
1 61  GLU n 
1 62  LEU n 
1 63  ALA n 
1 64  GLN n 
1 65  TRP n 
1 66  GLU n 
1 67  LEU n 
1 68  VAL n 
1 69  GLU n 
1 70  LYS n 
1 71  GLN n 
1 72  ILE n 
1 73  ILE n 
1 74  SER n 
1 75  THR n 
1 76  SER n 
1 77  PRO n 
1 78  VAL n 
1 79  GLN n 
1 80  ILE n 
1 81  ILE n 
1 82  TYR n 
1 83  VAL n 
1 84  LEU n 
1 85  THR n 
1 86  GLU n 
1 87  LYS n 
1 88  GLY n 
1 89  LYS n 
1 90  ALA n 
1 91  LEU n 
1 92  ALA n 
1 93  GLU n 
1 94  ALA n 
1 95  LEU n 
1 96  HIS n 
1 97  PRO n 
1 98  ILE n 
1 99  GLU n 
1 100 ALA n 
1 101 TRP n 
1 102 ALA n 
1 103 GLN n 
1 104 SER n 
1 105 TYR n 
1 106 VAL n 
1 107 ASP n 
1 108 LEU n 
1 109 THR n 
1 110 ASP n 
1 111 GLN n 
1 112 ARG n 
1 113 THR n 
1 114 ALA n 
1 115 LYS n 
# 
_entity_src_gen.entity_id                          1 
_entity_src_gen.pdbx_src_id                        1 
_entity_src_gen.pdbx_alt_source_flag               sample 
_entity_src_gen.pdbx_seq_type                      ? 
_entity_src_gen.pdbx_beg_seq_num                   ? 
_entity_src_gen.pdbx_end_seq_num                   ? 
_entity_src_gen.gene_src_common_name               ? 
_entity_src_gen.gene_src_genus                     ? 
_entity_src_gen.pdbx_gene_src_gene                 ? 
_entity_src_gen.gene_src_species                   ? 
_entity_src_gen.gene_src_strain                    ? 
_entity_src_gen.gene_src_tissue                    ? 
_entity_src_gen.gene_src_tissue_fraction           ? 
_entity_src_gen.gene_src_details                   ? 
_entity_src_gen.pdbx_gene_src_fragment             ? 
_entity_src_gen.pdbx_gene_src_scientific_name      'Staphylococcus aureus' 
_entity_src_gen.pdbx_gene_src_ncbi_taxonomy_id     1280 
_entity_src_gen.pdbx_gene_src_variant              ? 
_entity_src_gen.pdbx_gene_src_cell_line            ? 
_entity_src_gen.pdbx_gene_src_atcc                 ? 
_entity_src_gen.pdbx_gene_src_organ                ? 
_entity_src_gen.pdbx_gene_src_organelle            ? 
_entity_src_gen.pdbx_gene_src_cell                 ? 
_entity_src_gen.pdbx_gene_src_cellular_location    ? 
_entity_src_gen.host_org_common_name               ? 
_entity_src_gen.pdbx_host_org_scientific_name      'Escherichia coli' 
_entity_src_gen.pdbx_host_org_ncbi_taxonomy_id     562 
_entity_src_gen.host_org_genus                     ? 
_entity_src_gen.pdbx_host_org_gene                 ? 
_entity_src_gen.pdbx_host_org_organ                ? 
_entity_src_gen.host_org_species                   ? 
_entity_src_gen.pdbx_host_org_tissue               ? 
_entity_src_gen.pdbx_host_org_tissue_fraction      ? 
_entity_src_gen.pdbx_host_org_strain               ? 
_entity_src_gen.pdbx_host_org_variant              ? 
_entity_src_gen.pdbx_host_org_cell_line            ? 
_entity_src_gen.pdbx_host_org_atcc                 ? 
_entity_src_gen.pdbx_host_org_culture_collection   ? 
_entity_src_gen.pdbx_host_org_cell                 ? 
_entity_src_gen.pdbx_host_org_organelle            ? 
_entity_src_gen.pdbx_host_org_cellular_location    ? 
_entity_src_gen.pdbx_host_org_vector_type          ? 
_entity_src_gen.pdbx_host_org_vector               ? 
_entity_src_gen.host_org_details                   ? 
_entity_src_gen.expression_system_id               ? 
_entity_src_gen.plasmid_name                       ? 
_entity_src_gen.plasmid_details                    ? 
_entity_src_gen.pdbx_description                   ? 
# 
loop_
_chem_comp.id 
_chem_comp.type 
_chem_comp.mon_nstd_flag 
_chem_comp.name 
_chem_comp.pdbx_synonyms 
_chem_comp.formula 
_chem_comp.formula_weight 
17Z non-polymer         . 2-methylnaphthalene-1,4-diol 'Menadione, bound form' 'C11 H10 O2'     174.196 
ALA 'L-peptide linking' y ALANINE                      ?                       'C3 H7 N O2'     89.093  
ARG 'L-peptide linking' y ARGININE                     ?                       'C6 H15 N4 O2 1' 175.209 
ASN 'L-peptide linking' y ASPARAGINE                   ?                       'C4 H8 N2 O3'    132.118 
ASP 'L-peptide linking' y 'ASPARTIC ACID'              ?                       'C4 H7 N O4'     133.103 
CYS 'L-peptide linking' y CYSTEINE                     ?                       'C3 H7 N O2 S'   121.158 
GLN 'L-peptide linking' y GLUTAMINE                    ?                       'C5 H10 N2 O3'   146.144 
GLU 'L-peptide linking' y 'GLUTAMIC ACID'              ?                       'C5 H9 N O4'     147.129 
GLY 'peptide linking'   y GLYCINE                      ?                       'C2 H5 N O2'     75.067  
HIS 'L-peptide linking' y HISTIDINE                    ?                       'C6 H10 N3 O2 1' 156.162 
ILE 'L-peptide linking' y ISOLEUCINE                   ?                       'C6 H13 N O2'    131.173 
LEU 'L-peptide linking' y LEUCINE                      ?                       'C6 H13 N O2'    131.173 
LYS 'L-peptide linking' y LYSINE                       ?                       'C6 H15 N2 O2 1' 147.195 
MET 'L-peptide linking' y METHIONINE                   ?                       'C5 H11 N O2 S'  149.211 
PHE 'L-peptide linking' y PHENYLALANINE                ?                       'C9 H11 N O2'    165.189 
PRO 'L-peptide linking' y PROLINE                      ?                       'C5 H9 N O2'     115.130 
SER 'L-peptide linking' y SERINE                       ?                       'C3 H7 N O3'     105.093 
THR 'L-peptide linking' y THREONINE                    ?                       'C4 H9 N O3'     119.119 
TRP 'L-peptide linking' y TRYPTOPHAN                   ?                       'C11 H12 N2 O2'  204.225 
TYR 'L-peptide linking' y TYROSINE                     ?                       'C9 H11 N O3'    181.189 
VAL 'L-peptide linking' y VALINE                       ?                       'C5 H11 N O2'    117.146 
# 
loop_
_pdbx_poly_seq_scheme.asym_id 
_pdbx_poly_seq_scheme.entity_id 
_pdbx_poly_seq_scheme.seq_id 
_pdbx_poly_seq_scheme.mon_id 
_pdbx_poly_seq_scheme.ndb_seq_num 
_pdbx_poly_seq_scheme.pdb_seq_num 
_pdbx_poly_seq_scheme.auth_seq_num 
_pdbx_poly_seq_scheme.pdb_mon_id 
_pdbx_poly_seq_scheme.auth_mon_id 
_pdbx_poly_seq_scheme.pdb_strand_id 
_pdbx_poly_seq_scheme.pdb_ins_code 
_pdbx_poly_seq_scheme.hetero 
A 1 1   SER 1   -2  ?   ?   ?   A . n 
A 1 2   ASN 2   -1  ?   ?   ?   A . n 
A 1 3   ALA 3   0   ?   ?   ?   A . n 
A 1 4   MET 4   1   ?   ?   ?   A . n 
A 1 5   MET 5   2   ?   ?   ?   A . n 
A 1 6   GLU 6   3   ?   ?   ?   A . n 
A 1 7   VAL 7   4   4   VAL VAL A . n 
A 1 8   CYS 8   5   5   CYS CYS A . n 
A 1 9   PRO 9   6   6   PRO PRO A . n 
A 1 10  TYR 10  7   7   TYR TYR A . n 
A 1 11  LEU 11  8   8   LEU LEU A . n 
A 1 12  GLU 12  9   9   GLU GLU A . n 
A 1 13  GLU 13  10  10  GLU GLU A . n 
A 1 14  THR 14  11  11  THR THR A . n 
A 1 15  PHE 15  12  12  PHE PHE A . n 
A 1 16  LYS 16  13  13  LYS LYS A . n 
A 1 17  ILE 17  14  14  ILE ILE A . n 
A 1 18  LEU 18  15  15  LEU LEU A . n 
A 1 19  GLY 19  16  16  GLY GLY A . n 
A 1 20  ARG 20  17  17  ARG ARG A . n 
A 1 21  SER 21  18  18  SER SER A . n 
A 1 22  TRP 22  19  19  TRP TRP A . n 
A 1 23  ASN 23  20  20  ASN ASN A . n 
A 1 24  GLY 24  21  21  GLY GLY A . n 
A 1 25  LEU 25  22  22  LEU LEU A . n 
A 1 26  ILE 26  23  23  ILE ILE A . n 
A 1 27  ILE 27  24  24  ILE ILE A . n 
A 1 28  ASN 28  25  25  ASN ASN A . n 
A 1 29  TYR 29  26  26  TYR TYR A . n 
A 1 30  LEU 30  27  27  LEU LEU A . n 
A 1 31  SER 31  28  28  SER SER A . n 
A 1 32  ARG 32  29  29  ARG ARG A . n 
A 1 33  SER 33  30  30  SER SER A . n 
A 1 34  ASN 34  31  31  ASN ASN A . n 
A 1 35  ASP 35  32  32  ASP ASP A . n 
A 1 36  SER 36  33  33  SER SER A . n 
A 1 37  SER 37  34  34  SER SER A . n 
A 1 38  ALA 38  35  35  ALA ALA A . n 
A 1 39  HIS 39  36  36  HIS HIS A . n 
A 1 40  PHE 40  37  37  PHE PHE A . n 
A 1 41  SER 41  38  38  SER SER A . n 
A 1 42  ASP 42  39  39  ASP ASP A . n 
A 1 43  MET 43  40  40  MET MET A . n 
A 1 44  LYS 44  41  41  LYS LYS A . n 
A 1 45  ARG 45  42  42  ARG ARG A . n 
A 1 46  ASP 46  43  43  ASP ASP A . n 
A 1 47  LEU 47  44  44  LEU LEU A . n 
A 1 48  LYS 48  45  45  LYS LYS A . n 
A 1 49  THR 49  46  46  THR THR A . n 
A 1 50  ILE 50  47  47  ILE ILE A . n 
A 1 51  THR 51  48  48  THR THR A . n 
A 1 52  PRO 52  49  49  PRO PRO A . n 
A 1 53  ARG 53  50  50  ARG ARG A . n 
A 1 54  ALA 54  51  51  ALA ALA A . n 
A 1 55  LEU 55  52  52  LEU LEU A . n 
A 1 56  SER 56  53  53  SER SER A . n 
A 1 57  LEU 57  54  54  LEU LEU A . n 
A 1 58  LYS 58  55  55  LYS LYS A . n 
A 1 59  LEU 59  56  56  LEU LEU A . n 
A 1 60  SER 60  57  57  SER SER A . n 
A 1 61  GLU 61  58  58  GLU GLU A . n 
A 1 62  LEU 62  59  59  LEU LEU A . n 
A 1 63  ALA 63  60  60  ALA ALA A . n 
A 1 64  GLN 64  61  61  GLN GLN A . n 
A 1 65  TRP 65  62  62  TRP TRP A . n 
A 1 66  GLU 66  63  63  GLU GLU A . n 
A 1 67  LEU 67  64  64  LEU LEU A . n 
A 1 68  VAL 68  65  65  VAL VAL A . n 
A 1 69  GLU 69  66  66  GLU GLU A . n 
A 1 70  LYS 70  67  67  LYS LYS A . n 
A 1 71  GLN 71  68  68  GLN GLN A . n 
A 1 72  ILE 72  69  69  ILE ILE A . n 
A 1 73  ILE 73  70  70  ILE ILE A . n 
A 1 74  SER 74  71  71  SER SER A . n 
A 1 75  THR 75  72  72  THR THR A . n 
A 1 76  SER 76  73  73  SER SER A . n 
A 1 77  PRO 77  74  74  PRO PRO A . n 
A 1 78  VAL 78  75  75  VAL VAL A . n 
A 1 79  GLN 79  76  76  GLN GLN A . n 
A 1 80  ILE 80  77  77  ILE ILE A . n 
A 1 81  ILE 81  78  78  ILE ILE A . n 
A 1 82  TYR 82  79  79  TYR TYR A . n 
A 1 83  VAL 83  80  80  VAL VAL A . n 
A 1 84  LEU 84  81  81  LEU LEU A . n 
A 1 85  THR 85  82  82  THR THR A . n 
A 1 86  GLU 86  83  83  GLU GLU A . n 
A 1 87  LYS 87  84  84  LYS LYS A . n 
A 1 88  GLY 88  85  85  GLY GLY A . n 
A 1 89  LYS 89  86  86  LYS LYS A . n 
A 1 90  ALA 90  87  87  ALA ALA A . n 
A 1 91  LEU 91  88  88  LEU LEU A . n 
A 1 92  ALA 92  89  89  ALA ALA A . n 
A 1 93  GLU 93  90  90  GLU GLU A . n 
A 1 94  ALA 94  91  91  ALA ALA A . n 
A 1 95  LEU 95  92  92  LEU LEU A . n 
A 1 96  HIS 96  93  93  HIS HIS A . n 
A 1 97  PRO 97  94  94  PRO PRO A . n 
A 1 98  ILE 98  95  95  ILE ILE A . n 
A 1 99  GLU 99  96  96  GLU GLU A . n 
A 1 100 ALA 100 97  97  ALA ALA A . n 
A 1 101 TRP 101 98  98  TRP TRP A . n 
A 1 102 ALA 102 99  99  ALA ALA A . n 
A 1 103 GLN 103 100 100 GLN GLN A . n 
A 1 104 SER 104 101 101 SER SER A . n 
A 1 105 TYR 105 102 102 TYR TYR A . n 
A 1 106 VAL 106 103 ?   ?   ?   A . n 
A 1 107 ASP 107 104 ?   ?   ?   A . n 
A 1 108 LEU 108 105 ?   ?   ?   A . n 
A 1 109 THR 109 106 ?   ?   ?   A . n 
A 1 110 ASP 110 107 ?   ?   ?   A . n 
A 1 111 GLN 111 108 ?   ?   ?   A . n 
A 1 112 ARG 112 109 ?   ?   ?   A . n 
A 1 113 THR 113 110 ?   ?   ?   A . n 
A 1 114 ALA 114 111 ?   ?   ?   A . n 
A 1 115 LYS 115 112 ?   ?   ?   A . n 
B 1 1   SER 1   -2  ?   ?   ?   B . n 
B 1 2   ASN 2   -1  ?   ?   ?   B . n 
B 1 3   ALA 3   0   ?   ?   ?   B . n 
B 1 4   MET 4   1   ?   ?   ?   B . n 
B 1 5   MET 5   2   ?   ?   ?   B . n 
B 1 6   GLU 6   3   ?   ?   ?   B . n 
B 1 7   VAL 7   4   4   VAL VAL B . n 
B 1 8   CYS 8   5   5   CYS CYS B . n 
B 1 9   PRO 9   6   6   PRO PRO B . n 
B 1 10  TYR 10  7   7   TYR TYR B . n 
B 1 11  LEU 11  8   8   LEU LEU B . n 
B 1 12  GLU 12  9   9   GLU GLU B . n 
B 1 13  GLU 13  10  10  GLU GLU B . n 
B 1 14  THR 14  11  11  THR THR B . n 
B 1 15  PHE 15  12  12  PHE PHE B . n 
B 1 16  LYS 16  13  13  LYS LYS B . n 
B 1 17  ILE 17  14  14  ILE ILE B . n 
B 1 18  LEU 18  15  15  LEU LEU B . n 
B 1 19  GLY 19  16  16  GLY GLY B . n 
B 1 20  ARG 20  17  17  ARG ARG B . n 
B 1 21  SER 21  18  18  SER SER B . n 
B 1 22  TRP 22  19  19  TRP TRP B . n 
B 1 23  ASN 23  20  20  ASN ASN B . n 
B 1 24  GLY 24  21  21  GLY GLY B . n 
B 1 25  LEU 25  22  22  LEU LEU B . n 
B 1 26  ILE 26  23  23  ILE ILE B . n 
B 1 27  ILE 27  24  24  ILE ILE B . n 
B 1 28  ASN 28  25  25  ASN ASN B . n 
B 1 29  TYR 29  26  26  TYR TYR B . n 
B 1 30  LEU 30  27  27  LEU LEU B . n 
B 1 31  SER 31  28  28  SER SER B . n 
B 1 32  ARG 32  29  29  ARG ARG B . n 
B 1 33  SER 33  30  30  SER SER B . n 
B 1 34  ASN 34  31  31  ASN ASN B . n 
B 1 35  ASP 35  32  32  ASP ASP B . n 
B 1 36  SER 36  33  33  SER SER B . n 
B 1 37  SER 37  34  34  SER SER B . n 
B 1 38  ALA 38  35  35  ALA ALA B . n 
B 1 39  HIS 39  36  36  HIS HIS B . n 
B 1 40  PHE 40  37  37  PHE PHE B . n 
B 1 41  SER 41  38  38  SER SER B . n 
B 1 42  ASP 42  39  39  ASP ASP B . n 
B 1 43  MET 43  40  40  MET MET B . n 
B 1 44  LYS 44  41  41  LYS LYS B . n 
B 1 45  ARG 45  42  42  ARG ARG B . n 
B 1 46  ASP 46  43  43  ASP ASP B . n 
B 1 47  LEU 47  44  44  LEU LEU B . n 
B 1 48  LYS 48  45  45  LYS LYS B . n 
B 1 49  THR 49  46  46  THR THR B . n 
B 1 50  ILE 50  47  47  ILE ILE B . n 
B 1 51  THR 51  48  48  THR THR B . n 
B 1 52  PRO 52  49  49  PRO PRO B . n 
B 1 53  ARG 53  50  50  ARG ARG B . n 
B 1 54  ALA 54  51  51  ALA ALA B . n 
B 1 55  LEU 55  52  52  LEU LEU B . n 
B 1 56  SER 56  53  53  SER SER B . n 
B 1 57  LEU 57  54  54  LEU LEU B . n 
B 1 58  LYS 58  55  55  LYS LYS B . n 
B 1 59  LEU 59  56  56  LEU LEU B . n 
B 1 60  SER 60  57  57  SER SER B . n 
B 1 61  GLU 61  58  58  GLU GLU B . n 
B 1 62  LEU 62  59  59  LEU LEU B . n 
B 1 63  ALA 63  60  60  ALA ALA B . n 
B 1 64  GLN 64  61  61  GLN GLN B . n 
B 1 65  TRP 65  62  62  TRP TRP B . n 
B 1 66  GLU 66  63  63  GLU GLU B . n 
B 1 67  LEU 67  64  64  LEU LEU B . n 
B 1 68  VAL 68  65  65  VAL VAL B . n 
B 1 69  GLU 69  66  66  GLU GLU B . n 
B 1 70  LYS 70  67  67  LYS LYS B . n 
B 1 71  GLN 71  68  68  GLN GLN B . n 
B 1 72  ILE 72  69  69  ILE ILE B . n 
B 1 73  ILE 73  70  70  ILE ILE B . n 
B 1 74  SER 74  71  71  SER SER B . n 
B 1 75  THR 75  72  72  THR THR B . n 
B 1 76  SER 76  73  73  SER SER B . n 
B 1 77  PRO 77  74  74  PRO PRO B . n 
B 1 78  VAL 78  75  75  VAL VAL B . n 
B 1 79  GLN 79  76  76  GLN GLN B . n 
B 1 80  ILE 80  77  77  ILE ILE B . n 
B 1 81  ILE 81  78  78  ILE ILE B . n 
B 1 82  TYR 82  79  79  TYR TYR B . n 
B 1 83  VAL 83  80  80  VAL VAL B . n 
B 1 84  LEU 84  81  81  LEU LEU B . n 
B 1 85  THR 85  82  82  THR THR B . n 
B 1 86  GLU 86  83  83  GLU GLU B . n 
B 1 87  LYS 87  84  84  LYS LYS B . n 
B 1 88  GLY 88  85  85  GLY GLY B . n 
B 1 89  LYS 89  86  86  LYS LYS B . n 
B 1 90  ALA 90  87  87  ALA ALA B . n 
B 1 91  LEU 91  88  88  LEU LEU B . n 
B 1 92  ALA 92  89  89  ALA ALA B . n 
B 1 93  GLU 93  90  90  GLU GLU B . n 
B 1 94  ALA 94  91  91  ALA ALA B . n 
B 1 95  LEU 95  92  92  LEU LEU B . n 
B 1 96  HIS 96  93  93  HIS HIS B . n 
B 1 97  PRO 97  94  94  PRO PRO B . n 
B 1 98  ILE 98  95  95  ILE ILE B . n 
B 1 99  GLU 99  96  96  GLU GLU B . n 
B 1 100 ALA 100 97  97  ALA ALA B . n 
B 1 101 TRP 101 98  98  TRP TRP B . n 
B 1 102 ALA 102 99  99  ALA ALA B . n 
B 1 103 GLN 103 100 100 GLN GLN B . n 
B 1 104 SER 104 101 101 SER SER B . n 
B 1 105 TYR 105 102 102 TYR TYR B . n 
B 1 106 VAL 106 103 103 VAL VAL B . n 
B 1 107 ASP 107 104 ?   ?   ?   B . n 
B 1 108 LEU 108 105 ?   ?   ?   B . n 
B 1 109 THR 109 106 ?   ?   ?   B . n 
B 1 110 ASP 110 107 ?   ?   ?   B . n 
B 1 111 GLN 111 108 ?   ?   ?   B . n 
B 1 112 ARG 112 109 ?   ?   ?   B . n 
B 1 113 THR 113 110 ?   ?   ?   B . n 
B 1 114 ALA 114 111 ?   ?   ?   B . n 
B 1 115 LYS 115 112 ?   ?   ?   B . n 
# 
loop_
_pdbx_nonpoly_scheme.asym_id 
_pdbx_nonpoly_scheme.entity_id 
_pdbx_nonpoly_scheme.mon_id 
_pdbx_nonpoly_scheme.ndb_seq_num 
_pdbx_nonpoly_scheme.pdb_seq_num 
_pdbx_nonpoly_scheme.auth_seq_num 
_pdbx_nonpoly_scheme.pdb_mon_id 
_pdbx_nonpoly_scheme.auth_mon_id 
_pdbx_nonpoly_scheme.pdb_strand_id 
_pdbx_nonpoly_scheme.pdb_ins_code 
C 2 17Z 1 201 5 17Z CYQ A . 
D 2 17Z 1 201 5 17Z CYQ B . 
# 
loop_
_software.name 
_software.classification 
_software.version 
_software.citation_id 
_software.pdbx_ordinal 
HKL-2000 'data collection' .                            ? 1 
PHASES   phasing           .                            ? 2 
PHENIX   refinement        '(phenix.refine: 1.7.2_869)' ? 3 
HKL-2000 'data reduction'  .                            ? 4 
HKL-2000 'data scaling'    .                            ? 5 
# 
_cell.entry_id           4HQM 
_cell.length_a           124.758 
_cell.length_b           124.758 
_cell.length_c           30.633 
_cell.angle_alpha        90.00 
_cell.angle_beta         90.00 
_cell.angle_gamma        120.00 
_cell.Z_PDB              12 
_cell.pdbx_unique_axis   ? 
_cell.length_a_esd       ? 
_cell.length_b_esd       ? 
_cell.length_c_esd       ? 
_cell.angle_alpha_esd    ? 
_cell.angle_beta_esd     ? 
_cell.angle_gamma_esd    ? 
# 
_symmetry.entry_id                         4HQM 
_symmetry.space_group_name_H-M             'P 6' 
_symmetry.pdbx_full_space_group_name_H-M   ? 
_symmetry.cell_setting                     ? 
_symmetry.Int_Tables_number                168 
_symmetry.space_group_name_Hall            ? 
# 
_exptl.entry_id          4HQM 
_exptl.method            'X-RAY DIFFRACTION' 
_exptl.crystals_number   1 
# 
_exptl_crystal.id                    1 
_exptl_crystal.density_meas          ? 
_exptl_crystal.density_Matthews      2.63 
_exptl_crystal.density_percent_sol   53.27 
_exptl_crystal.description           ? 
_exptl_crystal.F_000                 ? 
_exptl_crystal.preparation           ? 
# 
_exptl_crystal_grow.crystal_id      1 
_exptl_crystal_grow.method          'VAPOR DIFFUSION, SITTING DROP' 
_exptl_crystal_grow.temp            293 
_exptl_crystal_grow.temp_details    ? 
_exptl_crystal_grow.pH              8.5 
_exptl_crystal_grow.pdbx_pH_range   ? 
_exptl_crystal_grow.pdbx_details    
'0.2 M NaCl, 0.1 M Tris.HCl, pH 8.5, 25% (w/v) polyethylene glycol 3350, VAPOR DIFFUSION, SITTING DROP, temperature 293K' 
# 
_diffrn.id                     1 
_diffrn.ambient_temp           100 
_diffrn.ambient_temp_details   ? 
_diffrn.crystal_id             1 
# 
_diffrn_detector.diffrn_id              1 
_diffrn_detector.detector               CCD 
_diffrn_detector.type                   'MARMOSAIC 300 mm CCD' 
_diffrn_detector.pdbx_collection_date   2012-06-25 
_diffrn_detector.details                ? 
# 
_diffrn_radiation.diffrn_id                        1 
_diffrn_radiation.wavelength_id                    1 
_diffrn_radiation.pdbx_monochromatic_or_laue_m_l   M 
_diffrn_radiation.monochromator                    ? 
_diffrn_radiation.pdbx_diffrn_protocol             'SINGLE WAVELENGTH' 
_diffrn_radiation.pdbx_scattering_type             x-ray 
# 
_diffrn_radiation_wavelength.id           1 
_diffrn_radiation_wavelength.wavelength   0.97872 
_diffrn_radiation_wavelength.wt           1.0 
# 
_diffrn_source.diffrn_id                   1 
_diffrn_source.source                      SYNCHROTRON 
_diffrn_source.type                        'APS BEAMLINE 24-ID-C' 
_diffrn_source.pdbx_synchrotron_site       APS 
_diffrn_source.pdbx_synchrotron_beamline   24-ID-C 
_diffrn_source.pdbx_wavelength             ? 
_diffrn_source.pdbx_wavelength_list        0.97872 
# 
_reflns.pdbx_diffrn_id               1 
_reflns.pdbx_ordinal                 1 
_reflns.entry_id                     4HQM 
_reflns.observed_criterion_sigma_I   ? 
_reflns.observed_criterion_sigma_F   ? 
_reflns.d_resolution_low             20.00 
_reflns.d_resolution_high            2.55 
_reflns.number_obs                   8886 
_reflns.number_all                   ? 
_reflns.percent_possible_obs         ? 
_reflns.pdbx_Rmerge_I_obs            ? 
_reflns.pdbx_Rsym_value              ? 
_reflns.pdbx_netI_over_sigmaI        ? 
_reflns.B_iso_Wilson_estimate        ? 
_reflns.pdbx_redundancy              ? 
_reflns.R_free_details               ? 
_reflns.limit_h_max                  ? 
_reflns.limit_h_min                  ? 
_reflns.limit_k_max                  ? 
_reflns.limit_k_min                  ? 
_reflns.limit_l_max                  ? 
_reflns.limit_l_min                  ? 
_reflns.observed_criterion_F_max     ? 
_reflns.observed_criterion_F_min     ? 
_reflns.pdbx_chi_squared             ? 
_reflns.pdbx_scaling_rejects         ? 
# 
_refine.pdbx_refine_id                           'X-RAY DIFFRACTION' 
_refine.entry_id                                 4HQM 
_refine.pdbx_diffrn_id                           1 
_refine.pdbx_TLS_residual_ADP_flag               ? 
_refine.ls_number_reflns_obs                     8886 
_refine.ls_number_reflns_all                     ? 
_refine.pdbx_ls_sigma_I                          ? 
_refine.pdbx_ls_sigma_F                          1.34 
_refine.pdbx_data_cutoff_high_absF               ? 
_refine.pdbx_data_cutoff_low_absF                ? 
_refine.pdbx_data_cutoff_high_rms_absF           ? 
_refine.ls_d_res_low                             19.405 
_refine.ls_d_res_high                            2.550 
_refine.ls_percent_reflns_obs                    96.48 
_refine.ls_R_factor_obs                          0.2846 
_refine.ls_R_factor_all                          ? 
_refine.ls_R_factor_R_work                       0.2840 
_refine.ls_R_factor_R_free                       0.2962 
_refine.ls_R_factor_R_free_error                 ? 
_refine.ls_R_factor_R_free_error_details         ? 
_refine.ls_percent_reflns_R_free                 4.70 
_refine.ls_number_reflns_R_free                  418 
_refine.ls_number_parameters                     ? 
_refine.ls_number_restraints                     ? 
_refine.occupancy_min                            ? 
_refine.occupancy_max                            ? 
_refine.correlation_coeff_Fo_to_Fc               ? 
_refine.correlation_coeff_Fo_to_Fc_free          ? 
_refine.B_iso_mean                               ? 
_refine.aniso_B[1][1]                            0.0973 
_refine.aniso_B[2][2]                            0.0973 
_refine.aniso_B[3][3]                            -0.1946 
_refine.aniso_B[1][2]                            0.0000 
_refine.aniso_B[1][3]                            -0.0000 
_refine.aniso_B[2][3]                            0.0000 
_refine.solvent_model_details                    'FLAT BULK SOLVENT MODEL' 
_refine.solvent_model_param_ksol                 0.311 
_refine.solvent_model_param_bsol                 52.476 
_refine.pdbx_solvent_vdw_probe_radii             1.20 
_refine.pdbx_solvent_ion_probe_radii             ? 
_refine.pdbx_solvent_shrinkage_radii             0.98 
_refine.pdbx_ls_cross_valid_method               ? 
_refine.details                                  ? 
_refine.pdbx_starting_model                      ? 
_refine.pdbx_method_to_determine_struct          'MOLECULAR REPLACEMENT' 
_refine.pdbx_isotropic_thermal_model             ? 
_refine.pdbx_stereochemistry_target_values       ML 
_refine.pdbx_stereochem_target_val_spec_case     ? 
_refine.pdbx_R_Free_selection_details            ? 
_refine.pdbx_overall_ESU_R                       ? 
_refine.pdbx_overall_ESU_R_Free                  ? 
_refine.overall_SU_ML                            0.99 
_refine.pdbx_overall_phase_error                 38.43 
_refine.overall_SU_B                             ? 
_refine.overall_SU_R_Cruickshank_DPI             ? 
_refine.pdbx_overall_SU_R_free_Cruickshank_DPI   ? 
_refine.pdbx_overall_SU_R_Blow_DPI               ? 
_refine.pdbx_overall_SU_R_free_Blow_DPI          ? 
_refine.ls_redundancy_reflns_obs                 ? 
_refine.B_iso_min                                ? 
_refine.B_iso_max                                ? 
_refine.overall_SU_R_free                        ? 
_refine.ls_wR_factor_R_free                      ? 
_refine.ls_wR_factor_R_work                      ? 
_refine.overall_FOM_free_R_set                   ? 
_refine.overall_FOM_work_R_set                   ? 
# 
_refine_hist.pdbx_refine_id                   'X-RAY DIFFRACTION' 
_refine_hist.cycle_id                         LAST 
_refine_hist.pdbx_number_atoms_protein        1595 
_refine_hist.pdbx_number_atoms_nucleic_acid   0 
_refine_hist.pdbx_number_atoms_ligand         26 
_refine_hist.number_atoms_solvent             0 
_refine_hist.number_atoms_total               1621 
_refine_hist.d_res_high                       2.550 
_refine_hist.d_res_low                        19.405 
# 
loop_
_refine_ls_restr.type 
_refine_ls_restr.dev_ideal 
_refine_ls_restr.dev_ideal_target 
_refine_ls_restr.weight 
_refine_ls_restr.number 
_refine_ls_restr.pdbx_refine_id 
_refine_ls_restr.pdbx_restraint_function 
f_bond_d           0.021  ? ? 1659 'X-RAY DIFFRACTION' ? 
f_angle_d          2.545  ? ? 2256 'X-RAY DIFFRACTION' ? 
f_dihedral_angle_d 21.843 ? ? 606  'X-RAY DIFFRACTION' ? 
f_chiral_restr     0.186  ? ? 256  'X-RAY DIFFRACTION' ? 
f_plane_restr      0.025  ? ? 273  'X-RAY DIFFRACTION' ? 
# 
loop_
_refine_ls_shell.pdbx_refine_id 
_refine_ls_shell.pdbx_total_number_of_bins_used 
_refine_ls_shell.d_res_high 
_refine_ls_shell.d_res_low 
_refine_ls_shell.number_reflns_R_work 
_refine_ls_shell.R_factor_R_work 
_refine_ls_shell.percent_reflns_obs 
_refine_ls_shell.R_factor_R_free 
_refine_ls_shell.R_factor_R_free_error 
_refine_ls_shell.percent_reflns_R_free 
_refine_ls_shell.number_reflns_R_free 
_refine_ls_shell.number_reflns_all 
_refine_ls_shell.R_factor_all 
_refine_ls_shell.redundancy_reflns_obs 
_refine_ls_shell.number_reflns_obs 
'X-RAY DIFFRACTION' . 2.5498 2.9177  2809 0.4071 98.00 0.4652 . . 147 . . . . 
'X-RAY DIFFRACTION' . 2.9177 3.6720  2839 0.3396 98.00 0.3560 . . 135 . . . . 
'X-RAY DIFFRACTION' . 3.6720 19.4058 2820 0.2453 94.00 0.2476 . . 136 . . . . 
# 
_struct.entry_id                  4HQM 
_struct.title                     'The crystal structure of QsrR-menadione complex' 
_struct.pdbx_model_details        ? 
_struct.pdbx_CASP_flag            ? 
_struct.pdbx_model_type_details   ? 
# 
_struct_keywords.entry_id        4HQM 
_struct_keywords.pdbx_keywords   'TRANSCRIPTION regulator' 
_struct_keywords.text            'menadione-modified protein, DNA, TRANSCRIPTION regulator' 
# 
loop_
_struct_asym.id 
_struct_asym.pdbx_blank_PDB_chainid_flag 
_struct_asym.pdbx_modified 
_struct_asym.entity_id 
_struct_asym.details 
A N N 1 ? 
B N N 1 ? 
C N N 2 ? 
D N N 2 ? 
# 
_struct_ref.id                         1 
_struct_ref.db_name                    UNP 
_struct_ref.db_code                    I3FJN1_STAAU 
_struct_ref.pdbx_db_accession          I3FJN1 
_struct_ref.entity_id                  1 
_struct_ref.pdbx_seq_one_letter_code   
;MMEVCPYLEETFKILGRSWNGLIINYLSRCNDCSAHFSDMKRDLKTITPRALSLKLSELAQWELVEKQIISTSPVQIIYV
LTEKGKALAEALHPIEAWAQSYVDLTDQRTAK
;
_struct_ref.pdbx_align_begin           1 
_struct_ref.pdbx_db_isoform            ? 
# 
loop_
_struct_ref_seq.align_id 
_struct_ref_seq.ref_id 
_struct_ref_seq.pdbx_PDB_id_code 
_struct_ref_seq.pdbx_strand_id 
_struct_ref_seq.seq_align_beg 
_struct_ref_seq.pdbx_seq_align_beg_ins_code 
_struct_ref_seq.seq_align_end 
_struct_ref_seq.pdbx_seq_align_end_ins_code 
_struct_ref_seq.pdbx_db_accession 
_struct_ref_seq.db_align_beg 
_struct_ref_seq.pdbx_db_align_beg_ins_code 
_struct_ref_seq.db_align_end 
_struct_ref_seq.pdbx_db_align_end_ins_code 
_struct_ref_seq.pdbx_auth_seq_align_beg 
_struct_ref_seq.pdbx_auth_seq_align_end 
1 1 4HQM A 4 ? 115 ? I3FJN1 1 ? 112 ? 1 112 
2 1 4HQM B 4 ? 115 ? I3FJN1 1 ? 112 ? 1 112 
# 
loop_
_struct_ref_seq_dif.align_id 
_struct_ref_seq_dif.pdbx_pdb_id_code 
_struct_ref_seq_dif.mon_id 
_struct_ref_seq_dif.pdbx_pdb_strand_id 
_struct_ref_seq_dif.seq_num 
_struct_ref_seq_dif.pdbx_pdb_ins_code 
_struct_ref_seq_dif.pdbx_seq_db_name 
_struct_ref_seq_dif.pdbx_seq_db_accession_code 
_struct_ref_seq_dif.db_mon_id 
_struct_ref_seq_dif.pdbx_seq_db_seq_num 
_struct_ref_seq_dif.details 
_struct_ref_seq_dif.pdbx_auth_seq_num 
_struct_ref_seq_dif.pdbx_ordinal 
1 4HQM SER A 1  ? UNP I3FJN1 ?   ?  'expression tag' -2 1  
1 4HQM ASN A 2  ? UNP I3FJN1 ?   ?  'expression tag' -1 2  
1 4HQM ALA A 3  ? UNP I3FJN1 ?   ?  'expression tag' 0  3  
1 4HQM SER A 33 ? UNP I3FJN1 CYS 30 'SEE REMARK 999' 30 4  
1 4HQM SER A 36 ? UNP I3FJN1 CYS 33 'SEE REMARK 999' 33 5  
2 4HQM SER B 1  ? UNP I3FJN1 ?   ?  'expression tag' -2 6  
2 4HQM ASN B 2  ? UNP I3FJN1 ?   ?  'expression tag' -1 7  
2 4HQM ALA B 3  ? UNP I3FJN1 ?   ?  'expression tag' 0  8  
2 4HQM SER B 33 ? UNP I3FJN1 CYS 30 'SEE REMARK 999' 30 9  
2 4HQM SER B 36 ? UNP I3FJN1 CYS 33 'SEE REMARK 999' 33 10 
# 
_pdbx_struct_assembly.id                   1 
_pdbx_struct_assembly.details              author_and_software_defined_assembly 
_pdbx_struct_assembly.method_details       PISA 
_pdbx_struct_assembly.oligomeric_details   dimeric 
_pdbx_struct_assembly.oligomeric_count     2 
# 
loop_
_pdbx_struct_assembly_prop.biol_id 
_pdbx_struct_assembly_prop.type 
_pdbx_struct_assembly_prop.value 
_pdbx_struct_assembly_prop.details 
1 'ABSA (A^2)' 2950  ? 
1 MORE         -29   ? 
1 'SSA (A^2)'  10650 ? 
# 
_pdbx_struct_assembly_gen.assembly_id       1 
_pdbx_struct_assembly_gen.oper_expression   1 
_pdbx_struct_assembly_gen.asym_id_list      A,B,C,D 
# 
_pdbx_struct_oper_list.id                   1 
_pdbx_struct_oper_list.type                 'identity operation' 
_pdbx_struct_oper_list.name                 1_555 
_pdbx_struct_oper_list.symmetry_operation   x,y,z 
_pdbx_struct_oper_list.matrix[1][1]         1.0000000000 
_pdbx_struct_oper_list.matrix[1][2]         0.0000000000 
_pdbx_struct_oper_list.matrix[1][3]         0.0000000000 
_pdbx_struct_oper_list.vector[1]            0.0000000000 
_pdbx_struct_oper_list.matrix[2][1]         0.0000000000 
_pdbx_struct_oper_list.matrix[2][2]         1.0000000000 
_pdbx_struct_oper_list.matrix[2][3]         0.0000000000 
_pdbx_struct_oper_list.vector[2]            0.0000000000 
_pdbx_struct_oper_list.matrix[3][1]         0.0000000000 
_pdbx_struct_oper_list.matrix[3][2]         0.0000000000 
_pdbx_struct_oper_list.matrix[3][3]         1.0000000000 
_pdbx_struct_oper_list.vector[3]            0.0000000000 
# 
_struct_biol.id        1 
_struct_biol.details   ? 
# 
loop_
_struct_conf.conf_type_id 
_struct_conf.id 
_struct_conf.pdbx_PDB_helix_id 
_struct_conf.beg_label_comp_id 
_struct_conf.beg_label_asym_id 
_struct_conf.beg_label_seq_id 
_struct_conf.pdbx_beg_PDB_ins_code 
_struct_conf.end_label_comp_id 
_struct_conf.end_label_asym_id 
_struct_conf.end_label_seq_id 
_struct_conf.pdbx_end_PDB_ins_code 
_struct_conf.beg_auth_comp_id 
_struct_conf.beg_auth_asym_id 
_struct_conf.beg_auth_seq_id 
_struct_conf.end_auth_comp_id 
_struct_conf.end_auth_asym_id 
_struct_conf.end_auth_seq_id 
_struct_conf.pdbx_PDB_helix_class 
_struct_conf.details 
_struct_conf.pdbx_PDB_helix_length 
HELX_P HELX_P1 1 PRO A 9  ? ARG A 20  ? PRO A 6  ARG A 17  1 ? 12 
HELX_P HELX_P2 2 TRP A 22 ? SER A 33  ? TRP A 19 SER A 30  1 ? 12 
HELX_P HELX_P3 3 PHE A 40 ? LEU A 47  ? PHE A 37 LEU A 44  1 ? 8  
HELX_P HELX_P4 4 THR A 51 ? TRP A 65  ? THR A 48 TRP A 62  1 ? 15 
HELX_P HELX_P5 5 THR A 85 ? TYR A 105 ? THR A 82 TYR A 102 1 ? 21 
HELX_P HELX_P6 6 CYS B 8  ? ARG B 20  ? CYS B 5  ARG B 17  1 ? 13 
HELX_P HELX_P7 7 ARG B 20 ? SER B 33  ? ARG B 17 SER B 30  1 ? 14 
HELX_P HELX_P8 8 THR B 51 ? TRP B 65  ? THR B 48 TRP B 62  1 ? 15 
HELX_P HELX_P9 9 THR B 85 ? VAL B 106 ? THR B 82 VAL B 103 1 ? 22 
# 
_struct_conf_type.id          HELX_P 
_struct_conf_type.criteria    ? 
_struct_conf_type.reference   ? 
# 
loop_
_struct_conn.id 
_struct_conn.conn_type_id 
_struct_conn.pdbx_leaving_atom_flag 
_struct_conn.pdbx_PDB_id 
_struct_conn.ptnr1_label_asym_id 
_struct_conn.ptnr1_label_comp_id 
_struct_conn.ptnr1_label_seq_id 
_struct_conn.ptnr1_label_atom_id 
_struct_conn.pdbx_ptnr1_label_alt_id 
_struct_conn.pdbx_ptnr1_PDB_ins_code 
_struct_conn.pdbx_ptnr1_standard_comp_id 
_struct_conn.ptnr1_symmetry 
_struct_conn.ptnr2_label_asym_id 
_struct_conn.ptnr2_label_comp_id 
_struct_conn.ptnr2_label_seq_id 
_struct_conn.ptnr2_label_atom_id 
_struct_conn.pdbx_ptnr2_label_alt_id 
_struct_conn.pdbx_ptnr2_PDB_ins_code 
_struct_conn.ptnr1_auth_asym_id 
_struct_conn.ptnr1_auth_comp_id 
_struct_conn.ptnr1_auth_seq_id 
_struct_conn.ptnr2_auth_asym_id 
_struct_conn.ptnr2_auth_comp_id 
_struct_conn.ptnr2_auth_seq_id 
_struct_conn.ptnr2_symmetry 
_struct_conn.pdbx_ptnr3_label_atom_id 
_struct_conn.pdbx_ptnr3_label_seq_id 
_struct_conn.pdbx_ptnr3_label_comp_id 
_struct_conn.pdbx_ptnr3_label_asym_id 
_struct_conn.pdbx_ptnr3_label_alt_id 
_struct_conn.pdbx_ptnr3_PDB_ins_code 
_struct_conn.details 
_struct_conn.pdbx_dist_value 
_struct_conn.pdbx_value_order 
_struct_conn.pdbx_role 
covale1 covale none ? A CYS 8 SG ? ? ? 1_555 C 17Z . C8 ? ? A CYS 5 A 17Z 201 1_555 ? ? ? ? ? ? ? 1.699 ? ? 
covale2 covale none ? B CYS 8 SG ? ? ? 1_555 D 17Z . C8 ? ? B CYS 5 B 17Z 201 1_555 ? ? ? ? ? ? ? 1.702 ? ? 
# 
_struct_conn_type.id          covale 
_struct_conn_type.criteria    ? 
_struct_conn_type.reference   ? 
# 
loop_
_pdbx_modification_feature.ordinal 
_pdbx_modification_feature.label_comp_id 
_pdbx_modification_feature.label_asym_id 
_pdbx_modification_feature.label_seq_id 
_pdbx_modification_feature.label_alt_id 
_pdbx_modification_feature.modified_residue_label_comp_id 
_pdbx_modification_feature.modified_residue_label_asym_id 
_pdbx_modification_feature.modified_residue_label_seq_id 
_pdbx_modification_feature.modified_residue_label_alt_id 
_pdbx_modification_feature.auth_comp_id 
_pdbx_modification_feature.auth_asym_id 
_pdbx_modification_feature.auth_seq_id 
_pdbx_modification_feature.PDB_ins_code 
_pdbx_modification_feature.symmetry 
_pdbx_modification_feature.modified_residue_auth_comp_id 
_pdbx_modification_feature.modified_residue_auth_asym_id 
_pdbx_modification_feature.modified_residue_auth_seq_id 
_pdbx_modification_feature.modified_residue_PDB_ins_code 
_pdbx_modification_feature.modified_residue_symmetry 
_pdbx_modification_feature.comp_id_linking_atom 
_pdbx_modification_feature.modified_residue_id_linking_atom 
_pdbx_modification_feature.modified_residue_id 
_pdbx_modification_feature.ref_pcm_id 
_pdbx_modification_feature.ref_comp_id 
_pdbx_modification_feature.type 
_pdbx_modification_feature.category 
1 17Z C . ? CYS A 8 ? 17Z A 201 ? 1_555 CYS A 5 ? 1_555 C8 SG CYS 1 17Z None 'Covalent chemical modification' 
2 17Z D . ? CYS B 8 ? 17Z B 201 ? 1_555 CYS B 5 ? 1_555 C8 SG CYS 1 17Z None 'Covalent chemical modification' 
# 
loop_
_struct_sheet.id 
_struct_sheet.type 
_struct_sheet.number_strands 
_struct_sheet.details 
A ? 3 ? 
B ? 2 ? 
# 
loop_
_struct_sheet_order.sheet_id 
_struct_sheet_order.range_id_1 
_struct_sheet_order.range_id_2 
_struct_sheet_order.offset 
_struct_sheet_order.sense 
A 1 2 ? anti-parallel 
A 2 3 ? anti-parallel 
B 1 2 ? anti-parallel 
# 
loop_
_struct_sheet_range.sheet_id 
_struct_sheet_range.id 
_struct_sheet_range.beg_label_comp_id 
_struct_sheet_range.beg_label_asym_id 
_struct_sheet_range.beg_label_seq_id 
_struct_sheet_range.pdbx_beg_PDB_ins_code 
_struct_sheet_range.end_label_comp_id 
_struct_sheet_range.end_label_asym_id 
_struct_sheet_range.end_label_seq_id 
_struct_sheet_range.pdbx_end_PDB_ins_code 
_struct_sheet_range.beg_auth_comp_id 
_struct_sheet_range.beg_auth_asym_id 
_struct_sheet_range.beg_auth_seq_id 
_struct_sheet_range.end_auth_comp_id 
_struct_sheet_range.end_auth_asym_id 
_struct_sheet_range.end_auth_seq_id 
A 1 SER A 37 ? HIS A 39 ? SER A 34 HIS A 36 
A 2 GLN A 79 ? LEU A 84 ? GLN A 76 LEU A 81 
A 3 VAL A 68 ? ILE A 73 ? VAL A 65 ILE A 70 
B 1 ILE B 72 ? SER B 74 ? ILE B 69 SER B 71 
B 2 GLN B 79 ? ILE B 80 ? GLN B 76 ILE B 77 
# 
loop_
_pdbx_struct_sheet_hbond.sheet_id 
_pdbx_struct_sheet_hbond.range_id_1 
_pdbx_struct_sheet_hbond.range_id_2 
_pdbx_struct_sheet_hbond.range_1_label_atom_id 
_pdbx_struct_sheet_hbond.range_1_label_comp_id 
_pdbx_struct_sheet_hbond.range_1_label_asym_id 
_pdbx_struct_sheet_hbond.range_1_label_seq_id 
_pdbx_struct_sheet_hbond.range_1_PDB_ins_code 
_pdbx_struct_sheet_hbond.range_1_auth_atom_id 
_pdbx_struct_sheet_hbond.range_1_auth_comp_id 
_pdbx_struct_sheet_hbond.range_1_auth_asym_id 
_pdbx_struct_sheet_hbond.range_1_auth_seq_id 
_pdbx_struct_sheet_hbond.range_2_label_atom_id 
_pdbx_struct_sheet_hbond.range_2_label_comp_id 
_pdbx_struct_sheet_hbond.range_2_label_asym_id 
_pdbx_struct_sheet_hbond.range_2_label_seq_id 
_pdbx_struct_sheet_hbond.range_2_PDB_ins_code 
_pdbx_struct_sheet_hbond.range_2_auth_atom_id 
_pdbx_struct_sheet_hbond.range_2_auth_comp_id 
_pdbx_struct_sheet_hbond.range_2_auth_asym_id 
_pdbx_struct_sheet_hbond.range_2_auth_seq_id 
A 1 2 N ALA A 38 ? N ALA A 35 O TYR A 82 ? O TYR A 79 
A 2 3 O ILE A 81 ? O ILE A 78 N GLN A 71 ? N GLN A 68 
B 1 2 N ILE B 73 ? N ILE B 70 O GLN B 79 ? O GLN B 76 
# 
loop_
_struct_site.id 
_struct_site.pdbx_evidence_code 
_struct_site.pdbx_auth_asym_id 
_struct_site.pdbx_auth_comp_id 
_struct_site.pdbx_auth_seq_id 
_struct_site.pdbx_auth_ins_code 
_struct_site.pdbx_num_residues 
_struct_site.details 
AC1 Software A 17Z 201 ? 4 'BINDING SITE FOR RESIDUE 17Z A 201' 
AC2 Software B 17Z 201 ? 2 'BINDING SITE FOR RESIDUE 17Z B 201' 
# 
loop_
_struct_site_gen.id 
_struct_site_gen.site_id 
_struct_site_gen.pdbx_num_res 
_struct_site_gen.label_comp_id 
_struct_site_gen.label_asym_id 
_struct_site_gen.label_seq_id 
_struct_site_gen.pdbx_auth_ins_code 
_struct_site_gen.auth_comp_id 
_struct_site_gen.auth_asym_id 
_struct_site_gen.auth_seq_id 
_struct_site_gen.label_atom_id 
_struct_site_gen.label_alt_id 
_struct_site_gen.symmetry 
_struct_site_gen.details 
1 AC1 4 CYS A 8  ? CYS A 5  . ? 1_555 ? 
2 AC1 4 GLU A 12 ? GLU A 9  . ? 1_555 ? 
3 AC1 4 GLY B 24 ? GLY B 21 . ? 1_555 ? 
4 AC1 4 ASN B 28 ? ASN B 25 . ? 1_555 ? 
5 AC2 2 ASN A 28 ? ASN A 25 . ? 1_555 ? 
6 AC2 2 CYS B 8  ? CYS B 5  . ? 1_555 ? 
# 
_pdbx_entry_details.entry_id                   4HQM 
_pdbx_entry_details.nonpolymer_details         ? 
_pdbx_entry_details.sequence_details           
'THE AUTHOR STATES THAT THE RESIDUES AT POSITIONS 30 AND 33 ARE CONSISTENT WITH SER.' 
_pdbx_entry_details.compound_details           ? 
_pdbx_entry_details.source_details             ? 
_pdbx_entry_details.has_ligand_of_interest     ? 
_pdbx_entry_details.has_protein_modification   Y 
# 
loop_
_pdbx_validate_symm_contact.id 
_pdbx_validate_symm_contact.PDB_model_num 
_pdbx_validate_symm_contact.auth_atom_id_1 
_pdbx_validate_symm_contact.auth_asym_id_1 
_pdbx_validate_symm_contact.auth_comp_id_1 
_pdbx_validate_symm_contact.auth_seq_id_1 
_pdbx_validate_symm_contact.PDB_ins_code_1 
_pdbx_validate_symm_contact.label_alt_id_1 
_pdbx_validate_symm_contact.site_symmetry_1 
_pdbx_validate_symm_contact.auth_atom_id_2 
_pdbx_validate_symm_contact.auth_asym_id_2 
_pdbx_validate_symm_contact.auth_comp_id_2 
_pdbx_validate_symm_contact.auth_seq_id_2 
_pdbx_validate_symm_contact.PDB_ins_code_2 
_pdbx_validate_symm_contact.label_alt_id_2 
_pdbx_validate_symm_contact.site_symmetry_2 
_pdbx_validate_symm_contact.dist 
1 1 OE2 A GLU 90 ? ? 1_555 O   B THR 72 ? ? 6_555 2.03 
2 1 CA  A PRO 74 ? ? 1_555 OD2 B ASP 39 ? ? 6_556 2.10 
# 
loop_
_pdbx_validate_rmsd_angle.id 
_pdbx_validate_rmsd_angle.PDB_model_num 
_pdbx_validate_rmsd_angle.auth_atom_id_1 
_pdbx_validate_rmsd_angle.auth_asym_id_1 
_pdbx_validate_rmsd_angle.auth_comp_id_1 
_pdbx_validate_rmsd_angle.auth_seq_id_1 
_pdbx_validate_rmsd_angle.PDB_ins_code_1 
_pdbx_validate_rmsd_angle.label_alt_id_1 
_pdbx_validate_rmsd_angle.auth_atom_id_2 
_pdbx_validate_rmsd_angle.auth_asym_id_2 
_pdbx_validate_rmsd_angle.auth_comp_id_2 
_pdbx_validate_rmsd_angle.auth_seq_id_2 
_pdbx_validate_rmsd_angle.PDB_ins_code_2 
_pdbx_validate_rmsd_angle.label_alt_id_2 
_pdbx_validate_rmsd_angle.auth_atom_id_3 
_pdbx_validate_rmsd_angle.auth_asym_id_3 
_pdbx_validate_rmsd_angle.auth_comp_id_3 
_pdbx_validate_rmsd_angle.auth_seq_id_3 
_pdbx_validate_rmsd_angle.PDB_ins_code_3 
_pdbx_validate_rmsd_angle.label_alt_id_3 
_pdbx_validate_rmsd_angle.angle_value 
_pdbx_validate_rmsd_angle.angle_target_value 
_pdbx_validate_rmsd_angle.angle_deviation 
_pdbx_validate_rmsd_angle.angle_standard_deviation 
_pdbx_validate_rmsd_angle.linker_flag 
1 1 CB A ASP 32 ? ? CG A ASP 32 ? ? OD2 A ASP 32 ? ? 112.89 118.30 -5.41  0.90 N 
2 1 N  A THR 72 ? ? CA A THR 72 ? ? C   A THR 72 ? ? 91.86  111.00 -19.14 2.70 N 
3 1 CA B TRP 19 ? ? CB B TRP 19 ? ? CG  B TRP 19 ? ? 101.58 113.70 -12.12 1.90 N 
4 1 CB B TYR 26 ? ? CG B TYR 26 ? ? CD2 B TYR 26 ? ? 116.88 121.00 -4.12  0.60 N 
5 1 CB B ARG 42 ? ? CA B ARG 42 ? ? C   B ARG 42 ? ? 122.97 110.40 12.57  2.00 N 
6 1 CB B LYS 45 ? ? CA B LYS 45 ? ? C   B LYS 45 ? ? 95.96  110.40 -14.44 2.00 N 
7 1 N  B ILE 78 ? ? CA B ILE 78 ? ? C   B ILE 78 ? ? 128.10 111.00 17.10  2.70 N 
8 1 O  B ILE 78 ? ? C  B ILE 78 ? ? N   B TYR 79 ? ? 133.19 122.70 10.49  1.60 Y 
# 
loop_
_pdbx_validate_torsion.id 
_pdbx_validate_torsion.PDB_model_num 
_pdbx_validate_torsion.auth_comp_id 
_pdbx_validate_torsion.auth_asym_id 
_pdbx_validate_torsion.auth_seq_id 
_pdbx_validate_torsion.PDB_ins_code 
_pdbx_validate_torsion.label_alt_id 
_pdbx_validate_torsion.phi 
_pdbx_validate_torsion.psi 
1  1 CYS A 5  ? ? -78.09  -120.59 
2  1 PRO A 6  ? ? -53.48  0.14    
3  1 ASP A 32 ? ? 47.82   21.02   
4  1 GLU A 63 ? ? 71.75   42.05   
5  1 THR A 72 ? ? -57.72  96.58   
6  1 VAL A 75 ? ? 86.61   153.01  
7  1 SER B 33 ? ? -142.24 30.58   
8  1 PHE B 37 ? ? 49.18   25.17   
9  1 SER B 38 ? ? 43.16   82.08   
10 1 LYS B 41 ? ? 35.17   68.51   
11 1 ARG B 42 ? ? 75.82   155.19  
12 1 LEU B 44 ? ? 42.72   -116.61 
13 1 LYS B 45 ? ? 64.15   164.03  
14 1 SER B 73 ? ? 67.59   71.64   
# 
loop_
_pdbx_validate_peptide_omega.id 
_pdbx_validate_peptide_omega.PDB_model_num 
_pdbx_validate_peptide_omega.auth_comp_id_1 
_pdbx_validate_peptide_omega.auth_asym_id_1 
_pdbx_validate_peptide_omega.auth_seq_id_1 
_pdbx_validate_peptide_omega.PDB_ins_code_1 
_pdbx_validate_peptide_omega.label_alt_id_1 
_pdbx_validate_peptide_omega.auth_comp_id_2 
_pdbx_validate_peptide_omega.auth_asym_id_2 
_pdbx_validate_peptide_omega.auth_seq_id_2 
_pdbx_validate_peptide_omega.PDB_ins_code_2 
_pdbx_validate_peptide_omega.label_alt_id_2 
_pdbx_validate_peptide_omega.omega 
1 1 SER A 73 ? ? PRO A 74 ? ? 80.07   
2 1 VAL A 75 ? ? GLN A 76 ? ? 144.58  
3 1 ARG B 17 ? ? SER B 18 ? ? -149.39 
4 1 SER B 71 ? ? THR B 72 ? ? 149.99  
5 1 SER B 73 ? ? PRO B 74 ? ? -49.07  
# 
_pdbx_validate_planes.id              1 
_pdbx_validate_planes.PDB_model_num   1 
_pdbx_validate_planes.auth_comp_id    PHE 
_pdbx_validate_planes.auth_asym_id    B 
_pdbx_validate_planes.auth_seq_id     37 
_pdbx_validate_planes.PDB_ins_code    ? 
_pdbx_validate_planes.label_alt_id    ? 
_pdbx_validate_planes.rmsd            0.098 
_pdbx_validate_planes.type            'SIDE CHAIN' 
# 
loop_
_pdbx_validate_main_chain_plane.id 
_pdbx_validate_main_chain_plane.PDB_model_num 
_pdbx_validate_main_chain_plane.auth_comp_id 
_pdbx_validate_main_chain_plane.auth_asym_id 
_pdbx_validate_main_chain_plane.auth_seq_id 
_pdbx_validate_main_chain_plane.PDB_ins_code 
_pdbx_validate_main_chain_plane.label_alt_id 
_pdbx_validate_main_chain_plane.improper_torsion_angle 
1 1 LYS A 45 ? ? 11.56  
2 1 PRO B 74 ? ? -11.36 
# 
loop_
_pdbx_unobs_or_zero_occ_residues.id 
_pdbx_unobs_or_zero_occ_residues.PDB_model_num 
_pdbx_unobs_or_zero_occ_residues.polymer_flag 
_pdbx_unobs_or_zero_occ_residues.occupancy_flag 
_pdbx_unobs_or_zero_occ_residues.auth_asym_id 
_pdbx_unobs_or_zero_occ_residues.auth_comp_id 
_pdbx_unobs_or_zero_occ_residues.auth_seq_id 
_pdbx_unobs_or_zero_occ_residues.PDB_ins_code 
_pdbx_unobs_or_zero_occ_residues.label_asym_id 
_pdbx_unobs_or_zero_occ_residues.label_comp_id 
_pdbx_unobs_or_zero_occ_residues.label_seq_id 
1  1 Y 1 A SER -2  ? A SER 1   
2  1 Y 1 A ASN -1  ? A ASN 2   
3  1 Y 1 A ALA 0   ? A ALA 3   
4  1 Y 1 A MET 1   ? A MET 4   
5  1 Y 1 A MET 2   ? A MET 5   
6  1 Y 1 A GLU 3   ? A GLU 6   
7  1 Y 1 A VAL 103 ? A VAL 106 
8  1 Y 1 A ASP 104 ? A ASP 107 
9  1 Y 1 A LEU 105 ? A LEU 108 
10 1 Y 1 A THR 106 ? A THR 109 
11 1 Y 1 A ASP 107 ? A ASP 110 
12 1 Y 1 A GLN 108 ? A GLN 111 
13 1 Y 1 A ARG 109 ? A ARG 112 
14 1 Y 1 A THR 110 ? A THR 113 
15 1 Y 1 A ALA 111 ? A ALA 114 
16 1 Y 1 A LYS 112 ? A LYS 115 
17 1 Y 1 B SER -2  ? B SER 1   
18 1 Y 1 B ASN -1  ? B ASN 2   
19 1 Y 1 B ALA 0   ? B ALA 3   
20 1 Y 1 B MET 1   ? B MET 4   
21 1 Y 1 B MET 2   ? B MET 5   
22 1 Y 1 B GLU 3   ? B GLU 6   
23 1 Y 1 B ASP 104 ? B ASP 107 
24 1 Y 1 B LEU 105 ? B LEU 108 
25 1 Y 1 B THR 106 ? B THR 109 
26 1 Y 1 B ASP 107 ? B ASP 110 
27 1 Y 1 B GLN 108 ? B GLN 111 
28 1 Y 1 B ARG 109 ? B ARG 112 
29 1 Y 1 B THR 110 ? B THR 113 
30 1 Y 1 B ALA 111 ? B ALA 114 
31 1 Y 1 B LYS 112 ? B LYS 115 
# 
loop_
_chem_comp_atom.comp_id 
_chem_comp_atom.atom_id 
_chem_comp_atom.type_symbol 
_chem_comp_atom.pdbx_aromatic_flag 
_chem_comp_atom.pdbx_stereo_config 
_chem_comp_atom.pdbx_ordinal 
17Z C8   C Y N 1   
17Z C13  C Y N 2   
17Z O20  O N N 3   
17Z C12  C Y N 4   
17Z C17  C Y N 5   
17Z C16  C Y N 6   
17Z C15  C Y N 7   
17Z C14  C Y N 8   
17Z C11  C Y N 9   
17Z C10  C Y N 10  
17Z O19  O N N 11  
17Z C9   C Y N 12  
17Z C18  C N N 13  
17Z H1   H N N 14  
17Z H2   H N N 15  
17Z H3   H N N 16  
17Z H4   H N N 17  
17Z H5   H N N 18  
17Z H6   H N N 19  
17Z H7   H N N 20  
17Z H8   H N N 21  
17Z H9   H N N 22  
17Z H10  H N N 23  
ALA N    N N N 24  
ALA CA   C N S 25  
ALA C    C N N 26  
ALA O    O N N 27  
ALA CB   C N N 28  
ALA OXT  O N N 29  
ALA H    H N N 30  
ALA H2   H N N 31  
ALA HA   H N N 32  
ALA HB1  H N N 33  
ALA HB2  H N N 34  
ALA HB3  H N N 35  
ALA HXT  H N N 36  
ARG N    N N N 37  
ARG CA   C N S 38  
ARG C    C N N 39  
ARG O    O N N 40  
ARG CB   C N N 41  
ARG CG   C N N 42  
ARG CD   C N N 43  
ARG NE   N N N 44  
ARG CZ   C N N 45  
ARG NH1  N N N 46  
ARG NH2  N N N 47  
ARG OXT  O N N 48  
ARG H    H N N 49  
ARG H2   H N N 50  
ARG HA   H N N 51  
ARG HB2  H N N 52  
ARG HB3  H N N 53  
ARG HG2  H N N 54  
ARG HG3  H N N 55  
ARG HD2  H N N 56  
ARG HD3  H N N 57  
ARG HE   H N N 58  
ARG HH11 H N N 59  
ARG HH12 H N N 60  
ARG HH21 H N N 61  
ARG HH22 H N N 62  
ARG HXT  H N N 63  
ASN N    N N N 64  
ASN CA   C N S 65  
ASN C    C N N 66  
ASN O    O N N 67  
ASN CB   C N N 68  
ASN CG   C N N 69  
ASN OD1  O N N 70  
ASN ND2  N N N 71  
ASN OXT  O N N 72  
ASN H    H N N 73  
ASN H2   H N N 74  
ASN HA   H N N 75  
ASN HB2  H N N 76  
ASN HB3  H N N 77  
ASN HD21 H N N 78  
ASN HD22 H N N 79  
ASN HXT  H N N 80  
ASP N    N N N 81  
ASP CA   C N S 82  
ASP C    C N N 83  
ASP O    O N N 84  
ASP CB   C N N 85  
ASP CG   C N N 86  
ASP OD1  O N N 87  
ASP OD2  O N N 88  
ASP OXT  O N N 89  
ASP H    H N N 90  
ASP H2   H N N 91  
ASP HA   H N N 92  
ASP HB2  H N N 93  
ASP HB3  H N N 94  
ASP HD2  H N N 95  
ASP HXT  H N N 96  
CYS N    N N N 97  
CYS CA   C N R 98  
CYS C    C N N 99  
CYS O    O N N 100 
CYS CB   C N N 101 
CYS SG   S N N 102 
CYS OXT  O N N 103 
CYS H    H N N 104 
CYS H2   H N N 105 
CYS HA   H N N 106 
CYS HB2  H N N 107 
CYS HB3  H N N 108 
CYS HG   H N N 109 
CYS HXT  H N N 110 
GLN N    N N N 111 
GLN CA   C N S 112 
GLN C    C N N 113 
GLN O    O N N 114 
GLN CB   C N N 115 
GLN CG   C N N 116 
GLN CD   C N N 117 
GLN OE1  O N N 118 
GLN NE2  N N N 119 
GLN OXT  O N N 120 
GLN H    H N N 121 
GLN H2   H N N 122 
GLN HA   H N N 123 
GLN HB2  H N N 124 
GLN HB3  H N N 125 
GLN HG2  H N N 126 
GLN HG3  H N N 127 
GLN HE21 H N N 128 
GLN HE22 H N N 129 
GLN HXT  H N N 130 
GLU N    N N N 131 
GLU CA   C N S 132 
GLU C    C N N 133 
GLU O    O N N 134 
GLU CB   C N N 135 
GLU CG   C N N 136 
GLU CD   C N N 137 
GLU OE1  O N N 138 
GLU OE2  O N N 139 
GLU OXT  O N N 140 
GLU H    H N N 141 
GLU H2   H N N 142 
GLU HA   H N N 143 
GLU HB2  H N N 144 
GLU HB3  H N N 145 
GLU HG2  H N N 146 
GLU HG3  H N N 147 
GLU HE2  H N N 148 
GLU HXT  H N N 149 
GLY N    N N N 150 
GLY CA   C N N 151 
GLY C    C N N 152 
GLY O    O N N 153 
GLY OXT  O N N 154 
GLY H    H N N 155 
GLY H2   H N N 156 
GLY HA2  H N N 157 
GLY HA3  H N N 158 
GLY HXT  H N N 159 
HIS N    N N N 160 
HIS CA   C N S 161 
HIS C    C N N 162 
HIS O    O N N 163 
HIS CB   C N N 164 
HIS CG   C Y N 165 
HIS ND1  N Y N 166 
HIS CD2  C Y N 167 
HIS CE1  C Y N 168 
HIS NE2  N Y N 169 
HIS OXT  O N N 170 
HIS H    H N N 171 
HIS H2   H N N 172 
HIS HA   H N N 173 
HIS HB2  H N N 174 
HIS HB3  H N N 175 
HIS HD1  H N N 176 
HIS HD2  H N N 177 
HIS HE1  H N N 178 
HIS HE2  H N N 179 
HIS HXT  H N N 180 
ILE N    N N N 181 
ILE CA   C N S 182 
ILE C    C N N 183 
ILE O    O N N 184 
ILE CB   C N S 185 
ILE CG1  C N N 186 
ILE CG2  C N N 187 
ILE CD1  C N N 188 
ILE OXT  O N N 189 
ILE H    H N N 190 
ILE H2   H N N 191 
ILE HA   H N N 192 
ILE HB   H N N 193 
ILE HG12 H N N 194 
ILE HG13 H N N 195 
ILE HG21 H N N 196 
ILE HG22 H N N 197 
ILE HG23 H N N 198 
ILE HD11 H N N 199 
ILE HD12 H N N 200 
ILE HD13 H N N 201 
ILE HXT  H N N 202 
LEU N    N N N 203 
LEU CA   C N S 204 
LEU C    C N N 205 
LEU O    O N N 206 
LEU CB   C N N 207 
LEU CG   C N N 208 
LEU CD1  C N N 209 
LEU CD2  C N N 210 
LEU OXT  O N N 211 
LEU H    H N N 212 
LEU H2   H N N 213 
LEU HA   H N N 214 
LEU HB2  H N N 215 
LEU HB3  H N N 216 
LEU HG   H N N 217 
LEU HD11 H N N 218 
LEU HD12 H N N 219 
LEU HD13 H N N 220 
LEU HD21 H N N 221 
LEU HD22 H N N 222 
LEU HD23 H N N 223 
LEU HXT  H N N 224 
LYS N    N N N 225 
LYS CA   C N S 226 
LYS C    C N N 227 
LYS O    O N N 228 
LYS CB   C N N 229 
LYS CG   C N N 230 
LYS CD   C N N 231 
LYS CE   C N N 232 
LYS NZ   N N N 233 
LYS OXT  O N N 234 
LYS H    H N N 235 
LYS H2   H N N 236 
LYS HA   H N N 237 
LYS HB2  H N N 238 
LYS HB3  H N N 239 
LYS HG2  H N N 240 
LYS HG3  H N N 241 
LYS HD2  H N N 242 
LYS HD3  H N N 243 
LYS HE2  H N N 244 
LYS HE3  H N N 245 
LYS HZ1  H N N 246 
LYS HZ2  H N N 247 
LYS HZ3  H N N 248 
LYS HXT  H N N 249 
MET N    N N N 250 
MET CA   C N S 251 
MET C    C N N 252 
MET O    O N N 253 
MET CB   C N N 254 
MET CG   C N N 255 
MET SD   S N N 256 
MET CE   C N N 257 
MET OXT  O N N 258 
MET H    H N N 259 
MET H2   H N N 260 
MET HA   H N N 261 
MET HB2  H N N 262 
MET HB3  H N N 263 
MET HG2  H N N 264 
MET HG3  H N N 265 
MET HE1  H N N 266 
MET HE2  H N N 267 
MET HE3  H N N 268 
MET HXT  H N N 269 
PHE N    N N N 270 
PHE CA   C N S 271 
PHE C    C N N 272 
PHE O    O N N 273 
PHE CB   C N N 274 
PHE CG   C Y N 275 
PHE CD1  C Y N 276 
PHE CD2  C Y N 277 
PHE CE1  C Y N 278 
PHE CE2  C Y N 279 
PHE CZ   C Y N 280 
PHE OXT  O N N 281 
PHE H    H N N 282 
PHE H2   H N N 283 
PHE HA   H N N 284 
PHE HB2  H N N 285 
PHE HB3  H N N 286 
PHE HD1  H N N 287 
PHE HD2  H N N 288 
PHE HE1  H N N 289 
PHE HE2  H N N 290 
PHE HZ   H N N 291 
PHE HXT  H N N 292 
PRO N    N N N 293 
PRO CA   C N S 294 
PRO C    C N N 295 
PRO O    O N N 296 
PRO CB   C N N 297 
PRO CG   C N N 298 
PRO CD   C N N 299 
PRO OXT  O N N 300 
PRO H    H N N 301 
PRO HA   H N N 302 
PRO HB2  H N N 303 
PRO HB3  H N N 304 
PRO HG2  H N N 305 
PRO HG3  H N N 306 
PRO HD2  H N N 307 
PRO HD3  H N N 308 
PRO HXT  H N N 309 
SER N    N N N 310 
SER CA   C N S 311 
SER C    C N N 312 
SER O    O N N 313 
SER CB   C N N 314 
SER OG   O N N 315 
SER OXT  O N N 316 
SER H    H N N 317 
SER H2   H N N 318 
SER HA   H N N 319 
SER HB2  H N N 320 
SER HB3  H N N 321 
SER HG   H N N 322 
SER HXT  H N N 323 
THR N    N N N 324 
THR CA   C N S 325 
THR C    C N N 326 
THR O    O N N 327 
THR CB   C N R 328 
THR OG1  O N N 329 
THR CG2  C N N 330 
THR OXT  O N N 331 
THR H    H N N 332 
THR H2   H N N 333 
THR HA   H N N 334 
THR HB   H N N 335 
THR HG1  H N N 336 
THR HG21 H N N 337 
THR HG22 H N N 338 
THR HG23 H N N 339 
THR HXT  H N N 340 
TRP N    N N N 341 
TRP CA   C N S 342 
TRP C    C N N 343 
TRP O    O N N 344 
TRP CB   C N N 345 
TRP CG   C Y N 346 
TRP CD1  C Y N 347 
TRP CD2  C Y N 348 
TRP NE1  N Y N 349 
TRP CE2  C Y N 350 
TRP CE3  C Y N 351 
TRP CZ2  C Y N 352 
TRP CZ3  C Y N 353 
TRP CH2  C Y N 354 
TRP OXT  O N N 355 
TRP H    H N N 356 
TRP H2   H N N 357 
TRP HA   H N N 358 
TRP HB2  H N N 359 
TRP HB3  H N N 360 
TRP HD1  H N N 361 
TRP HE1  H N N 362 
TRP HE3  H N N 363 
TRP HZ2  H N N 364 
TRP HZ3  H N N 365 
TRP HH2  H N N 366 
TRP HXT  H N N 367 
TYR N    N N N 368 
TYR CA   C N S 369 
TYR C    C N N 370 
TYR O    O N N 371 
TYR CB   C N N 372 
TYR CG   C Y N 373 
TYR CD1  C Y N 374 
TYR CD2  C Y N 375 
TYR CE1  C Y N 376 
TYR CE2  C Y N 377 
TYR CZ   C Y N 378 
TYR OH   O N N 379 
TYR OXT  O N N 380 
TYR H    H N N 381 
TYR H2   H N N 382 
TYR HA   H N N 383 
TYR HB2  H N N 384 
TYR HB3  H N N 385 
TYR HD1  H N N 386 
TYR HD2  H N N 387 
TYR HE1  H N N 388 
TYR HE2  H N N 389 
TYR HH   H N N 390 
TYR HXT  H N N 391 
VAL N    N N N 392 
VAL CA   C N S 393 
VAL C    C N N 394 
VAL O    O N N 395 
VAL CB   C N N 396 
VAL CG1  C N N 397 
VAL CG2  C N N 398 
VAL OXT  O N N 399 
VAL H    H N N 400 
VAL H2   H N N 401 
VAL HA   H N N 402 
VAL HB   H N N 403 
VAL HG11 H N N 404 
VAL HG12 H N N 405 
VAL HG13 H N N 406 
VAL HG21 H N N 407 
VAL HG22 H N N 408 
VAL HG23 H N N 409 
VAL HXT  H N N 410 
# 
loop_
_chem_comp_bond.comp_id 
_chem_comp_bond.atom_id_1 
_chem_comp_bond.atom_id_2 
_chem_comp_bond.value_order 
_chem_comp_bond.pdbx_aromatic_flag 
_chem_comp_bond.pdbx_stereo_config 
_chem_comp_bond.pdbx_ordinal 
17Z O19 C10  sing N N 1   
17Z C14 C15  doub Y N 2   
17Z C14 C11  sing Y N 3   
17Z C15 C16  sing Y N 4   
17Z C10 C11  sing Y N 5   
17Z C10 C9   doub Y N 6   
17Z C11 C12  doub Y N 7   
17Z C16 C17  doub Y N 8   
17Z C18 C9   sing N N 9   
17Z C9  C8   sing Y N 10  
17Z C12 C17  sing Y N 11  
17Z C12 C13  sing Y N 12  
17Z C8  C13  doub Y N 13  
17Z C13 O20  sing N N 14  
17Z C8  H1   sing N N 15  
17Z O20 H2   sing N N 16  
17Z C17 H3   sing N N 17  
17Z C16 H4   sing N N 18  
17Z C15 H5   sing N N 19  
17Z C14 H6   sing N N 20  
17Z O19 H7   sing N N 21  
17Z C18 H8   sing N N 22  
17Z C18 H9   sing N N 23  
17Z C18 H10  sing N N 24  
ALA N   CA   sing N N 25  
ALA N   H    sing N N 26  
ALA N   H2   sing N N 27  
ALA CA  C    sing N N 28  
ALA CA  CB   sing N N 29  
ALA CA  HA   sing N N 30  
ALA C   O    doub N N 31  
ALA C   OXT  sing N N 32  
ALA CB  HB1  sing N N 33  
ALA CB  HB2  sing N N 34  
ALA CB  HB3  sing N N 35  
ALA OXT HXT  sing N N 36  
ARG N   CA   sing N N 37  
ARG N   H    sing N N 38  
ARG N   H2   sing N N 39  
ARG CA  C    sing N N 40  
ARG CA  CB   sing N N 41  
ARG CA  HA   sing N N 42  
ARG C   O    doub N N 43  
ARG C   OXT  sing N N 44  
ARG CB  CG   sing N N 45  
ARG CB  HB2  sing N N 46  
ARG CB  HB3  sing N N 47  
ARG CG  CD   sing N N 48  
ARG CG  HG2  sing N N 49  
ARG CG  HG3  sing N N 50  
ARG CD  NE   sing N N 51  
ARG CD  HD2  sing N N 52  
ARG CD  HD3  sing N N 53  
ARG NE  CZ   sing N N 54  
ARG NE  HE   sing N N 55  
ARG CZ  NH1  sing N N 56  
ARG CZ  NH2  doub N N 57  
ARG NH1 HH11 sing N N 58  
ARG NH1 HH12 sing N N 59  
ARG NH2 HH21 sing N N 60  
ARG NH2 HH22 sing N N 61  
ARG OXT HXT  sing N N 62  
ASN N   CA   sing N N 63  
ASN N   H    sing N N 64  
ASN N   H2   sing N N 65  
ASN CA  C    sing N N 66  
ASN CA  CB   sing N N 67  
ASN CA  HA   sing N N 68  
ASN C   O    doub N N 69  
ASN C   OXT  sing N N 70  
ASN CB  CG   sing N N 71  
ASN CB  HB2  sing N N 72  
ASN CB  HB3  sing N N 73  
ASN CG  OD1  doub N N 74  
ASN CG  ND2  sing N N 75  
ASN ND2 HD21 sing N N 76  
ASN ND2 HD22 sing N N 77  
ASN OXT HXT  sing N N 78  
ASP N   CA   sing N N 79  
ASP N   H    sing N N 80  
ASP N   H2   sing N N 81  
ASP CA  C    sing N N 82  
ASP CA  CB   sing N N 83  
ASP CA  HA   sing N N 84  
ASP C   O    doub N N 85  
ASP C   OXT  sing N N 86  
ASP CB  CG   sing N N 87  
ASP CB  HB2  sing N N 88  
ASP CB  HB3  sing N N 89  
ASP CG  OD1  doub N N 90  
ASP CG  OD2  sing N N 91  
ASP OD2 HD2  sing N N 92  
ASP OXT HXT  sing N N 93  
CYS N   CA   sing N N 94  
CYS N   H    sing N N 95  
CYS N   H2   sing N N 96  
CYS CA  C    sing N N 97  
CYS CA  CB   sing N N 98  
CYS CA  HA   sing N N 99  
CYS C   O    doub N N 100 
CYS C   OXT  sing N N 101 
CYS CB  SG   sing N N 102 
CYS CB  HB2  sing N N 103 
CYS CB  HB3  sing N N 104 
CYS SG  HG   sing N N 105 
CYS OXT HXT  sing N N 106 
GLN N   CA   sing N N 107 
GLN N   H    sing N N 108 
GLN N   H2   sing N N 109 
GLN CA  C    sing N N 110 
GLN CA  CB   sing N N 111 
GLN CA  HA   sing N N 112 
GLN C   O    doub N N 113 
GLN C   OXT  sing N N 114 
GLN CB  CG   sing N N 115 
GLN CB  HB2  sing N N 116 
GLN CB  HB3  sing N N 117 
GLN CG  CD   sing N N 118 
GLN CG  HG2  sing N N 119 
GLN CG  HG3  sing N N 120 
GLN CD  OE1  doub N N 121 
GLN CD  NE2  sing N N 122 
GLN NE2 HE21 sing N N 123 
GLN NE2 HE22 sing N N 124 
GLN OXT HXT  sing N N 125 
GLU N   CA   sing N N 126 
GLU N   H    sing N N 127 
GLU N   H2   sing N N 128 
GLU CA  C    sing N N 129 
GLU CA  CB   sing N N 130 
GLU CA  HA   sing N N 131 
GLU C   O    doub N N 132 
GLU C   OXT  sing N N 133 
GLU CB  CG   sing N N 134 
GLU CB  HB2  sing N N 135 
GLU CB  HB3  sing N N 136 
GLU CG  CD   sing N N 137 
GLU CG  HG2  sing N N 138 
GLU CG  HG3  sing N N 139 
GLU CD  OE1  doub N N 140 
GLU CD  OE2  sing N N 141 
GLU OE2 HE2  sing N N 142 
GLU OXT HXT  sing N N 143 
GLY N   CA   sing N N 144 
GLY N   H    sing N N 145 
GLY N   H2   sing N N 146 
GLY CA  C    sing N N 147 
GLY CA  HA2  sing N N 148 
GLY CA  HA3  sing N N 149 
GLY C   O    doub N N 150 
GLY C   OXT  sing N N 151 
GLY OXT HXT  sing N N 152 
HIS N   CA   sing N N 153 
HIS N   H    sing N N 154 
HIS N   H2   sing N N 155 
HIS CA  C    sing N N 156 
HIS CA  CB   sing N N 157 
HIS CA  HA   sing N N 158 
HIS C   O    doub N N 159 
HIS C   OXT  sing N N 160 
HIS CB  CG   sing N N 161 
HIS CB  HB2  sing N N 162 
HIS CB  HB3  sing N N 163 
HIS CG  ND1  sing Y N 164 
HIS CG  CD2  doub Y N 165 
HIS ND1 CE1  doub Y N 166 
HIS ND1 HD1  sing N N 167 
HIS CD2 NE2  sing Y N 168 
HIS CD2 HD2  sing N N 169 
HIS CE1 NE2  sing Y N 170 
HIS CE1 HE1  sing N N 171 
HIS NE2 HE2  sing N N 172 
HIS OXT HXT  sing N N 173 
ILE N   CA   sing N N 174 
ILE N   H    sing N N 175 
ILE N   H2   sing N N 176 
ILE CA  C    sing N N 177 
ILE CA  CB   sing N N 178 
ILE CA  HA   sing N N 179 
ILE C   O    doub N N 180 
ILE C   OXT  sing N N 181 
ILE CB  CG1  sing N N 182 
ILE CB  CG2  sing N N 183 
ILE CB  HB   sing N N 184 
ILE CG1 CD1  sing N N 185 
ILE CG1 HG12 sing N N 186 
ILE CG1 HG13 sing N N 187 
ILE CG2 HG21 sing N N 188 
ILE CG2 HG22 sing N N 189 
ILE CG2 HG23 sing N N 190 
ILE CD1 HD11 sing N N 191 
ILE CD1 HD12 sing N N 192 
ILE CD1 HD13 sing N N 193 
ILE OXT HXT  sing N N 194 
LEU N   CA   sing N N 195 
LEU N   H    sing N N 196 
LEU N   H2   sing N N 197 
LEU CA  C    sing N N 198 
LEU CA  CB   sing N N 199 
LEU CA  HA   sing N N 200 
LEU C   O    doub N N 201 
LEU C   OXT  sing N N 202 
LEU CB  CG   sing N N 203 
LEU CB  HB2  sing N N 204 
LEU CB  HB3  sing N N 205 
LEU CG  CD1  sing N N 206 
LEU CG  CD2  sing N N 207 
LEU CG  HG   sing N N 208 
LEU CD1 HD11 sing N N 209 
LEU CD1 HD12 sing N N 210 
LEU CD1 HD13 sing N N 211 
LEU CD2 HD21 sing N N 212 
LEU CD2 HD22 sing N N 213 
LEU CD2 HD23 sing N N 214 
LEU OXT HXT  sing N N 215 
LYS N   CA   sing N N 216 
LYS N   H    sing N N 217 
LYS N   H2   sing N N 218 
LYS CA  C    sing N N 219 
LYS CA  CB   sing N N 220 
LYS CA  HA   sing N N 221 
LYS C   O    doub N N 222 
LYS C   OXT  sing N N 223 
LYS CB  CG   sing N N 224 
LYS CB  HB2  sing N N 225 
LYS CB  HB3  sing N N 226 
LYS CG  CD   sing N N 227 
LYS CG  HG2  sing N N 228 
LYS CG  HG3  sing N N 229 
LYS CD  CE   sing N N 230 
LYS CD  HD2  sing N N 231 
LYS CD  HD3  sing N N 232 
LYS CE  NZ   sing N N 233 
LYS CE  HE2  sing N N 234 
LYS CE  HE3  sing N N 235 
LYS NZ  HZ1  sing N N 236 
LYS NZ  HZ2  sing N N 237 
LYS NZ  HZ3  sing N N 238 
LYS OXT HXT  sing N N 239 
MET N   CA   sing N N 240 
MET N   H    sing N N 241 
MET N   H2   sing N N 242 
MET CA  C    sing N N 243 
MET CA  CB   sing N N 244 
MET CA  HA   sing N N 245 
MET C   O    doub N N 246 
MET C   OXT  sing N N 247 
MET CB  CG   sing N N 248 
MET CB  HB2  sing N N 249 
MET CB  HB3  sing N N 250 
MET CG  SD   sing N N 251 
MET CG  HG2  sing N N 252 
MET CG  HG3  sing N N 253 
MET SD  CE   sing N N 254 
MET CE  HE1  sing N N 255 
MET CE  HE2  sing N N 256 
MET CE  HE3  sing N N 257 
MET OXT HXT  sing N N 258 
PHE N   CA   sing N N 259 
PHE N   H    sing N N 260 
PHE N   H2   sing N N 261 
PHE CA  C    sing N N 262 
PHE CA  CB   sing N N 263 
PHE CA  HA   sing N N 264 
PHE C   O    doub N N 265 
PHE C   OXT  sing N N 266 
PHE CB  CG   sing N N 267 
PHE CB  HB2  sing N N 268 
PHE CB  HB3  sing N N 269 
PHE CG  CD1  doub Y N 270 
PHE CG  CD2  sing Y N 271 
PHE CD1 CE1  sing Y N 272 
PHE CD1 HD1  sing N N 273 
PHE CD2 CE2  doub Y N 274 
PHE CD2 HD2  sing N N 275 
PHE CE1 CZ   doub Y N 276 
PHE CE1 HE1  sing N N 277 
PHE CE2 CZ   sing Y N 278 
PHE CE2 HE2  sing N N 279 
PHE CZ  HZ   sing N N 280 
PHE OXT HXT  sing N N 281 
PRO N   CA   sing N N 282 
PRO N   CD   sing N N 283 
PRO N   H    sing N N 284 
PRO CA  C    sing N N 285 
PRO CA  CB   sing N N 286 
PRO CA  HA   sing N N 287 
PRO C   O    doub N N 288 
PRO C   OXT  sing N N 289 
PRO CB  CG   sing N N 290 
PRO CB  HB2  sing N N 291 
PRO CB  HB3  sing N N 292 
PRO CG  CD   sing N N 293 
PRO CG  HG2  sing N N 294 
PRO CG  HG3  sing N N 295 
PRO CD  HD2  sing N N 296 
PRO CD  HD3  sing N N 297 
PRO OXT HXT  sing N N 298 
SER N   CA   sing N N 299 
SER N   H    sing N N 300 
SER N   H2   sing N N 301 
SER CA  C    sing N N 302 
SER CA  CB   sing N N 303 
SER CA  HA   sing N N 304 
SER C   O    doub N N 305 
SER C   OXT  sing N N 306 
SER CB  OG   sing N N 307 
SER CB  HB2  sing N N 308 
SER CB  HB3  sing N N 309 
SER OG  HG   sing N N 310 
SER OXT HXT  sing N N 311 
THR N   CA   sing N N 312 
THR N   H    sing N N 313 
THR N   H2   sing N N 314 
THR CA  C    sing N N 315 
THR CA  CB   sing N N 316 
THR CA  HA   sing N N 317 
THR C   O    doub N N 318 
THR C   OXT  sing N N 319 
THR CB  OG1  sing N N 320 
THR CB  CG2  sing N N 321 
THR CB  HB   sing N N 322 
THR OG1 HG1  sing N N 323 
THR CG2 HG21 sing N N 324 
THR CG2 HG22 sing N N 325 
THR CG2 HG23 sing N N 326 
THR OXT HXT  sing N N 327 
TRP N   CA   sing N N 328 
TRP N   H    sing N N 329 
TRP N   H2   sing N N 330 
TRP CA  C    sing N N 331 
TRP CA  CB   sing N N 332 
TRP CA  HA   sing N N 333 
TRP C   O    doub N N 334 
TRP C   OXT  sing N N 335 
TRP CB  CG   sing N N 336 
TRP CB  HB2  sing N N 337 
TRP CB  HB3  sing N N 338 
TRP CG  CD1  doub Y N 339 
TRP CG  CD2  sing Y N 340 
TRP CD1 NE1  sing Y N 341 
TRP CD1 HD1  sing N N 342 
TRP CD2 CE2  doub Y N 343 
TRP CD2 CE3  sing Y N 344 
TRP NE1 CE2  sing Y N 345 
TRP NE1 HE1  sing N N 346 
TRP CE2 CZ2  sing Y N 347 
TRP CE3 CZ3  doub Y N 348 
TRP CE3 HE3  sing N N 349 
TRP CZ2 CH2  doub Y N 350 
TRP CZ2 HZ2  sing N N 351 
TRP CZ3 CH2  sing Y N 352 
TRP CZ3 HZ3  sing N N 353 
TRP CH2 HH2  sing N N 354 
TRP OXT HXT  sing N N 355 
TYR N   CA   sing N N 356 
TYR N   H    sing N N 357 
TYR N   H2   sing N N 358 
TYR CA  C    sing N N 359 
TYR CA  CB   sing N N 360 
TYR CA  HA   sing N N 361 
TYR C   O    doub N N 362 
TYR C   OXT  sing N N 363 
TYR CB  CG   sing N N 364 
TYR CB  HB2  sing N N 365 
TYR CB  HB3  sing N N 366 
TYR CG  CD1  doub Y N 367 
TYR CG  CD2  sing Y N 368 
TYR CD1 CE1  sing Y N 369 
TYR CD1 HD1  sing N N 370 
TYR CD2 CE2  doub Y N 371 
TYR CD2 HD2  sing N N 372 
TYR CE1 CZ   doub Y N 373 
TYR CE1 HE1  sing N N 374 
TYR CE2 CZ   sing Y N 375 
TYR CE2 HE2  sing N N 376 
TYR CZ  OH   sing N N 377 
TYR OH  HH   sing N N 378 
TYR OXT HXT  sing N N 379 
VAL N   CA   sing N N 380 
VAL N   H    sing N N 381 
VAL N   H2   sing N N 382 
VAL CA  C    sing N N 383 
VAL CA  CB   sing N N 384 
VAL CA  HA   sing N N 385 
VAL C   O    doub N N 386 
VAL C   OXT  sing N N 387 
VAL CB  CG1  sing N N 388 
VAL CB  CG2  sing N N 389 
VAL CB  HB   sing N N 390 
VAL CG1 HG11 sing N N 391 
VAL CG1 HG12 sing N N 392 
VAL CG1 HG13 sing N N 393 
VAL CG2 HG21 sing N N 394 
VAL CG2 HG22 sing N N 395 
VAL CG2 HG23 sing N N 396 
VAL OXT HXT  sing N N 397 
# 
_atom_sites.entry_id                    4HQM 
_atom_sites.fract_transf_matrix[1][1]   -0.00211414 
_atom_sites.fract_transf_matrix[1][2]   0.00620646 
_atom_sites.fract_transf_matrix[1][3]   -0.00653337 
_atom_sites.fract_transf_matrix[2][1]   0.00523252 
_atom_sites.fract_transf_matrix[2][2]   0.00755999 
_atom_sites.fract_transf_matrix[2][3]   -0.00106809 
_atom_sites.fract_transf_matrix[3][1]   0.01881502 
_atom_sites.fract_transf_matrix[3][2]   -0.01603476 
_atom_sites.fract_transf_matrix[3][3]   -0.02132082 
_atom_sites.fract_transf_vector[1]      -0.257348 
_atom_sites.fract_transf_vector[2]      0.178785 
_atom_sites.fract_transf_vector[3]      -0.411124 
# 
loop_
_atom_type.symbol 
C 
N 
O 
S 
# 
loop_
_atom_site.group_PDB 
_atom_site.id 
_atom_site.type_symbol 
_atom_site.label_atom_id 
_atom_site.label_alt_id 
_atom_site.label_comp_id 
_atom_site.label_asym_id 
_atom_site.label_entity_id 
_atom_site.label_seq_id 
_atom_site.pdbx_PDB_ins_code 
_atom_site.Cartn_x 
_atom_site.Cartn_y 
_atom_site.Cartn_z 
_atom_site.occupancy 
_atom_site.B_iso_or_equiv 
_atom_site.pdbx_formal_charge 
_atom_site.auth_seq_id 
_atom_site.auth_comp_id 
_atom_site.auth_asym_id 
_atom_site.auth_atom_id 
_atom_site.pdbx_PDB_model_num 
ATOM   1    N N   . VAL A 1 7   ? 11.400  5.774   8.543   1.00 119.14 ? 4   VAL A N   1 
ATOM   2    C CA  . VAL A 1 7   ? 10.210  4.928   8.491   1.00 116.66 ? 4   VAL A CA  1 
ATOM   3    C C   . VAL A 1 7   ? 9.812   4.749   7.039   1.00 112.19 ? 4   VAL A C   1 
ATOM   4    O O   . VAL A 1 7   ? 8.808   4.111   6.730   1.00 101.39 ? 4   VAL A O   1 
ATOM   5    C CB  . VAL A 1 7   ? 9.025   5.565   9.258   1.00 117.29 ? 4   VAL A CB  1 
ATOM   6    C CG1 . VAL A 1 7   ? 8.006   4.495   9.681   1.00 108.68 ? 4   VAL A CG1 1 
ATOM   7    C CG2 . VAL A 1 7   ? 9.531   6.342   10.473  1.00 114.18 ? 4   VAL A CG2 1 
ATOM   8    N N   . CYS A 1 8   ? 10.625  5.305   6.150   1.00 110.80 ? 5   CYS A N   1 
ATOM   9    C CA  . CYS A 1 8   ? 10.211  5.474   4.770   1.00 104.29 ? 5   CYS A CA  1 
ATOM   10   C C   . CYS A 1 8   ? 10.273  4.223   3.911   1.00 100.75 ? 5   CYS A C   1 
ATOM   11   O O   . CYS A 1 8   ? 9.627   3.238   4.330   1.00 97.76  ? 5   CYS A O   1 
ATOM   12   C CB  . CYS A 1 8   ? 10.798  6.758   4.211   1.00 108.36 ? 5   CYS A CB  1 
ATOM   13   S SG  . CYS A 1 8   ? 9.646   7.234   2.984   1.00 114.99 ? 5   CYS A SG  1 
ATOM   14   N N   . PRO A 1 9   ? 11.048  4.188   2.797   1.00 97.90  ? 6   PRO A N   1 
ATOM   15   C CA  . PRO A 1 9   ? 10.622  3.285   1.710   1.00 91.67  ? 6   PRO A CA  1 
ATOM   16   C C   . PRO A 1 9   ? 10.353  1.805   1.982   1.00 89.17  ? 6   PRO A C   1 
ATOM   17   O O   . PRO A 1 9   ? 10.033  1.088   1.037   1.00 82.97  ? 6   PRO A O   1 
ATOM   18   C CB  . PRO A 1 9   ? 11.706  3.492   0.656   1.00 97.64  ? 6   PRO A CB  1 
ATOM   19   C CG  . PRO A 1 9   ? 12.924  3.753   1.447   1.00 97.23  ? 6   PRO A CG  1 
ATOM   20   C CD  . PRO A 1 9   ? 12.482  4.529   2.660   1.00 91.39  ? 6   PRO A CD  1 
ATOM   21   N N   . TYR A 1 10  ? 10.512  1.357   3.228   1.00 96.92  ? 7   TYR A N   1 
ATOM   22   C CA  . TYR A 1 10  ? 9.934   0.097   3.664   1.00 92.97  ? 7   TYR A CA  1 
ATOM   23   C C   . TYR A 1 10  ? 8.449   0.133   3.303   1.00 82.71  ? 7   TYR A C   1 
ATOM   24   O O   . TYR A 1 10  ? 7.946   -0.731  2.596   1.00 79.87  ? 7   TYR A O   1 
ATOM   25   C CB  . TYR A 1 10  ? 10.152  -0.171  5.165   1.00 86.75  ? 7   TYR A CB  1 
ATOM   26   C CG  . TYR A 1 10  ? 10.099  -1.635  5.567   1.00 94.99  ? 7   TYR A CG  1 
ATOM   27   C CD1 . TYR A 1 10  ? 11.135  -2.507  5.239   1.00 90.78  ? 7   TYR A CD1 1 
ATOM   28   C CD2 . TYR A 1 10  ? 9.005   -2.150  6.261   1.00 95.73  ? 7   TYR A CD2 1 
ATOM   29   C CE1 . TYR A 1 10  ? 11.087  -3.856  5.596   1.00 97.34  ? 7   TYR A CE1 1 
ATOM   30   C CE2 . TYR A 1 10  ? 8.949   -3.495  6.628   1.00 94.41  ? 7   TYR A CE2 1 
ATOM   31   C CZ  . TYR A 1 10  ? 9.993   -4.344  6.290   1.00 97.80  ? 7   TYR A CZ  1 
ATOM   32   O OH  . TYR A 1 10  ? 9.940   -5.676  6.639   1.00 94.43  ? 7   TYR A OH  1 
ATOM   33   N N   . LEU A 1 11  ? 7.683   1.320   3.577   1.00 76.62  ? 8   LEU A N   1 
ATOM   34   C CA  . LEU A 1 11  ? 6.321   1.493   3.175   1.00 76.28  ? 8   LEU A CA  1 
ATOM   35   C C   . LEU A 1 11  ? 6.164   1.471   1.677   1.00 78.20  ? 8   LEU A C   1 
ATOM   36   O O   . LEU A 1 11  ? 5.282   0.829   1.158   1.00 73.39  ? 8   LEU A O   1 
ATOM   37   C CB  . LEU A 1 11  ? 5.834   2.835   3.674   1.00 82.84  ? 8   LEU A CB  1 
ATOM   38   C CG  . LEU A 1 11  ? 5.329   2.771   5.100   1.00 82.08  ? 8   LEU A CG  1 
ATOM   39   C CD1 . LEU A 1 11  ? 5.352   4.159   5.743   1.00 94.24  ? 8   LEU A CD1 1 
ATOM   40   C CD2 . LEU A 1 11  ? 3.942   2.173   5.095   1.00 74.75  ? 8   LEU A CD2 1 
ATOM   41   N N   . GLU A 1 12  ? 7.048   2.144   0.977   1.00 80.45  ? 9   GLU A N   1 
ATOM   42   C CA  . GLU A 1 12  ? 7.057   2.059   -0.450  1.00 74.02  ? 9   GLU A CA  1 
ATOM   43   C C   . GLU A 1 12  ? 7.292   0.650   -0.940  1.00 71.84  ? 9   GLU A C   1 
ATOM   44   O O   . GLU A 1 12  ? 6.609   0.166   -1.809  1.00 68.16  ? 9   GLU A O   1 
ATOM   45   C CB  . GLU A 1 12  ? 8.102   2.969   -1.016  1.00 86.54  ? 9   GLU A CB  1 
ATOM   46   C CG  . GLU A 1 12  ? 7.524   4.359   -1.152  1.00 85.12  ? 9   GLU A CG  1 
ATOM   47   C CD  . GLU A 1 12  ? 8.678   5.310   -1.246  1.00 89.35  ? 9   GLU A CD  1 
ATOM   48   O OE1 . GLU A 1 12  ? 9.726   4.961   -1.830  1.00 87.44  ? 9   GLU A OE1 1 
ATOM   49   O OE2 . GLU A 1 12  ? 8.528   6.406   -0.674  1.00 89.34  ? 9   GLU A OE2 1 
ATOM   50   N N   . GLU A 1 13  ? 8.236   -0.039  -0.334  1.00 79.67  ? 10  GLU A N   1 
ATOM   51   C CA  . GLU A 1 13  ? 8.506   -1.411  -0.731  1.00 77.33  ? 10  GLU A CA  1 
ATOM   52   C C   . GLU A 1 13  ? 7.326   -2.326  -0.452  1.00 69.60  ? 10  GLU A C   1 
ATOM   53   O O   . GLU A 1 13  ? 6.966   -3.153  -1.250  1.00 68.80  ? 10  GLU A O   1 
ATOM   54   C CB  . GLU A 1 13  ? 9.763   -1.949  -0.081  1.00 84.57  ? 10  GLU A CB  1 
ATOM   55   C CG  . GLU A 1 13  ? 10.881  -2.153  -1.101  1.00 89.10  ? 10  GLU A CG  1 
ATOM   56   C CD  . GLU A 1 13  ? 10.580  -3.288  -2.070  1.00 95.70  ? 10  GLU A CD  1 
ATOM   57   O OE1 . GLU A 1 13  ? 9.650   -4.093  -1.860  1.00 90.77  ? 10  GLU A OE1 1 
ATOM   58   O OE2 . GLU A 1 13  ? 11.320  -3.354  -3.072  1.00 94.30  ? 10  GLU A OE2 1 
ATOM   59   N N   . THR A 1 14  ? 6.730   -2.162  0.697   1.00 64.66  ? 11  THR A N   1 
ATOM   60   C CA  . THR A 1 14  ? 5.607   -2.949  1.064   1.00 69.67  ? 11  THR A CA  1 
ATOM   61   C C   . THR A 1 14  ? 4.449   -2.742  0.105   1.00 63.59  ? 11  THR A C   1 
ATOM   62   O O   . THR A 1 14  ? 3.896   -3.664  -0.419  1.00 59.59  ? 11  THR A O   1 
ATOM   63   C CB  . THR A 1 14  ? 5.133   -2.548  2.464   1.00 72.36  ? 11  THR A CB  1 
ATOM   64   O OG1 . THR A 1 14  ? 6.163   -2.677  3.378   1.00 72.54  ? 11  THR A OG1 1 
ATOM   65   C CG2 . THR A 1 14  ? 4.008   -3.411  2.961   1.00 60.54  ? 11  THR A CG2 1 
ATOM   66   N N   . PHE A 1 15  ? 4.152   -1.510  -0.185  1.00 60.93  ? 12  PHE A N   1 
ATOM   67   C CA  . PHE A 1 15  ? 3.113   -1.162  -1.106  1.00 57.14  ? 12  PHE A CA  1 
ATOM   68   C C   . PHE A 1 15  ? 3.325   -1.693  -2.483  1.00 57.28  ? 12  PHE A C   1 
ATOM   69   O O   . PHE A 1 15  ? 2.420   -2.080  -3.152  1.00 54.53  ? 12  PHE A O   1 
ATOM   70   C CB  . PHE A 1 15  ? 2.871   0.297   -1.128  1.00 59.25  ? 12  PHE A CB  1 
ATOM   71   C CG  . PHE A 1 15  ? 2.087   0.677   0.030   1.00 62.42  ? 12  PHE A CG  1 
ATOM   72   C CD1 . PHE A 1 15  ? 0.825   0.127   0.233   1.00 65.24  ? 12  PHE A CD1 1 
ATOM   73   C CD2 . PHE A 1 15  ? 2.510   1.688   0.868   1.00 64.18  ? 12  PHE A CD2 1 
ATOM   74   C CE1 . PHE A 1 15  ? 0.014   0.552   1.261   1.00 63.31  ? 12  PHE A CE1 1 
ATOM   75   C CE2 . PHE A 1 15  ? 1.714   2.076   1.934   1.00 72.44  ? 12  PHE A CE2 1 
ATOM   76   C CZ  . PHE A 1 15  ? 0.470   1.520   2.124   1.00 65.41  ? 12  PHE A CZ  1 
ATOM   77   N N   . LYS A 1 16  ? 4.548   -1.650  -2.917  1.00 57.07  ? 13  LYS A N   1 
ATOM   78   C CA  . LYS A 1 16  ? 4.947   -2.140  -4.192  1.00 53.41  ? 13  LYS A CA  1 
ATOM   79   C C   . LYS A 1 16  ? 4.597   -3.616  -4.376  1.00 59.88  ? 13  LYS A C   1 
ATOM   80   O O   . LYS A 1 16  ? 3.997   -4.005  -5.351  1.00 58.61  ? 13  LYS A O   1 
ATOM   81   C CB  . LYS A 1 16  ? 6.417   -1.904  -4.295  1.00 66.52  ? 13  LYS A CB  1 
ATOM   82   C CG  . LYS A 1 16  ? 7.095   -2.329  -5.564  1.00 73.71  ? 13  LYS A CG  1 
ATOM   83   C CD  . LYS A 1 16  ? 8.467   -1.700  -5.604  1.00 72.51  ? 13  LYS A CD  1 
ATOM   84   C CE  . LYS A 1 16  ? 9.268   -2.012  -6.836  1.00 71.98  ? 13  LYS A CE  1 
ATOM   85   N NZ  . LYS A 1 16  ? 9.793   -3.356  -6.724  1.00 77.81  ? 13  LYS A NZ  1 
ATOM   86   N N   . ILE A 1 17  ? 4.842   -4.392  -3.324  1.00 66.61  ? 14  ILE A N   1 
ATOM   87   C CA  . ILE A 1 17  ? 4.470   -5.796  -3.244  1.00 59.86  ? 14  ILE A CA  1 
ATOM   88   C C   . ILE A 1 17  ? 2.968   -5.961  -3.269  1.00 59.28  ? 14  ILE A C   1 
ATOM   89   O O   . ILE A 1 17  ? 2.430   -6.806  -3.938  1.00 56.96  ? 14  ILE A O   1 
ATOM   90   C CB  . ILE A 1 17  ? 4.999   -6.444  -1.982  1.00 56.72  ? 14  ILE A CB  1 
ATOM   91   C CG1 . ILE A 1 17  ? 6.506   -6.430  -1.997  1.00 66.70  ? 14  ILE A CG1 1 
ATOM   92   C CG2 . ILE A 1 17  ? 4.535   -7.879  -1.855  1.00 62.20  ? 14  ILE A CG2 1 
ATOM   93   C CD1 . ILE A 1 17  ? 7.082   -6.721  -0.643  1.00 71.49  ? 14  ILE A CD1 1 
ATOM   94   N N   . LEU A 1 18  ? 2.297   -5.109  -2.524  1.00 57.32  ? 15  LEU A N   1 
ATOM   95   C CA  . LEU A 1 18  ? 0.864   -5.115  -2.412  1.00 62.76  ? 15  LEU A CA  1 
ATOM   96   C C   . LEU A 1 18  ? 0.151   -4.723  -3.702  1.00 61.54  ? 15  LEU A C   1 
ATOM   97   O O   . LEU A 1 18  ? -0.845  -5.326  -4.030  1.00 61.49  ? 15  LEU A O   1 
ATOM   98   C CB  . LEU A 1 18  ? 0.421   -4.255  -1.247  1.00 59.45  ? 15  LEU A CB  1 
ATOM   99   C CG  . LEU A 1 18  ? 0.878   -4.761  0.109   1.00 60.71  ? 15  LEU A CG  1 
ATOM   100  C CD1 . LEU A 1 18  ? 0.377   -3.872  1.215   1.00 57.41  ? 15  LEU A CD1 1 
ATOM   101  C CD2 . LEU A 1 18  ? 0.404   -6.164  0.361   1.00 59.08  ? 15  LEU A CD2 1 
ATOM   102  N N   . GLY A 1 19  ? 0.758   -3.826  -4.477  1.00 57.90  ? 16  GLY A N   1 
ATOM   103  C CA  . GLY A 1 19  ? 0.430   -3.484  -5.844  1.00 56.59  ? 16  GLY A CA  1 
ATOM   104  C C   . GLY A 1 19  ? 0.420   -4.559  -6.904  1.00 64.31  ? 16  GLY A C   1 
ATOM   105  O O   . GLY A 1 19  ? -0.353  -4.454  -7.828  1.00 61.48  ? 16  GLY A O   1 
ATOM   106  N N   . ARG A 1 20  ? 1.177   -5.645  -6.661  1.00 69.79  ? 17  ARG A N   1 
ATOM   107  C CA  . ARG A 1 20  ? 1.182   -6.918  -7.411  1.00 65.45  ? 17  ARG A CA  1 
ATOM   108  C C   . ARG A 1 20  ? -0.146  -7.567  -7.539  1.00 64.96  ? 17  ARG A C   1 
ATOM   109  O O   . ARG A 1 20  ? -1.083  -7.163  -6.919  1.00 66.13  ? 17  ARG A O   1 
ATOM   110  C CB  . ARG A 1 20  ? 2.099   -7.918  -6.852  1.00 70.99  ? 17  ARG A CB  1 
ATOM   111  C CG  . ARG A 1 20  ? 3.505   -7.411  -6.696  1.00 75.02  ? 17  ARG A CG  1 
ATOM   112  C CD  . ARG A 1 20  ? 4.332   -7.417  -7.937  1.00 72.98  ? 17  ARG A CD  1 
ATOM   113  N NE  . ARG A 1 20  ? 5.506   -6.657  -7.525  1.00 73.19  ? 17  ARG A NE  1 
ATOM   114  C CZ  . ARG A 1 20  ? 6.751   -6.991  -7.881  1.00 80.95  ? 17  ARG A CZ  1 
ATOM   115  N NH1 . ARG A 1 20  ? 7.014   -8.078  -8.651  1.00 77.79  ? 17  ARG A NH1 1 
ATOM   116  N NH2 . ARG A 1 20  ? 7.753   -6.158  -7.519  1.00 80.19  ? 17  ARG A NH2 1 
ATOM   117  N N   . SER A 1 21  ? -0.270  -8.445  -8.488  1.00 70.02  ? 18  SER A N   1 
ATOM   118  C CA  . SER A 1 21  ? -1.571  -8.904  -8.831  1.00 74.52  ? 18  SER A CA  1 
ATOM   119  C C   . SER A 1 21  ? -2.330  -9.724  -7.781  1.00 71.92  ? 18  SER A C   1 
ATOM   120  O O   . SER A 1 21  ? -3.502  -9.458  -7.572  1.00 79.69  ? 18  SER A O   1 
ATOM   121  C CB  . SER A 1 21  ? -1.479  -9.703  -10.109 1.00 66.66  ? 18  SER A CB  1 
ATOM   122  O OG  . SER A 1 21  ? -0.412  -10.598 -10.049 1.00 64.25  ? 18  SER A OG  1 
ATOM   123  N N   . TRP A 1 22  ? -1.745  -10.732 -7.167  1.00 64.32  ? 19  TRP A N   1 
ATOM   124  C CA  . TRP A 1 22  ? -2.512  -11.492 -6.173  1.00 65.44  ? 19  TRP A CA  1 
ATOM   125  C C   . TRP A 1 22  ? -2.184  -11.191 -4.714  1.00 65.92  ? 19  TRP A C   1 
ATOM   126  O O   . TRP A 1 22  ? -2.735  -11.794 -3.832  1.00 61.32  ? 19  TRP A O   1 
ATOM   127  C CB  . TRP A 1 22  ? -2.522  -12.991 -6.481  1.00 66.72  ? 19  TRP A CB  1 
ATOM   128  C CG  . TRP A 1 22  ? -3.337  -13.376 -7.699  1.00 72.28  ? 19  TRP A CG  1 
ATOM   129  C CD1 . TRP A 1 22  ? -2.914  -13.544 -8.954  1.00 69.06  ? 19  TRP A CD1 1 
ATOM   130  C CD2 . TRP A 1 22  ? -4.690  -13.775 -7.717  1.00 68.26  ? 19  TRP A CD2 1 
ATOM   131  N NE1 . TRP A 1 22  ? -3.887  -14.075 -9.705  1.00 72.10  ? 19  TRP A NE1 1 
ATOM   132  C CE2 . TRP A 1 22  ? -4.969  -14.214 -8.977  1.00 71.71  ? 19  TRP A CE2 1 
ATOM   133  C CE3 . TRP A 1 22  ? -5.635  -13.800 -6.753  1.00 65.74  ? 19  TRP A CE3 1 
ATOM   134  C CZ2 . TRP A 1 22  ? -6.192  -14.679 -9.310  1.00 72.75  ? 19  TRP A CZ2 1 
ATOM   135  C CZ3 . TRP A 1 22  ? -6.880  -14.296 -7.076  1.00 66.08  ? 19  TRP A CZ3 1 
ATOM   136  C CH2 . TRP A 1 22  ? -7.161  -14.726 -8.343  1.00 68.58  ? 19  TRP A CH2 1 
ATOM   137  N N   . ASN A 1 23  ? -1.072  -10.523 -4.500  1.00 63.56  ? 20  ASN A N   1 
ATOM   138  C CA  . ASN A 1 23  ? -0.446  -10.490 -3.194  1.00 58.90  ? 20  ASN A CA  1 
ATOM   139  C C   . ASN A 1 23  ? -1.321  -9.973  -2.079  1.00 65.41  ? 20  ASN A C   1 
ATOM   140  O O   . ASN A 1 23  ? -1.359  -10.548 -1.014  1.00 64.34  ? 20  ASN A O   1 
ATOM   141  C CB  . ASN A 1 23  ? 0.811   -9.646  -3.236  1.00 62.21  ? 20  ASN A CB  1 
ATOM   142  C CG  . ASN A 1 23  ? 1.892   -10.464 -3.856  1.00 65.05  ? 20  ASN A CG  1 
ATOM   143  O OD1 . ASN A 1 23  ? 1.849   -11.685 -3.838  1.00 73.64  ? 20  ASN A OD1 1 
ATOM   144  N ND2 . ASN A 1 23  ? 2.916   -9.822  -4.412  1.00 58.75  ? 20  ASN A ND2 1 
ATOM   145  N N   . GLY A 1 24  ? -2.020  -8.880  -2.307  1.00 63.87  ? 21  GLY A N   1 
ATOM   146  C CA  . GLY A 1 24  ? -2.842  -8.358  -1.268  1.00 60.30  ? 21  GLY A CA  1 
ATOM   147  C C   . GLY A 1 24  ? -3.938  -9.299  -0.890  1.00 65.79  ? 21  GLY A C   1 
ATOM   148  O O   . GLY A 1 24  ? -4.230  -9.532  0.258   1.00 62.94  ? 21  GLY A O   1 
ATOM   149  N N   . LEU A 1 25  ? -4.514  -9.892  -1.899  1.00 65.34  ? 22  LEU A N   1 
ATOM   150  C CA  . LEU A 1 25  ? -5.510  -10.903 -1.707  1.00 67.06  ? 22  LEU A CA  1 
ATOM   151  C C   . LEU A 1 25  ? -5.042  -12.124 -0.901  1.00 67.33  ? 22  LEU A C   1 
ATOM   152  O O   . LEU A 1 25  ? -5.723  -12.570 -0.011  1.00 66.16  ? 22  LEU A O   1 
ATOM   153  C CB  . LEU A 1 25  ? -5.979  -11.364 -3.050  1.00 64.65  ? 22  LEU A CB  1 
ATOM   154  C CG  . LEU A 1 25  ? -7.473  -11.270 -3.128  1.00 73.77  ? 22  LEU A CG  1 
ATOM   155  C CD1 . LEU A 1 25  ? -7.868  -11.681 -4.511  1.00 73.19  ? 22  LEU A CD1 1 
ATOM   156  C CD2 . LEU A 1 25  ? -8.192  -12.096 -2.089  1.00 64.42  ? 22  LEU A CD2 1 
ATOM   157  N N   . ILE A 1 26  ? -3.871  -12.641 -1.221  1.00 63.49  ? 23  ILE A N   1 
ATOM   158  C CA  . ILE A 1 26  ? -3.301  -13.782 -0.534  1.00 62.53  ? 23  ILE A CA  1 
ATOM   159  C C   . ILE A 1 26  ? -3.133  -13.503 0.944   1.00 62.22  ? 23  ILE A C   1 
ATOM   160  O O   . ILE A 1 26  ? -3.462  -14.294 1.802   1.00 62.75  ? 23  ILE A O   1 
ATOM   161  C CB  . ILE A 1 26  ? -1.965  -14.205 -1.148  1.00 64.64  ? 23  ILE A CB  1 
ATOM   162  C CG1 . ILE A 1 26  ? -2.237  -14.820 -2.501  1.00 54.34  ? 23  ILE A CG1 1 
ATOM   163  C CG2 . ILE A 1 26  ? -1.203  -15.184 -0.279  1.00 46.81  ? 23  ILE A CG2 1 
ATOM   164  C CD1 . ILE A 1 26  ? -1.003  -14.981 -3.326  1.00 53.29  ? 23  ILE A CD1 1 
ATOM   165  N N   . ILE A 1 27  ? -2.650  -12.334 1.220   1.00 56.73  ? 24  ILE A N   1 
ATOM   166  C CA  . ILE A 1 27  ? -2.489  -11.884 2.569   1.00 67.16  ? 24  ILE A CA  1 
ATOM   167  C C   . ILE A 1 27  ? -3.833  -11.859 3.326   1.00 70.63  ? 24  ILE A C   1 
ATOM   168  O O   . ILE A 1 27  ? -3.942  -12.325 4.442   1.00 64.81  ? 24  ILE A O   1 
ATOM   169  C CB  . ILE A 1 27  ? -1.787  -10.528 2.590   1.00 62.29  ? 24  ILE A CB  1 
ATOM   170  C CG1 . ILE A 1 27  ? -0.331  -10.796 2.243   1.00 63.04  ? 24  ILE A CG1 1 
ATOM   171  C CG2 . ILE A 1 27  ? -1.874  -9.843  3.919   1.00 51.06  ? 24  ILE A CG2 1 
ATOM   172  C CD1 . ILE A 1 27  ? 0.447   -9.553  1.920   1.00 60.27  ? 24  ILE A CD1 1 
ATOM   173  N N   . ASN A 1 28  ? -4.843  -11.289 2.682   1.00 72.96  ? 25  ASN A N   1 
ATOM   174  C CA  . ASN A 1 28  ? -6.164  -11.191 3.230   1.00 68.74  ? 25  ASN A CA  1 
ATOM   175  C C   . ASN A 1 28  ? -6.763  -12.555 3.481   1.00 68.24  ? 25  ASN A C   1 
ATOM   176  O O   . ASN A 1 28  ? -7.371  -12.826 4.490   1.00 68.28  ? 25  ASN A O   1 
ATOM   177  C CB  . ASN A 1 28  ? -7.021  -10.445 2.231   1.00 71.61  ? 25  ASN A CB  1 
ATOM   178  C CG  . ASN A 1 28  ? -8.452  -10.221 2.651   1.00 78.92  ? 25  ASN A CG  1 
ATOM   179  O OD1 . ASN A 1 28  ? -8.714  -9.355  3.488   1.00 78.67  ? 25  ASN A OD1 1 
ATOM   180  N ND2 . ASN A 1 28  ? -9.400  -10.971 2.038   1.00 73.55  ? 25  ASN A ND2 1 
ATOM   181  N N   . TYR A 1 29  ? -6.607  -13.425 2.518   1.00 65.20  ? 26  TYR A N   1 
ATOM   182  C CA  . TYR A 1 29  ? -7.039  -14.780 2.664   1.00 65.38  ? 26  TYR A CA  1 
ATOM   183  C C   . TYR A 1 29  ? -6.526  -15.428 3.931   1.00 65.98  ? 26  TYR A C   1 
ATOM   184  O O   . TYR A 1 29  ? -7.265  -15.997 4.702   1.00 67.00  ? 26  TYR A O   1 
ATOM   185  C CB  . TYR A 1 29  ? -6.641  -15.575 1.456   1.00 70.02  ? 26  TYR A CB  1 
ATOM   186  C CG  . TYR A 1 29  ? -7.202  -16.931 1.518   1.00 72.78  ? 26  TYR A CG  1 
ATOM   187  C CD1 . TYR A 1 29  ? -8.452  -17.209 1.003   1.00 75.69  ? 26  TYR A CD1 1 
ATOM   188  C CD2 . TYR A 1 29  ? -6.470  -17.947 2.103   1.00 63.84  ? 26  TYR A CD2 1 
ATOM   189  C CE1 . TYR A 1 29  ? -8.945  -18.500 1.027   1.00 69.48  ? 26  TYR A CE1 1 
ATOM   190  C CE2 . TYR A 1 29  ? -6.945  -19.233 2.108   1.00 69.12  ? 26  TYR A CE2 1 
ATOM   191  C CZ  . TYR A 1 29  ? -8.168  -19.518 1.541   1.00 74.24  ? 26  TYR A CZ  1 
ATOM   192  O OH  . TYR A 1 29  ? -8.599  -20.832 1.530   1.00 78.78  ? 26  TYR A OH  1 
ATOM   193  N N   . LEU A 1 30  ? -5.231  -15.384 4.077   1.00 61.20  ? 27  LEU A N   1 
ATOM   194  C CA  . LEU A 1 30  ? -4.576  -15.985 5.191   1.00 62.54  ? 27  LEU A CA  1 
ATOM   195  C C   . LEU A 1 30  ? -4.946  -15.382 6.525   1.00 65.72  ? 27  LEU A C   1 
ATOM   196  O O   . LEU A 1 30  ? -5.026  -16.068 7.508   1.00 66.61  ? 27  LEU A O   1 
ATOM   197  C CB  . LEU A 1 30  ? -3.080  -15.869 4.980   1.00 63.62  ? 27  LEU A CB  1 
ATOM   198  C CG  . LEU A 1 30  ? -2.363  -17.146 4.560   1.00 67.55  ? 27  LEU A CG  1 
ATOM   199  C CD1 . LEU A 1 30  ? -3.094  -17.977 3.545   1.00 62.26  ? 27  LEU A CD1 1 
ATOM   200  C CD2 . LEU A 1 30  ? -0.979  -16.827 4.036   1.00 60.34  ? 27  LEU A CD2 1 
ATOM   201  N N   . SER A 1 31  ? -5.240  -14.111 6.544   1.00 67.47  ? 28  SER A N   1 
ATOM   202  C CA  . SER A 1 31  ? -5.700  -13.450 7.745   1.00 70.97  ? 28  SER A CA  1 
ATOM   203  C C   . SER A 1 31  ? -7.018  -14.052 8.235   1.00 71.67  ? 28  SER A C   1 
ATOM   204  O O   . SER A 1 31  ? -7.219  -14.329 9.398   1.00 73.38  ? 28  SER A O   1 
ATOM   205  C CB  . SER A 1 31  ? -5.735  -11.952 7.588   1.00 62.03  ? 28  SER A CB  1 
ATOM   206  O OG  . SER A 1 31  ? -6.525  -11.558 6.524   1.00 67.18  ? 28  SER A OG  1 
ATOM   207  N N   . ARG A 1 32  ? -7.886  -14.257 7.273   1.00 67.97  ? 29  ARG A N   1 
ATOM   208  C CA  . ARG A 1 32  ? -9.194  -14.825 7.424   1.00 77.49  ? 29  ARG A CA  1 
ATOM   209  C C   . ARG A 1 32  ? -9.233  -16.394 7.670   1.00 76.45  ? 29  ARG A C   1 
ATOM   210  O O   . ARG A 1 32  ? -10.157 -16.907 8.249   1.00 78.76  ? 29  ARG A O   1 
ATOM   211  C CB  . ARG A 1 32  ? -10.069 -14.308 6.301   1.00 77.31  ? 29  ARG A CB  1 
ATOM   212  C CG  . ARG A 1 32  ? -10.156 -12.775 6.462   1.00 75.64  ? 29  ARG A CG  1 
ATOM   213  C CD  . ARG A 1 32  ? -10.952 -12.092 5.383   1.00 77.14  ? 29  ARG A CD  1 
ATOM   214  N NE  . ARG A 1 32  ? -12.145 -11.466 5.958   1.00 93.40  ? 29  ARG A NE  1 
ATOM   215  C CZ  . ARG A 1 32  ? -13.355 -12.083 5.982   1.00 101.00 ? 29  ARG A CZ  1 
ATOM   216  N NH1 . ARG A 1 32  ? -13.517 -13.323 5.462   1.00 99.69  ? 29  ARG A NH1 1 
ATOM   217  N NH2 . ARG A 1 32  ? -14.428 -11.455 6.543   1.00 105.05 ? 29  ARG A NH2 1 
ATOM   218  N N   . SER A 1 33  ? -8.203  -17.127 7.260   1.00 77.74  ? 30  SER A N   1 
ATOM   219  C CA  . SER A 1 33  ? -8.024  -18.592 7.525   1.00 75.24  ? 30  SER A CA  1 
ATOM   220  C C   . SER A 1 33  ? -7.619  -18.949 9.003   1.00 77.99  ? 30  SER A C   1 
ATOM   221  O O   . SER A 1 33  ? -7.014  -18.139 9.696   1.00 69.69  ? 30  SER A O   1 
ATOM   222  C CB  . SER A 1 33  ? -6.977  -19.176 6.608   1.00 67.31  ? 30  SER A CB  1 
ATOM   223  O OG  . SER A 1 33  ? -7.461  -19.097 5.299   1.00 73.72  ? 30  SER A OG  1 
ATOM   224  N N   . ASN A 1 34  ? -8.075  -20.118 9.526   1.00 71.07  ? 31  ASN A N   1 
ATOM   225  C CA  . ASN A 1 34  ? -7.705  -20.551 10.901  1.00 76.55  ? 31  ASN A CA  1 
ATOM   226  C C   . ASN A 1 34  ? -6.180  -20.679 11.100  1.00 81.15  ? 31  ASN A C   1 
ATOM   227  O O   . ASN A 1 34  ? -5.471  -20.896 10.143  1.00 84.39  ? 31  ASN A O   1 
ATOM   228  C CB  . ASN A 1 34  ? -8.354  -21.909 11.206  1.00 91.65  ? 31  ASN A CB  1 
ATOM   229  C CG  . ASN A 1 34  ? -8.945  -22.005 12.610  1.00 96.83  ? 31  ASN A CG  1 
ATOM   230  O OD1 . ASN A 1 34  ? -10.137 -22.313 12.743  1.00 92.63  ? 31  ASN A OD1 1 
ATOM   231  N ND2 . ASN A 1 34  ? -8.123  -21.749 13.661  1.00 95.90  ? 31  ASN A ND2 1 
ATOM   232  N N   . ASP A 1 35  ? -5.704  -20.357 12.316  1.00 73.17  ? 32  ASP A N   1 
ATOM   233  C CA  . ASP A 1 35  ? -4.265  -20.169 12.653  1.00 77.71  ? 32  ASP A CA  1 
ATOM   234  C C   . ASP A 1 35  ? -3.484  -19.255 11.648  1.00 82.25  ? 32  ASP A C   1 
ATOM   235  O O   . ASP A 1 35  ? -2.250  -19.311 11.440  1.00 82.80  ? 32  ASP A O   1 
ATOM   236  C CB  . ASP A 1 35  ? -3.573  -21.515 12.732  1.00 90.27  ? 32  ASP A CB  1 
ATOM   237  C CG  . ASP A 1 35  ? -3.455  -22.088 14.123  1.00 92.54  ? 32  ASP A CG  1 
ATOM   238  O OD1 . ASP A 1 35  ? -3.175  -21.372 15.115  1.00 83.52  ? 32  ASP A OD1 1 
ATOM   239  O OD2 . ASP A 1 35  ? -3.551  -23.331 14.146  1.00 87.81  ? 32  ASP A OD2 1 
ATOM   240  N N   . SER A 1 36  ? -4.263  -18.454 10.936  1.00 82.34  ? 33  SER A N   1 
ATOM   241  C CA  . SER A 1 36  ? -3.775  -17.686 9.820   1.00 76.36  ? 33  SER A CA  1 
ATOM   242  C C   . SER A 1 36  ? -2.951  -18.549 8.866   1.00 73.12  ? 33  SER A C   1 
ATOM   243  O O   . SER A 1 36  ? -1.836  -18.219 8.562   1.00 71.32  ? 33  SER A O   1 
ATOM   244  C CB  . SER A 1 36  ? -2.884  -16.552 10.306  1.00 72.59  ? 33  SER A CB  1 
ATOM   245  O OG  . SER A 1 36  ? -3.491  -15.819 11.324  1.00 71.17  ? 33  SER A OG  1 
ATOM   246  N N   . SER A 1 37  ? -3.447  -19.743 8.595   1.00 70.69  ? 34  SER A N   1 
ATOM   247  C CA  . SER A 1 37  ? -2.692  -20.744 7.909   1.00 67.68  ? 34  SER A CA  1 
ATOM   248  C C   . SER A 1 37  ? -3.536  -21.514 6.931   1.00 66.30  ? 34  SER A C   1 
ATOM   249  O O   . SER A 1 37  ? -4.619  -21.923 7.256   1.00 72.39  ? 34  SER A O   1 
ATOM   250  C CB  . SER A 1 37  ? -1.944  -21.656 8.863   1.00 63.01  ? 34  SER A CB  1 
ATOM   251  O OG  . SER A 1 37  ? -2.769  -22.352 9.730   1.00 69.65  ? 34  SER A OG  1 
ATOM   252  N N   . ALA A 1 38  ? -3.079  -21.627 5.718   1.00 61.41  ? 35  ALA A N   1 
ATOM   253  C CA  . ALA A 1 38  ? -3.737  -22.380 4.695   1.00 65.91  ? 35  ALA A CA  1 
ATOM   254  C C   . ALA A 1 38  ? -2.809  -23.391 4.005   1.00 66.50  ? 35  ALA A C   1 
ATOM   255  O O   . ALA A 1 38  ? -1.757  -23.024 3.556   1.00 66.89  ? 35  ALA A O   1 
ATOM   256  C CB  . ALA A 1 38  ? -4.366  -21.479 3.699   1.00 64.46  ? 35  ALA A CB  1 
ATOM   257  N N   . HIS A 1 39  ? -3.247  -24.621 3.775   1.00 67.14  ? 36  HIS A N   1 
ATOM   258  C CA  . HIS A 1 39  ? -2.628  -25.466 2.756   1.00 64.91  ? 36  HIS A CA  1 
ATOM   259  C C   . HIS A 1 39  ? -2.649  -24.843 1.342   1.00 65.12  ? 36  HIS A C   1 
ATOM   260  O O   . HIS A 1 39  ? -3.611  -24.231 0.946   1.00 62.85  ? 36  HIS A O   1 
ATOM   261  C CB  . HIS A 1 39  ? -3.272  -26.837 2.687   1.00 66.96  ? 36  HIS A CB  1 
ATOM   262  C CG  . HIS A 1 39  ? -3.278  -27.543 3.956   1.00 64.70  ? 36  HIS A CG  1 
ATOM   263  N ND1 . HIS A 1 39  ? -4.037  -27.222 5.013   1.00 63.31  ? 36  HIS A ND1 1 
ATOM   264  C CD2 . HIS A 1 39  ? -2.529  -28.575 4.326   1.00 66.88  ? 36  HIS A CD2 1 
ATOM   265  C CE1 . HIS A 1 39  ? -3.704  -28.058 5.980   1.00 70.69  ? 36  HIS A CE1 1 
ATOM   266  N NE2 . HIS A 1 39  ? -2.791  -28.896 5.608   1.00 74.20  ? 36  HIS A NE2 1 
ATOM   267  N N   . PHE A 1 40  ? -1.611  -25.102 0.563   1.00 67.44  ? 37  PHE A N   1 
ATOM   268  C CA  . PHE A 1 40  ? -1.537  -24.675 -0.835  1.00 64.65  ? 37  PHE A CA  1 
ATOM   269  C C   . PHE A 1 40  ? -2.814  -24.869 -1.645  1.00 65.96  ? 37  PHE A C   1 
ATOM   270  O O   . PHE A 1 40  ? -3.251  -24.001 -2.368  1.00 60.54  ? 37  PHE A O   1 
ATOM   271  C CB  . PHE A 1 40  ? -0.398  -25.375 -1.539  1.00 63.28  ? 37  PHE A CB  1 
ATOM   272  C CG  . PHE A 1 40  ? -0.070  -24.767 -2.852  1.00 67.29  ? 37  PHE A CG  1 
ATOM   273  C CD1 . PHE A 1 40  ? 0.749   -23.672 -2.961  1.00 66.36  ? 37  PHE A CD1 1 
ATOM   274  C CD2 . PHE A 1 40  ? -0.554  -25.337 -4.018  1.00 72.74  ? 37  PHE A CD2 1 
ATOM   275  C CE1 . PHE A 1 40  ? 1.098   -23.178 -4.198  1.00 63.55  ? 37  PHE A CE1 1 
ATOM   276  C CE2 . PHE A 1 40  ? -0.241  -24.827 -5.263  1.00 67.21  ? 37  PHE A CE2 1 
ATOM   277  C CZ  . PHE A 1 40  ? 0.601   -23.755 -5.347  1.00 65.26  ? 37  PHE A CZ  1 
ATOM   278  N N   . SER A 1 41  ? -3.378  -26.049 -1.558  1.00 71.93  ? 38  SER A N   1 
ATOM   279  C CA  . SER A 1 41  ? -4.525  -26.384 -2.379  1.00 77.73  ? 38  SER A CA  1 
ATOM   280  C C   . SER A 1 41  ? -5.836  -25.785 -1.900  1.00 71.86  ? 38  SER A C   1 
ATOM   281  O O   . SER A 1 41  ? -6.770  -25.603 -2.663  1.00 64.04  ? 38  SER A O   1 
ATOM   282  C CB  . SER A 1 41  ? -4.655  -27.863 -2.499  1.00 83.05  ? 38  SER A CB  1 
ATOM   283  O OG  . SER A 1 41  ? -3.512  -28.266 -3.200  1.00 85.39  ? 38  SER A OG  1 
ATOM   284  N N   . ASP A 1 42  ? -5.910  -25.471 -0.625  1.00 67.43  ? 39  ASP A N   1 
ATOM   285  C CA  . ASP A 1 42  ? -7.014  -24.682 -0.151  1.00 70.74  ? 39  ASP A CA  1 
ATOM   286  C C   . ASP A 1 42  ? -7.048  -23.329 -0.842  1.00 75.24  ? 39  ASP A C   1 
ATOM   287  O O   . ASP A 1 42  ? -8.029  -22.939 -1.438  1.00 74.59  ? 39  ASP A O   1 
ATOM   288  C CB  . ASP A 1 42  ? -6.870  -24.389 1.361   1.00 81.36  ? 39  ASP A CB  1 
ATOM   289  C CG  . ASP A 1 42  ? -6.873  -25.568 2.308   1.00 79.15  ? 39  ASP A CG  1 
ATOM   290  O OD1 . ASP A 1 42  ? -7.117  -26.712 1.861   1.00 71.16  ? 39  ASP A OD1 1 
ATOM   291  O OD2 . ASP A 1 42  ? -6.633  -25.301 3.506   1.00 67.58  ? 39  ASP A OD2 1 
ATOM   292  N N   . MET A 1 43  ? -5.918  -22.641 -0.800  1.00 69.84  ? 40  MET A N   1 
ATOM   293  C CA  . MET A 1 43  ? -5.802  -21.378 -1.437  1.00 60.95  ? 40  MET A CA  1 
ATOM   294  C C   . MET A 1 43  ? -6.079  -21.486 -2.891  1.00 60.81  ? 40  MET A C   1 
ATOM   295  O O   . MET A 1 43  ? -6.691  -20.632 -3.450  1.00 64.02  ? 40  MET A O   1 
ATOM   296  C CB  . MET A 1 43  ? -4.421  -20.800 -1.262  1.00 59.34  ? 40  MET A CB  1 
ATOM   297  C CG  . MET A 1 43  ? -4.199  -20.118 0.053   1.00 56.91  ? 40  MET A CG  1 
ATOM   298  S SD  . MET A 1 43  ? -2.632  -19.384 0.267   1.00 55.99  ? 40  MET A SD  1 
ATOM   299  C CE  . MET A 1 43  ? -1.649  -20.795 0.458   1.00 57.31  ? 40  MET A CE  1 
ATOM   300  N N   . LYS A 1 44  ? -5.553  -22.494 -3.526  1.00 63.97  ? 41  LYS A N   1 
ATOM   301  C CA  . LYS A 1 44  ? -5.714  -22.598 -4.941  1.00 71.82  ? 41  LYS A CA  1 
ATOM   302  C C   . LYS A 1 44  ? -7.157  -22.679 -5.352  1.00 79.14  ? 41  LYS A C   1 
ATOM   303  O O   . LYS A 1 44  ? -7.565  -21.929 -6.205  1.00 80.25  ? 41  LYS A O   1 
ATOM   304  C CB  . LYS A 1 44  ? -4.971  -23.757 -5.535  1.00 73.60  ? 41  LYS A CB  1 
ATOM   305  C CG  . LYS A 1 44  ? -5.010  -23.642 -7.052  1.00 78.38  ? 41  LYS A CG  1 
ATOM   306  C CD  . LYS A 1 44  ? -4.583  -24.919 -7.709  1.00 80.40  ? 41  LYS A CD  1 
ATOM   307  C CE  . LYS A 1 44  ? -5.469  -25.417 -8.823  1.00 88.32  ? 41  LYS A CE  1 
ATOM   308  N NZ  . LYS A 1 44  ? -6.830  -25.604 -8.329  1.00 89.28  ? 41  LYS A NZ  1 
ATOM   309  N N   . ARG A 1 45  ? -7.961  -23.530 -4.728  1.00 79.69  ? 42  ARG A N   1 
ATOM   310  C CA  . ARG A 1 45  ? -9.356  -23.544 -5.112  1.00 83.24  ? 42  ARG A CA  1 
ATOM   311  C C   . ARG A 1 45  ? -10.059 -22.242 -4.691  1.00 81.74  ? 42  ARG A C   1 
ATOM   312  O O   . ARG A 1 45  ? -10.833 -21.658 -5.430  1.00 80.29  ? 42  ARG A O   1 
ATOM   313  C CB  . ARG A 1 45  ? -10.093 -24.770 -4.546  1.00 82.76  ? 42  ARG A CB  1 
ATOM   314  C CG  . ARG A 1 45  ? -10.250 -24.798 -3.035  1.00 86.48  ? 42  ARG A CG  1 
ATOM   315  C CD  . ARG A 1 45  ? -10.699 -26.119 -2.411  1.00 85.46  ? 42  ARG A CD  1 
ATOM   316  N NE  . ARG A 1 45  ? -10.556 -25.988 -0.924  1.00 82.89  ? 42  ARG A NE  1 
ATOM   317  C CZ  . ARG A 1 45  ? -11.408 -25.266 -0.159  1.00 81.82  ? 42  ARG A CZ  1 
ATOM   318  N NH1 . ARG A 1 45  ? -12.582 -24.846 -0.683  1.00 83.06  ? 42  ARG A NH1 1 
ATOM   319  N NH2 . ARG A 1 45  ? -11.095 -24.975 1.128   1.00 67.25  ? 42  ARG A NH2 1 
ATOM   320  N N   . ASP A 1 46  ? -9.784  -21.801 -3.472  1.00 77.13  ? 43  ASP A N   1 
ATOM   321  C CA  . ASP A 1 46  ? -10.500 -20.676 -2.918  1.00 82.57  ? 43  ASP A CA  1 
ATOM   322  C C   . ASP A 1 46  ? -10.361 -19.388 -3.735  1.00 83.27  ? 43  ASP A C   1 
ATOM   323  O O   . ASP A 1 46  ? -11.333 -18.927 -4.274  1.00 90.69  ? 43  ASP A O   1 
ATOM   324  C CB  . ASP A 1 46  ? -10.161 -20.476 -1.447  1.00 79.37  ? 43  ASP A CB  1 
ATOM   325  C CG  . ASP A 1 46  ? -10.980 -21.460 -0.613  1.00 83.94  ? 43  ASP A CG  1 
ATOM   326  O OD1 . ASP A 1 46  ? -11.460 -22.430 -1.205  1.00 80.26  ? 43  ASP A OD1 1 
ATOM   327  O OD2 . ASP A 1 46  ? -11.202 -21.247 0.599   1.00 80.97  ? 43  ASP A OD2 1 
ATOM   328  N N   . LEU A 1 47  ? -9.137  -18.989 -4.050  1.00 82.15  ? 44  LEU A N   1 
ATOM   329  C CA  . LEU A 1 47  ? -8.891  -18.029 -5.125  1.00 76.56  ? 44  LEU A CA  1 
ATOM   330  C C   . LEU A 1 47  ? -9.211  -18.741 -6.406  1.00 82.84  ? 44  LEU A C   1 
ATOM   331  O O   . LEU A 1 47  ? -8.734  -19.819 -6.622  1.00 93.52  ? 44  LEU A O   1 
ATOM   332  C CB  . LEU A 1 47  ? -7.417  -17.680 -5.172  1.00 73.57  ? 44  LEU A CB  1 
ATOM   333  C CG  . LEU A 1 47  ? -6.876  -16.779 -4.064  1.00 76.70  ? 44  LEU A CG  1 
ATOM   334  C CD1 . LEU A 1 47  ? -7.795  -16.458 -2.893  1.00 73.31  ? 44  LEU A CD1 1 
ATOM   335  C CD2 . LEU A 1 47  ? -5.563  -17.296 -3.546  1.00 61.84  ? 44  LEU A CD2 1 
ATOM   336  N N   . LYS A 1 48  ? -10.154 -18.288 -7.162  1.00 83.28  ? 45  LYS A N   1 
ATOM   337  C CA  . LYS A 1 48  ? -10.627 -19.106 -8.281  1.00 84.64  ? 45  LYS A CA  1 
ATOM   338  C C   . LYS A 1 48  ? -9.601  -19.312 -9.413  1.00 82.96  ? 45  LYS A C   1 
ATOM   339  O O   . LYS A 1 48  ? -9.693  -20.256 -10.171 1.00 83.90  ? 45  LYS A O   1 
ATOM   340  C CB  . LYS A 1 48  ? -11.946 -18.599 -8.806  1.00 82.96  ? 45  LYS A CB  1 
ATOM   341  C CG  . LYS A 1 48  ? -13.044 -18.788 -7.759  1.00 73.93  ? 45  LYS A CG  1 
ATOM   342  C CD  . LYS A 1 48  ? -13.150 -17.676 -6.735  1.00 80.35  ? 45  LYS A CD  1 
ATOM   343  C CE  . LYS A 1 48  ? -14.243 -17.911 -5.721  1.00 90.23  ? 45  LYS A CE  1 
ATOM   344  N NZ  . LYS A 1 48  ? -14.053 -19.160 -4.965  1.00 88.03  ? 45  LYS A NZ  1 
ATOM   345  N N   . THR A 1 49  ? -8.979  -18.207 -9.745  1.00 83.66  ? 46  THR A N   1 
ATOM   346  C CA  . THR A 1 49  ? -8.450  -17.950 -11.058 1.00 81.59  ? 46  THR A CA  1 
ATOM   347  C C   . THR A 1 49  ? -6.945  -18.003 -11.049 1.00 82.23  ? 46  THR A C   1 
ATOM   348  O O   . THR A 1 49  ? -6.295  -17.877 -12.073 1.00 84.22  ? 46  THR A O   1 
ATOM   349  C CB  . THR A 1 49  ? -8.852  -16.536 -11.431 1.00 83.32  ? 46  THR A CB  1 
ATOM   350  O OG1 . THR A 1 49  ? -10.251 -16.503 -11.448 1.00 79.18  ? 46  THR A OG1 1 
ATOM   351  C CG2 . THR A 1 49  ? -8.323  -16.040 -12.775 1.00 78.32  ? 46  THR A CG2 1 
ATOM   352  N N   . ILE A 1 50  ? -6.363  -18.062 -9.866  1.00 80.66  ? 47  ILE A N   1 
ATOM   353  C CA  . ILE A 1 50  ? -4.937  -18.113 -9.815  1.00 81.80  ? 47  ILE A CA  1 
ATOM   354  C C   . ILE A 1 50  ? -4.420  -19.474 -10.283 1.00 81.56  ? 47  ILE A C   1 
ATOM   355  O O   . ILE A 1 50  ? -4.868  -20.529 -9.868  1.00 80.61  ? 47  ILE A O   1 
ATOM   356  C CB  . ILE A 1 50  ? -4.508  -17.839 -8.388  1.00 80.94  ? 47  ILE A CB  1 
ATOM   357  C CG1 . ILE A 1 50  ? -3.025  -17.548 -8.279  1.00 71.43  ? 47  ILE A CG1 1 
ATOM   358  C CG2 . ILE A 1 50  ? -4.987  -18.931 -7.445  1.00 74.52  ? 47  ILE A CG2 1 
ATOM   359  C CD1 . ILE A 1 50  ? -2.704  -16.842 -6.992  1.00 63.97  ? 47  ILE A CD1 1 
ATOM   360  N N   . THR A 1 51  ? -3.444  -19.417 -11.165 1.00 82.69  ? 48  THR A N   1 
ATOM   361  C CA  . THR A 1 51  ? -2.765  -20.586 -11.642 1.00 84.82  ? 48  THR A CA  1 
ATOM   362  C C   . THR A 1 51  ? -1.798  -21.049 -10.594 1.00 85.83  ? 48  THR A C   1 
ATOM   363  O O   . THR A 1 51  ? -1.259  -20.219 -9.890  1.00 86.28  ? 48  THR A O   1 
ATOM   364  C CB  . THR A 1 51  ? -2.093  -20.446 -13.003 1.00 94.38  ? 48  THR A CB  1 
ATOM   365  O OG1 . THR A 1 51  ? -0.734  -20.063 -12.937 1.00 90.08  ? 48  THR A OG1 1 
ATOM   366  C CG2 . THR A 1 51  ? -2.896  -19.460 -13.880 1.00 103.44 ? 48  THR A CG2 1 
ATOM   367  N N   . PRO A 1 52  ? -1.662  -22.269 -10.244 1.00 85.83  ? 49  PRO A N   1 
ATOM   368  C CA  . PRO A 1 52  ? -0.753  -22.557 -9.163  1.00 81.76  ? 49  PRO A CA  1 
ATOM   369  C C   . PRO A 1 52  ? 0.730   -22.220 -9.414  1.00 72.19  ? 49  PRO A C   1 
ATOM   370  O O   . PRO A 1 52  ? 1.454   -22.030 -8.450  1.00 66.18  ? 49  PRO A O   1 
ATOM   371  C CB  . PRO A 1 52  ? -0.997  -24.004 -9.096  1.00 88.25  ? 49  PRO A CB  1 
ATOM   372  C CG  . PRO A 1 52  ? -1.105  -24.471 -10.516 1.00 71.68  ? 49  PRO A CG  1 
ATOM   373  C CD  . PRO A 1 52  ? -1.752  -23.310 -11.195 1.00 83.55  ? 49  PRO A CD  1 
ATOM   374  N N   . ARG A 1 53  ? 1.173   -22.035 -10.655 1.00 76.81  ? 50  ARG A N   1 
ATOM   375  C CA  . ARG A 1 53  ? 2.455   -21.391 -10.899 1.00 81.31  ? 50  ARG A CA  1 
ATOM   376  C C   . ARG A 1 53  ? 2.533   -20.089 -10.166 1.00 74.38  ? 50  ARG A C   1 
ATOM   377  O O   . ARG A 1 53  ? 3.556   -19.697 -9.648  1.00 69.98  ? 50  ARG A O   1 
ATOM   378  C CB  . ARG A 1 53  ? 2.691   -21.066 -12.365 1.00 84.61  ? 50  ARG A CB  1 
ATOM   379  C CG  . ARG A 1 53  ? 3.037   -22.216 -13.291 1.00 94.09  ? 50  ARG A CG  1 
ATOM   380  C CD  . ARG A 1 53  ? 2.136   -22.150 -14.517 1.00 100.25 ? 50  ARG A CD  1 
ATOM   381  N NE  . ARG A 1 53  ? 2.421   -23.314 -15.388 1.00 121.97 ? 50  ARG A NE  1 
ATOM   382  C CZ  . ARG A 1 53  ? 1.468   -24.211 -15.773 1.00 134.87 ? 50  ARG A CZ  1 
ATOM   383  N NH1 . ARG A 1 53  ? 0.143   -24.024 -15.497 1.00 133.16 ? 50  ARG A NH1 1 
ATOM   384  N NH2 . ARG A 1 53  ? 1.850   -25.351 -16.421 1.00 132.36 ? 50  ARG A NH2 1 
ATOM   385  N N   . ALA A 1 54  ? 1.461   -19.343 -10.307 1.00 69.88  ? 51  ALA A N   1 
ATOM   386  C CA  . ALA A 1 54  ? 1.432   -18.036 -9.785  1.00 68.79  ? 51  ALA A CA  1 
ATOM   387  C C   . ALA A 1 54  ? 1.360   -18.042 -8.311  1.00 66.16  ? 51  ALA A C   1 
ATOM   388  O O   . ALA A 1 54  ? 2.084   -17.328 -7.671  1.00 64.45  ? 51  ALA A O   1 
ATOM   389  C CB  . ALA A 1 54  ? 0.214   -17.323 -10.307 1.00 74.27  ? 51  ALA A CB  1 
ATOM   390  N N   . LEU A 1 55  ? 0.485   -18.848 -7.757  1.00 63.35  ? 52  LEU A N   1 
ATOM   391  C CA  . LEU A 1 55  ? 0.373   -18.898 -6.322  1.00 61.56  ? 52  LEU A CA  1 
ATOM   392  C C   . LEU A 1 55  ? 1.680   -19.111 -5.571  1.00 51.80  ? 52  LEU A C   1 
ATOM   393  O O   . LEU A 1 55  ? 1.969   -18.453 -4.613  1.00 47.49  ? 52  LEU A O   1 
ATOM   394  C CB  . LEU A 1 55  ? -0.617  -19.970 -5.971  1.00 64.12  ? 52  LEU A CB  1 
ATOM   395  C CG  . LEU A 1 55  ? -0.934  -20.132 -4.500  1.00 63.06  ? 52  LEU A CG  1 
ATOM   396  C CD1 . LEU A 1 55  ? -1.277  -18.852 -3.785  1.00 54.66  ? 52  LEU A CD1 1 
ATOM   397  C CD2 . LEU A 1 55  ? -2.090  -21.079 -4.370  1.00 60.39  ? 52  LEU A CD2 1 
ATOM   398  N N   . SER A 1 56  ? 2.468   -20.034 -6.059  1.00 55.87  ? 53  SER A N   1 
ATOM   399  C CA  . SER A 1 56  ? 3.796   -20.277 -5.555  1.00 58.48  ? 53  SER A CA  1 
ATOM   400  C C   . SER A 1 56  ? 4.714   -19.085 -5.641  1.00 61.44  ? 53  SER A C   1 
ATOM   401  O O   . SER A 1 56  ? 5.470   -18.815 -4.744  1.00 54.45  ? 53  SER A O   1 
ATOM   402  C CB  . SER A 1 56  ? 4.426   -21.526 -6.159  1.00 65.34  ? 53  SER A CB  1 
ATOM   403  O OG  . SER A 1 56  ? 3.985   -21.754 -7.462  1.00 63.51  ? 53  SER A OG  1 
ATOM   404  N N   . LEU A 1 57  ? 4.684   -18.412 -6.777  1.00 67.68  ? 54  LEU A N   1 
ATOM   405  C CA  . LEU A 1 57  ? 5.543   -17.278 -7.022  1.00 61.32  ? 54  LEU A CA  1 
ATOM   406  C C   . LEU A 1 57  ? 5.257   -16.125 -6.078  1.00 57.43  ? 54  LEU A C   1 
ATOM   407  O O   . LEU A 1 57  ? 6.137   -15.562 -5.463  1.00 56.45  ? 54  LEU A O   1 
ATOM   408  C CB  . LEU A 1 57  ? 5.286   -16.854 -8.446  1.00 61.36  ? 54  LEU A CB  1 
ATOM   409  C CG  . LEU A 1 57  ? 6.043   -15.670 -9.013  1.00 67.75  ? 54  LEU A CG  1 
ATOM   410  C CD1 . LEU A 1 57  ? 5.244   -14.395 -8.894  1.00 65.34  ? 54  LEU A CD1 1 
ATOM   411  C CD2 . LEU A 1 57  ? 7.470   -15.537 -8.507  1.00 71.97  ? 54  LEU A CD2 1 
ATOM   412  N N   . LYS A 1 58  ? 3.976   -15.900 -5.880  1.00 57.54  ? 55  LYS A N   1 
ATOM   413  C CA  . LYS A 1 58  ? 3.458   -14.938 -4.950  1.00 57.31  ? 55  LYS A CA  1 
ATOM   414  C C   . LYS A 1 58  ? 3.786   -15.282 -3.513  1.00 57.38  ? 55  LYS A C   1 
ATOM   415  O O   . LYS A 1 58  ? 4.185   -14.454 -2.740  1.00 55.42  ? 55  LYS A O   1 
ATOM   416  C CB  . LYS A 1 58  ? 1.981   -14.789 -5.143  1.00 51.38  ? 55  LYS A CB  1 
ATOM   417  C CG  . LYS A 1 58  ? 1.591   -14.330 -6.529  1.00 62.04  ? 55  LYS A CG  1 
ATOM   418  C CD  . LYS A 1 58  ? 2.136   -12.988 -6.921  1.00 67.58  ? 55  LYS A CD  1 
ATOM   419  C CE  . LYS A 1 58  ? 1.660   -12.556 -8.278  1.00 63.20  ? 55  LYS A CE  1 
ATOM   420  N NZ  . LYS A 1 58  ? 2.362   -11.339 -8.666  1.00 60.88  ? 55  LYS A NZ  1 
ATOM   421  N N   . LEU A 1 59  ? 3.631   -16.530 -3.163  1.00 49.69  ? 56  LEU A N   1 
ATOM   422  C CA  . LEU A 1 59  ? 3.918   -16.961 -1.840  1.00 51.08  ? 56  LEU A CA  1 
ATOM   423  C C   . LEU A 1 59  ? 5.377   -16.818 -1.535  1.00 57.60  ? 56  LEU A C   1 
ATOM   424  O O   . LEU A 1 59  ? 5.738   -16.292 -0.521  1.00 60.19  ? 56  LEU A O   1 
ATOM   425  C CB  . LEU A 1 59  ? 3.473   -18.388 -1.629  1.00 49.34  ? 56  LEU A CB  1 
ATOM   426  C CG  . LEU A 1 59  ? 1.965   -18.560 -1.455  1.00 47.39  ? 56  LEU A CG  1 
ATOM   427  C CD1 . LEU A 1 59  ? 1.546   -19.989 -1.666  1.00 44.19  ? 56  LEU A CD1 1 
ATOM   428  C CD2 . LEU A 1 59  ? 1.458   -18.057 -0.136  1.00 39.97  ? 56  LEU A CD2 1 
ATOM   429  N N   . SER A 1 60  ? 6.223   -17.171 -2.477  1.00 61.85  ? 57  SER A N   1 
ATOM   430  C CA  . SER A 1 60  ? 7.649   -16.918 -2.342  1.00 62.57  ? 57  SER A CA  1 
ATOM   431  C C   . SER A 1 60  ? 7.978   -15.448 -2.079  1.00 62.31  ? 57  SER A C   1 
ATOM   432  O O   . SER A 1 60  ? 8.759   -15.133 -1.218  1.00 64.98  ? 57  SER A O   1 
ATOM   433  C CB  . SER A 1 60  ? 8.478   -17.477 -3.488  1.00 59.29  ? 57  SER A CB  1 
ATOM   434  O OG  . SER A 1 60  ? 8.357   -16.744 -4.671  1.00 75.25  ? 57  SER A OG  1 
ATOM   435  N N   . GLU A 1 61  ? 7.341   -14.549 -2.812  1.00 57.73  ? 58  GLU A N   1 
ATOM   436  C CA  . GLU A 1 61  ? 7.555   -13.148 -2.594  1.00 61.71  ? 58  GLU A CA  1 
ATOM   437  C C   . GLU A 1 61  ? 7.215   -12.730 -1.177  1.00 63.24  ? 58  GLU A C   1 
ATOM   438  O O   . GLU A 1 61  ? 7.961   -12.024 -0.539  1.00 58.80  ? 58  GLU A O   1 
ATOM   439  C CB  . GLU A 1 61  ? 6.703   -12.296 -3.509  1.00 61.93  ? 58  GLU A CB  1 
ATOM   440  C CG  . GLU A 1 61  ? 7.080   -12.270 -4.963  1.00 61.78  ? 58  GLU A CG  1 
ATOM   441  C CD  . GLU A 1 61  ? 6.407   -11.064 -5.542  1.00 74.54  ? 58  GLU A CD  1 
ATOM   442  O OE1 . GLU A 1 61  ? 6.760   -9.943  -5.128  1.00 75.85  ? 58  GLU A OE1 1 
ATOM   443  O OE2 . GLU A 1 61  ? 5.538   -11.214 -6.415  1.00 76.05  ? 58  GLU A OE2 1 
ATOM   444  N N   . LEU A 1 62  ? 6.047   -13.122 -0.703  1.00 61.48  ? 59  LEU A N   1 
ATOM   445  C CA  . LEU A 1 62  ? 5.628   -12.710 0.612   1.00 63.87  ? 59  LEU A CA  1 
ATOM   446  C C   . LEU A 1 62  ? 6.448   -13.388 1.674   1.00 64.61  ? 59  LEU A C   1 
ATOM   447  O O   . LEU A 1 62  ? 6.606   -12.898 2.760   1.00 61.15  ? 59  LEU A O   1 
ATOM   448  C CB  . LEU A 1 62  ? 4.205   -13.150 0.839   1.00 51.76  ? 59  LEU A CB  1 
ATOM   449  C CG  . LEU A 1 62  ? 3.208   -12.669 -0.179  1.00 58.77  ? 59  LEU A CG  1 
ATOM   450  C CD1 . LEU A 1 62  ? 1.933   -13.453 -0.060  1.00 50.51  ? 59  LEU A CD1 1 
ATOM   451  C CD2 . LEU A 1 62  ? 2.961   -11.203 -0.045  1.00 52.00  ? 59  LEU A CD2 1 
ATOM   452  N N   . ALA A 1 63  ? 7.065   -14.471 1.275   1.00 62.16  ? 60  ALA A N   1 
ATOM   453  C CA  . ALA A 1 63  ? 7.953   -15.225 2.075   1.00 60.00  ? 60  ALA A CA  1 
ATOM   454  C C   . ALA A 1 63  ? 9.206   -14.469 2.257   1.00 64.93  ? 60  ALA A C   1 
ATOM   455  O O   . ALA A 1 63  ? 9.743   -14.366 3.336   1.00 66.14  ? 60  ALA A O   1 
ATOM   456  C CB  . ALA A 1 63  ? 8.182   -16.582 1.495   1.00 56.97  ? 60  ALA A CB  1 
ATOM   457  N N   . GLN A 1 64  ? 9.702   -13.987 1.141   1.00 71.72  ? 61  GLN A N   1 
ATOM   458  C CA  . GLN A 1 64  ? 10.932  -13.284 1.088   1.00 69.91  ? 61  GLN A CA  1 
ATOM   459  C C   . GLN A 1 64  ? 10.833  -12.013 1.889   1.00 67.93  ? 61  GLN A C   1 
ATOM   460  O O   . GLN A 1 64  ? 11.644  -11.743 2.744   1.00 77.43  ? 61  GLN A O   1 
ATOM   461  C CB  . GLN A 1 64  ? 11.190  -12.917 -0.360  1.00 74.24  ? 61  GLN A CB  1 
ATOM   462  C CG  . GLN A 1 64  ? 12.578  -13.292 -0.829  1.00 90.62  ? 61  GLN A CG  1 
ATOM   463  C CD  . GLN A 1 64  ? 12.466  -14.366 -1.887  1.00 97.77  ? 61  GLN A CD  1 
ATOM   464  O OE1 . GLN A 1 64  ? 11.798  -14.163 -2.916  1.00 86.11  ? 61  GLN A OE1 1 
ATOM   465  N NE2 . GLN A 1 64  ? 13.138  -15.520 -1.635  1.00 94.07  ? 61  GLN A NE2 1 
ATOM   466  N N   . TRP A 1 65  ? 9.703   -11.374 1.748   1.00 63.22  ? 62  TRP A N   1 
ATOM   467  C CA  . TRP A 1 65  ? 9.273   -10.329 2.625   1.00 66.24  ? 62  TRP A CA  1 
ATOM   468  C C   . TRP A 1 65  ? 9.119   -10.633 4.110   1.00 70.94  ? 62  TRP A C   1 
ATOM   469  O O   . TRP A 1 65  ? 9.163   -9.714  4.897   1.00 71.82  ? 62  TRP A O   1 
ATOM   470  C CB  . TRP A 1 65  ? 8.199   -9.467  2.032   1.00 69.41  ? 62  TRP A CB  1 
ATOM   471  C CG  . TRP A 1 65  ? 8.927   -8.238  1.624   1.00 82.88  ? 62  TRP A CG  1 
ATOM   472  C CD1 . TRP A 1 65  ? 10.100  -8.130  0.953   1.00 87.96  ? 62  TRP A CD1 1 
ATOM   473  C CD2 . TRP A 1 65  ? 8.737   -7.014  2.248   1.00 83.26  ? 62  TRP A CD2 1 
ATOM   474  N NE1 . TRP A 1 65  ? 10.676  -6.935  1.205   1.00 85.68  ? 62  TRP A NE1 1 
ATOM   475  C CE2 . TRP A 1 65  ? 9.862   -6.239  1.980   1.00 89.08  ? 62  TRP A CE2 1 
ATOM   476  C CE3 . TRP A 1 65  ? 7.714   -6.572  3.000   1.00 71.64  ? 62  TRP A CE3 1 
ATOM   477  C CZ2 . TRP A 1 65  ? 9.984   -4.977  2.471   1.00 88.33  ? 62  TRP A CZ2 1 
ATOM   478  C CZ3 . TRP A 1 65  ? 7.822   -5.297  3.480   1.00 81.18  ? 62  TRP A CZ3 1 
ATOM   479  C CH2 . TRP A 1 65  ? 8.926   -4.497  3.219   1.00 86.56  ? 62  TRP A CH2 1 
ATOM   480  N N   . GLU A 1 66  ? 9.004   -11.910 4.479   1.00 68.50  ? 63  GLU A N   1 
ATOM   481  C CA  . GLU A 1 66  ? 8.773   -12.326 5.855   1.00 67.34  ? 63  GLU A CA  1 
ATOM   482  C C   . GLU A 1 66  ? 7.377   -12.025 6.350   1.00 65.95  ? 63  GLU A C   1 
ATOM   483  O O   . GLU A 1 66  ? 7.174   -11.568 7.447   1.00 68.20  ? 63  GLU A O   1 
ATOM   484  C CB  . GLU A 1 66  ? 9.816   -11.786 6.841   1.00 72.73  ? 63  GLU A CB  1 
ATOM   485  C CG  . GLU A 1 66  ? 11.246  -12.165 6.446   1.00 81.75  ? 63  GLU A CG  1 
ATOM   486  C CD  . GLU A 1 66  ? 12.308  -11.384 7.203   1.00 91.69  ? 63  GLU A CD  1 
ATOM   487  O OE1 . GLU A 1 66  ? 11.963  -10.383 7.860   1.00 90.41  ? 63  GLU A OE1 1 
ATOM   488  O OE2 . GLU A 1 66  ? 13.494  -11.767 7.095   1.00 88.07  ? 63  GLU A OE2 1 
ATOM   489  N N   . LEU A 1 67  ? 6.425   -12.273 5.498   1.00 62.90  ? 64  LEU A N   1 
ATOM   490  C CA  . LEU A 1 67  ? 5.033   -12.090 5.787   1.00 61.56  ? 64  LEU A CA  1 
ATOM   491  C C   . LEU A 1 67  ? 4.371   -13.451 5.895   1.00 62.17  ? 64  LEU A C   1 
ATOM   492  O O   . LEU A 1 67  ? 3.499   -13.653 6.694   1.00 67.89  ? 64  LEU A O   1 
ATOM   493  C CB  . LEU A 1 67  ? 4.369   -11.297 4.677   1.00 67.96  ? 64  LEU A CB  1 
ATOM   494  C CG  . LEU A 1 67  ? 4.954   -9.918  4.419   1.00 60.17  ? 64  LEU A CG  1 
ATOM   495  C CD1 . LEU A 1 67  ? 4.270   -9.239  3.263   1.00 49.74  ? 64  LEU A CD1 1 
ATOM   496  C CD2 . LEU A 1 67  ? 4.844   -9.029  5.612   1.00 64.07  ? 64  LEU A CD2 1 
ATOM   497  N N   . VAL A 1 68  ? 4.884   -14.395 5.132   1.00 57.48  ? 65  VAL A N   1 
ATOM   498  C CA  . VAL A 1 68  ? 4.386   -15.737 5.120   1.00 56.11  ? 65  VAL A CA  1 
ATOM   499  C C   . VAL A 1 68  ? 5.532   -16.682 5.457   1.00 65.22  ? 65  VAL A C   1 
ATOM   500  O O   . VAL A 1 68  ? 6.621   -16.501 4.976   1.00 64.64  ? 65  VAL A O   1 
ATOM   501  C CB  . VAL A 1 68  ? 3.856   -16.078 3.762   1.00 59.50  ? 65  VAL A CB  1 
ATOM   502  C CG1 . VAL A 1 68  ? 3.449   -17.526 3.664   1.00 66.71  ? 65  VAL A CG1 1 
ATOM   503  C CG2 . VAL A 1 68  ? 2.667   -15.202 3.490   1.00 57.57  ? 65  VAL A CG2 1 
ATOM   504  N N   . GLU A 1 69  ? 5.254   -17.721 6.253   1.00 67.03  ? 66  GLU A N   1 
ATOM   505  C CA  . GLU A 1 69  ? 6.164   -18.844 6.449   1.00 64.64  ? 66  GLU A CA  1 
ATOM   506  C C   . GLU A 1 69  ? 5.585   -20.110 5.856   1.00 64.55  ? 66  GLU A C   1 
ATOM   507  O O   . GLU A 1 69  ? 4.483   -20.466 6.170   1.00 60.50  ? 66  GLU A O   1 
ATOM   508  C CB  . GLU A 1 69  ? 6.403   -19.115 7.911   1.00 67.69  ? 66  GLU A CB  1 
ATOM   509  C CG  . GLU A 1 69  ? 7.646   -18.435 8.418   1.00 74.39  ? 66  GLU A CG  1 
ATOM   510  C CD  . GLU A 1 69  ? 7.896   -18.819 9.851   1.00 82.00  ? 66  GLU A CD  1 
ATOM   511  O OE1 . GLU A 1 69  ? 7.237   -19.731 10.390  1.00 73.89  ? 66  GLU A OE1 1 
ATOM   512  O OE2 . GLU A 1 69  ? 8.791   -18.181 10.441  1.00 87.60  ? 66  GLU A OE2 1 
ATOM   513  N N   . LYS A 1 70  ? 6.343   -20.784 5.002   1.00 67.17  ? 67  LYS A N   1 
ATOM   514  C CA  . LYS A 1 70  ? 6.022   -22.133 4.563   1.00 62.75  ? 67  LYS A CA  1 
ATOM   515  C C   . LYS A 1 70  ? 6.518   -23.175 5.539   1.00 61.59  ? 67  LYS A C   1 
ATOM   516  O O   . LYS A 1 70  ? 7.652   -23.156 5.926   1.00 62.31  ? 67  LYS A O   1 
ATOM   517  C CB  . LYS A 1 70  ? 6.622   -22.429 3.224   1.00 57.82  ? 67  LYS A CB  1 
ATOM   518  C CG  . LYS A 1 70  ? 6.169   -23.737 2.624   1.00 62.13  ? 67  LYS A CG  1 
ATOM   519  C CD  . LYS A 1 70  ? 7.191   -24.111 1.587   1.00 77.33  ? 67  LYS A CD  1 
ATOM   520  C CE  . LYS A 1 70  ? 6.995   -25.454 0.906   1.00 87.63  ? 67  LYS A CE  1 
ATOM   521  N NZ  . LYS A 1 70  ? 8.160   -25.691 0.034   1.00 83.43  ? 67  LYS A NZ  1 
ATOM   522  N N   . GLN A 1 71  ? 5.648   -24.071 5.937   1.00 62.89  ? 68  GLN A N   1 
ATOM   523  C CA  . GLN A 1 71  ? 5.970   -25.067 6.889   1.00 66.65  ? 68  GLN A CA  1 
ATOM   524  C C   . GLN A 1 71  ? 5.687   -26.393 6.324   1.00 58.31  ? 68  GLN A C   1 
ATOM   525  O O   . GLN A 1 71  ? 4.620   -26.620 5.848   1.00 57.47  ? 68  GLN A O   1 
ATOM   526  C CB  . GLN A 1 71  ? 5.094   -24.911 8.095   1.00 66.98  ? 68  GLN A CB  1 
ATOM   527  C CG  . GLN A 1 71  ? 5.099   -23.488 8.586   1.00 64.37  ? 68  GLN A CG  1 
ATOM   528  C CD  . GLN A 1 71  ? 4.447   -23.530 9.918   1.00 68.19  ? 68  GLN A CD  1 
ATOM   529  O OE1 . GLN A 1 71  ? 3.433   -24.197 10.092  1.00 74.37  ? 68  GLN A OE1 1 
ATOM   530  N NE2 . GLN A 1 71  ? 5.013   -22.829 10.906  1.00 73.93  ? 68  GLN A NE2 1 
ATOM   531  N N   . ILE A 1 72  ? 6.651   -27.265 6.362   1.00 64.55  ? 69  ILE A N   1 
ATOM   532  C CA  . ILE A 1 72  ? 6.410   -28.635 6.014   1.00 65.07  ? 69  ILE A CA  1 
ATOM   533  C C   . ILE A 1 72  ? 6.104   -29.402 7.296   1.00 68.47  ? 69  ILE A C   1 
ATOM   534  O O   . ILE A 1 72  ? 6.810   -29.312 8.277   1.00 70.21  ? 69  ILE A O   1 
ATOM   535  C CB  . ILE A 1 72  ? 7.630   -29.241 5.340   1.00 69.21  ? 69  ILE A CB  1 
ATOM   536  C CG1 . ILE A 1 72  ? 8.137   -28.416 4.161   1.00 72.62  ? 69  ILE A CG1 1 
ATOM   537  C CG2 . ILE A 1 72  ? 7.347   -30.632 4.868   1.00 69.13  ? 69  ILE A CG2 1 
ATOM   538  C CD1 . ILE A 1 72  ? 9.247   -27.410 4.504   1.00 79.42  ? 69  ILE A CD1 1 
ATOM   539  N N   . ILE A 1 73  ? 4.965   -30.030 7.502   1.00 68.12  ? 70  ILE A N   1 
ATOM   540  C CA  . ILE A 1 73  ? 4.651   -30.885 8.625   1.00 70.49  ? 70  ILE A CA  1 
ATOM   541  C C   . ILE A 1 73  ? 4.956   -32.304 8.211   1.00 87.89  ? 70  ILE A C   1 
ATOM   542  O O   . ILE A 1 73  ? 4.485   -32.798 7.174   1.00 85.85  ? 70  ILE A O   1 
ATOM   543  C CB  . ILE A 1 73  ? 3.199   -30.750 9.084   1.00 67.76  ? 70  ILE A CB  1 
ATOM   544  C CG1 . ILE A 1 73  ? 2.816   -29.278 9.178   1.00 65.63  ? 70  ILE A CG1 1 
ATOM   545  C CG2 . ILE A 1 73  ? 3.015   -31.429 10.420  1.00 68.85  ? 70  ILE A CG2 1 
ATOM   546  C CD1 . ILE A 1 73  ? 3.774   -28.450 10.022  1.00 64.30  ? 70  ILE A CD1 1 
ATOM   547  N N   . SER A 1 74  ? 5.780   -32.950 9.020   1.00 92.13  ? 71  SER A N   1 
ATOM   548  C CA  . SER A 1 74  ? 6.237   -34.295 8.729   1.00 86.63  ? 71  SER A CA  1 
ATOM   549  C C   . SER A 1 74  ? 5.241   -35.330 9.223   1.00 92.30  ? 71  SER A C   1 
ATOM   550  O O   . SER A 1 74  ? 5.588   -36.497 9.396   1.00 101.74 ? 71  SER A O   1 
ATOM   551  C CB  . SER A 1 74  ? 7.614   -34.529 9.337   1.00 81.42  ? 71  SER A CB  1 
ATOM   552  O OG  . SER A 1 74  ? 8.506   -33.499 8.944   1.00 84.42  ? 71  SER A OG  1 
ATOM   553  N N   . THR A 1 75  ? 4.011   -34.889 9.475   1.00 92.84  ? 72  THR A N   1 
ATOM   554  C CA  . THR A 1 75  ? 2.891   -35.809 9.554   1.00 100.58 ? 72  THR A CA  1 
ATOM   555  C C   . THR A 1 75  ? 3.145   -36.318 8.146   1.00 105.08 ? 72  THR A C   1 
ATOM   556  O O   . THR A 1 75  ? 2.957   -35.585 7.178   1.00 102.72 ? 72  THR A O   1 
ATOM   557  C CB  . THR A 1 75  ? 1.579   -35.063 9.779   1.00 89.24  ? 72  THR A CB  1 
ATOM   558  O OG1 . THR A 1 75  ? 1.562   -33.894 8.950   1.00 84.21  ? 72  THR A OG1 1 
ATOM   559  C CG2 . THR A 1 75  ? 1.430   -34.655 11.249  1.00 79.17  ? 72  THR A CG2 1 
ATOM   560  N N   . SER A 1 76  ? 3.819   -37.395 7.876   1.00 107.63 ? 73  SER A N   1 
ATOM   561  C CA  . SER A 1 76  ? 3.939   -37.956 6.544   1.00 103.61 ? 73  SER A CA  1 
ATOM   562  C C   . SER A 1 76  ? 2.805   -38.961 6.330   1.00 109.78 ? 73  SER A C   1 
ATOM   563  O O   . SER A 1 76  ? 2.908   -40.099 6.761   1.00 109.58 ? 73  SER A O   1 
ATOM   564  C CB  . SER A 1 76  ? 5.307   -38.626 6.367   1.00 99.82  ? 73  SER A CB  1 
ATOM   565  O OG  . SER A 1 76  ? 5.577   -39.617 7.332   1.00 107.10 ? 73  SER A OG  1 
ATOM   566  N N   . PRO A 1 77  ? 1.600   -38.581 5.862   1.00 109.00 ? 74  PRO A N   1 
ATOM   567  C CA  . PRO A 1 77  ? 1.264   -38.324 4.446   1.00 106.84 ? 74  PRO A CA  1 
ATOM   568  C C   . PRO A 1 77  ? 1.611   -36.920 3.906   1.00 109.04 ? 74  PRO A C   1 
ATOM   569  O O   . PRO A 1 77  ? 1.338   -36.673 2.734   1.00 111.12 ? 74  PRO A O   1 
ATOM   570  C CB  . PRO A 1 77  ? -0.218  -38.556 4.458   1.00 101.00 ? 74  PRO A CB  1 
ATOM   571  C CG  . PRO A 1 77  ? -0.649  -38.342 5.889   1.00 101.50 ? 74  PRO A CG  1 
ATOM   572  C CD  . PRO A 1 77  ? 0.464   -38.994 6.627   1.00 102.06 ? 74  PRO A CD  1 
ATOM   573  N N   . VAL A 1 78  ? 2.380   -36.058 4.767   1.00 101.06 ? 75  VAL A N   1 
ATOM   574  C CA  . VAL A 1 78  ? 2.870   -34.725 4.411   1.00 95.73  ? 75  VAL A CA  1 
ATOM   575  C C   . VAL A 1 78  ? 1.725   -33.790 4.752   1.00 95.86  ? 75  VAL A C   1 
ATOM   576  O O   . VAL A 1 78  ? 0.620   -34.261 4.937   1.00 100.56 ? 75  VAL A O   1 
ATOM   577  C CB  . VAL A 1 78  ? 3.585   -34.664 3.095   1.00 89.91  ? 75  VAL A CB  1 
ATOM   578  C CG1 . VAL A 1 78  ? 4.076   -33.260 2.843   1.00 89.04  ? 75  VAL A CG1 1 
ATOM   579  C CG2 . VAL A 1 78  ? 4.776   -35.604 3.262   1.00 89.04  ? 75  VAL A CG2 1 
ATOM   580  N N   . GLN A 1 79  ? 1.940   -32.553 5.060   1.00 85.78  ? 76  GLN A N   1 
ATOM   581  C CA  . GLN A 1 79  ? 1.192   -31.352 4.795   1.00 76.85  ? 76  GLN A CA  1 
ATOM   582  C C   . GLN A 1 79  ? 2.135   -30.202 4.544   1.00 73.88  ? 76  GLN A C   1 
ATOM   583  O O   . GLN A 1 79  ? 3.154   -30.116 5.187   1.00 77.87  ? 76  GLN A O   1 
ATOM   584  C CB  . GLN A 1 79  ? 0.363   -31.007 6.022   1.00 75.72  ? 76  GLN A CB  1 
ATOM   585  C CG  . GLN A 1 79  ? -0.399  -32.187 6.565   1.00 77.04  ? 76  GLN A CG  1 
ATOM   586  C CD  . GLN A 1 79  ? -1.328  -31.724 7.654   1.00 91.17  ? 76  GLN A CD  1 
ATOM   587  O OE1 . GLN A 1 79  ? -0.975  -30.870 8.480   1.00 88.25  ? 76  GLN A OE1 1 
ATOM   588  N NE2 . GLN A 1 79  ? -2.570  -32.308 7.683   1.00 108.26 ? 76  GLN A NE2 1 
ATOM   589  N N   . ILE A 1 80  ? 1.798   -29.346 3.584   1.00 70.54  ? 77  ILE A N   1 
ATOM   590  C CA  . ILE A 1 80  ? 2.475   -28.094 3.374   1.00 66.34  ? 77  ILE A CA  1 
ATOM   591  C C   . ILE A 1 80  ? 1.533   -26.939 3.685   1.00 59.89  ? 77  ILE A C   1 
ATOM   592  O O   . ILE A 1 80  ? 0.501   -26.794 3.059   1.00 61.30  ? 77  ILE A O   1 
ATOM   593  C CB  . ILE A 1 80  ? 2.996   -27.982 1.946   1.00 69.98  ? 77  ILE A CB  1 
ATOM   594  C CG1 . ILE A 1 80  ? 3.806   -29.189 1.530   1.00 68.04  ? 77  ILE A CG1 1 
ATOM   595  C CG2 . ILE A 1 80  ? 3.837   -26.745 1.757   1.00 71.90  ? 77  ILE A CG2 1 
ATOM   596  C CD1 . ILE A 1 80  ? 5.110   -29.388 2.297   1.00 78.16  ? 77  ILE A CD1 1 
ATOM   597  N N   . ILE A 1 81  ? 1.896   -26.106 4.642   1.00 59.04  ? 78  ILE A N   1 
ATOM   598  C CA  . ILE A 1 81  ? 1.025   -25.029 5.013   1.00 59.28  ? 78  ILE A CA  1 
ATOM   599  C C   . ILE A 1 81  ? 1.760   -23.704 4.916   1.00 56.19  ? 78  ILE A C   1 
ATOM   600  O O   . ILE A 1 81  ? 2.903   -23.599 5.234   1.00 53.41  ? 78  ILE A O   1 
ATOM   601  C CB  . ILE A 1 81  ? 0.577   -25.231 6.461   1.00 62.15  ? 78  ILE A CB  1 
ATOM   602  C CG1 . ILE A 1 81  ? 0.240   -26.689 6.741   1.00 65.94  ? 78  ILE A CG1 1 
ATOM   603  C CG2 . ILE A 1 81  ? -0.619  -24.393 6.770   1.00 63.77  ? 78  ILE A CG2 1 
ATOM   604  C CD1 . ILE A 1 81  ? -0.307  -26.975 8.139   1.00 75.27  ? 78  ILE A CD1 1 
ATOM   605  N N   . TYR A 1 82  ? 1.022   -22.654 4.638   1.00 63.70  ? 79  TYR A N   1 
ATOM   606  C CA  . TYR A 1 82  ? 1.566   -21.321 4.597   1.00 62.67  ? 79  TYR A CA  1 
ATOM   607  C C   . TYR A 1 82  ? 0.925   -20.552 5.719   1.00 61.10  ? 79  TYR A C   1 
ATOM   608  O O   . TYR A 1 82  ? -0.254  -20.654 5.888   1.00 64.34  ? 79  TYR A O   1 
ATOM   609  C CB  . TYR A 1 82  ? 1.167   -20.688 3.276   1.00 59.10  ? 79  TYR A CB  1 
ATOM   610  C CG  . TYR A 1 82  ? 1.830   -21.411 2.178   1.00 57.80  ? 79  TYR A CG  1 
ATOM   611  C CD1 . TYR A 1 82  ? 1.365   -22.608 1.654   1.00 61.49  ? 79  TYR A CD1 1 
ATOM   612  C CD2 . TYR A 1 82  ? 3.002   -20.915 1.695   1.00 50.33  ? 79  TYR A CD2 1 
ATOM   613  C CE1 . TYR A 1 82  ? 2.113   -23.317 0.720   1.00 61.41  ? 79  TYR A CE1 1 
ATOM   614  C CE2 . TYR A 1 82  ? 3.721   -21.585 0.727   1.00 56.41  ? 79  TYR A CE2 1 
ATOM   615  C CZ  . TYR A 1 82  ? 3.286   -22.779 0.236   1.00 62.67  ? 79  TYR A CZ  1 
ATOM   616  O OH  . TYR A 1 82  ? 4.039   -23.418 -0.732  1.00 66.75  ? 79  TYR A OH  1 
ATOM   617  N N   . VAL A 1 83  ? 1.728   -19.999 6.594   1.00 60.82  ? 80  VAL A N   1 
ATOM   618  C CA  . VAL A 1 83  ? 1.245   -19.403 7.804   1.00 65.02  ? 80  VAL A CA  1 
ATOM   619  C C   . VAL A 1 83  ? 1.529   -17.948 7.765   1.00 69.20  ? 80  VAL A C   1 
ATOM   620  O O   . VAL A 1 83  ? 2.467   -17.563 7.112   1.00 67.73  ? 80  VAL A O   1 
ATOM   621  C CB  . VAL A 1 83  ? 1.962   -19.996 8.984   1.00 62.49  ? 80  VAL A CB  1 
ATOM   622  C CG1 . VAL A 1 83  ? 1.453   -19.497 10.290  1.00 57.80  ? 80  VAL A CG1 1 
ATOM   623  C CG2 . VAL A 1 83  ? 1.705   -21.460 8.956   1.00 63.68  ? 80  VAL A CG2 1 
ATOM   624  N N   . LEU A 1 84  ? 0.765   -17.114 8.486   1.00 70.78  ? 81  LEU A N   1 
ATOM   625  C CA  . LEU A 1 84  ? 1.176   -15.703 8.463   1.00 68.39  ? 81  LEU A CA  1 
ATOM   626  C C   . LEU A 1 84  ? 2.029   -15.450 9.638   1.00 68.60  ? 81  LEU A C   1 
ATOM   627  O O   . LEU A 1 84  ? 1.778   -15.966 10.700  1.00 73.61  ? 81  LEU A O   1 
ATOM   628  C CB  . LEU A 1 84  ? 0.028   -14.721 8.599   1.00 69.76  ? 81  LEU A CB  1 
ATOM   629  C CG  . LEU A 1 84  ? -0.600  -14.232 7.325   1.00 64.46  ? 81  LEU A CG  1 
ATOM   630  C CD1 . LEU A 1 84  ? -1.756  -13.303 7.604   1.00 58.96  ? 81  LEU A CD1 1 
ATOM   631  C CD2 . LEU A 1 84  ? 0.383   -13.511 6.460   1.00 62.89  ? 81  LEU A CD2 1 
ATOM   632  N N   . THR A 1 85  ? 3.100   -14.731 9.395   1.00 59.67  ? 82  THR A N   1 
ATOM   633  C CA  . THR A 1 85  ? 4.066   -14.473 10.405  1.00 75.61  ? 82  THR A CA  1 
ATOM   634  C C   . THR A 1 85  ? 3.535   -13.337 11.237  1.00 75.79  ? 82  THR A C   1 
ATOM   635  O O   . THR A 1 85  ? 2.526   -12.773 10.903  1.00 68.56  ? 82  THR A O   1 
ATOM   636  C CB  . THR A 1 85  ? 5.440   -14.105 9.854   1.00 66.32  ? 82  THR A CB  1 
ATOM   637  O OG1 . THR A 1 85  ? 5.418   -12.913 9.147   1.00 68.62  ? 82  THR A OG1 1 
ATOM   638  C CG2 . THR A 1 85  ? 5.963   -15.149 8.927   1.00 56.50  ? 82  THR A CG2 1 
ATOM   639  N N   . GLU A 1 86  ? 4.120   -13.064 12.386  1.00 80.44  ? 83  GLU A N   1 
ATOM   640  C CA  . GLU A 1 86  ? 3.543   -12.032 13.214  1.00 83.23  ? 83  GLU A CA  1 
ATOM   641  C C   . GLU A 1 86  ? 3.502   -10.701 12.471  1.00 79.18  ? 83  GLU A C   1 
ATOM   642  O O   . GLU A 1 86  ? 2.532   -9.971  12.534  1.00 69.25  ? 83  GLU A O   1 
ATOM   643  C CB  . GLU A 1 86  ? 4.387   -11.853 14.472  1.00 91.68  ? 83  GLU A CB  1 
ATOM   644  C CG  . GLU A 1 86  ? 4.221   -12.988 15.480  1.00 94.74  ? 83  GLU A CG  1 
ATOM   645  C CD  . GLU A 1 86  ? 2.797   -13.007 15.971  1.00 91.41  ? 83  GLU A CD  1 
ATOM   646  O OE1 . GLU A 1 86  ? 2.304   -11.926 16.340  1.00 89.60  ? 83  GLU A OE1 1 
ATOM   647  O OE2 . GLU A 1 86  ? 2.175   -14.086 15.997  1.00 85.38  ? 83  GLU A OE2 1 
ATOM   648  N N   . LYS A 1 87  ? 4.546   -10.490 11.666  1.00 76.24  ? 84  LYS A N   1 
ATOM   649  C CA  . LYS A 1 87  ? 4.633   -9.351  10.801  1.00 69.75  ? 84  LYS A CA  1 
ATOM   650  C C   . LYS A 1 87  ? 3.566   -9.353  9.741   1.00 67.44  ? 84  LYS A C   1 
ATOM   651  O O   . LYS A 1 87  ? 2.898   -8.384  9.520   1.00 68.70  ? 84  LYS A O   1 
ATOM   652  C CB  . LYS A 1 87  ? 5.987   -9.315  10.158  1.00 70.11  ? 84  LYS A CB  1 
ATOM   653  C CG  . LYS A 1 87  ? 6.428   -7.900  9.923   1.00 78.17  ? 84  LYS A CG  1 
ATOM   654  C CD  . LYS A 1 87  ? 6.969   -7.609  8.556   1.00 77.74  ? 84  LYS A CD  1 
ATOM   655  C CE  . LYS A 1 87  ? 8.382   -8.075  8.386   1.00 80.43  ? 84  LYS A CE  1 
ATOM   656  N NZ  . LYS A 1 87  ? 8.751   -7.828  7.010   1.00 84.81  ? 84  LYS A NZ  1 
ATOM   657  N N   . GLY A 1 88  ? 3.306   -10.494 9.170   1.00 63.58  ? 85  GLY A N   1 
ATOM   658  C CA  . GLY A 1 88  ? 2.231   -10.576 8.240   1.00 68.60  ? 85  GLY A CA  1 
ATOM   659  C C   . GLY A 1 88  ? 0.866   -10.317 8.822   1.00 69.85  ? 85  GLY A C   1 
ATOM   660  O O   . GLY A 1 88  ? 0.065   -9.620  8.239   1.00 66.21  ? 85  GLY A O   1 
ATOM   661  N N   . LYS A 1 89  ? 0.591   -10.903 9.974   1.00 70.25  ? 86  LYS A N   1 
ATOM   662  C CA  . LYS A 1 89  ? -0.682  -10.763 10.651  1.00 71.29  ? 86  LYS A CA  1 
ATOM   663  C C   . LYS A 1 89  ? -0.924  -9.307  11.058  1.00 74.54  ? 86  LYS A C   1 
ATOM   664  O O   . LYS A 1 89  ? -1.996  -8.738  10.891  1.00 70.79  ? 86  LYS A O   1 
ATOM   665  C CB  . LYS A 1 89  ? -0.764  -11.737 11.836  1.00 80.63  ? 86  LYS A CB  1 
ATOM   666  C CG  . LYS A 1 89  ? -1.291  -13.157 11.521  1.00 77.23  ? 86  LYS A CG  1 
ATOM   667  C CD  . LYS A 1 89  ? -1.707  -13.997 12.742  1.00 68.86  ? 86  LYS A CD  1 
ATOM   668  C CE  . LYS A 1 89  ? -0.639  -14.058 13.843  1.00 74.84  ? 86  LYS A CE  1 
ATOM   669  N NZ  . LYS A 1 89  ? -1.089  -14.913 14.963  1.00 81.53  ? 86  LYS A NZ  1 
ATOM   670  N N   . ALA A 1 90  ? 0.131   -8.702  11.551  1.00 70.21  ? 87  ALA A N   1 
ATOM   671  C CA  . ALA A 1 90  ? 0.121   -7.330  11.908  1.00 67.65  ? 87  ALA A CA  1 
ATOM   672  C C   . ALA A 1 90  ? -0.153  -6.438  10.710  1.00 72.33  ? 87  ALA A C   1 
ATOM   673  O O   . ALA A 1 90  ? -0.949  -5.525  10.766  1.00 73.46  ? 87  ALA A O   1 
ATOM   674  C CB  . ALA A 1 90  ? 1.411   -7.042  12.562  1.00 69.57  ? 87  ALA A CB  1 
ATOM   675  N N   . LEU A 1 91  ? 0.440   -6.769  9.584   1.00 67.51  ? 88  LEU A N   1 
ATOM   676  C CA  . LEU A 1 91  ? 0.127   -6.093  8.350   1.00 63.97  ? 88  LEU A CA  1 
ATOM   677  C C   . LEU A 1 91  ? -1.308  -6.183  7.967   1.00 65.30  ? 88  LEU A C   1 
ATOM   678  O O   . LEU A 1 91  ? -1.878  -5.209  7.571   1.00 65.09  ? 88  LEU A O   1 
ATOM   679  C CB  . LEU A 1 91  ? 1.007   -6.599  7.222   1.00 68.54  ? 88  LEU A CB  1 
ATOM   680  C CG  . LEU A 1 91  ? 0.771   -5.959  5.867   1.00 60.62  ? 88  LEU A CG  1 
ATOM   681  C CD1 . LEU A 1 91  ? 0.965   -4.480  5.866   1.00 53.40  ? 88  LEU A CD1 1 
ATOM   682  C CD2 . LEU A 1 91  ? 1.670   -6.599  4.850   1.00 59.36  ? 88  LEU A CD2 1 
ATOM   683  N N   . ALA A 1 92  ? -1.874  -7.354  8.049   1.00 64.35  ? 89  ALA A N   1 
ATOM   684  C CA  . ALA A 1 92  ? -3.248  -7.570  7.641   1.00 69.84  ? 89  ALA A CA  1 
ATOM   685  C C   . ALA A 1 92  ? -4.227  -6.695  8.413   1.00 72.11  ? 89  ALA A C   1 
ATOM   686  O O   . ALA A 1 92  ? -5.119  -6.047  7.874   1.00 66.50  ? 89  ALA A O   1 
ATOM   687  C CB  . ALA A 1 92  ? -3.569  -9.019  7.832   1.00 68.12  ? 89  ALA A CB  1 
ATOM   688  N N   . GLU A 1 93  ? -3.960  -6.635  9.706   1.00 75.51  ? 90  GLU A N   1 
ATOM   689  C CA  . GLU A 1 93  ? -4.641  -5.741  10.596  1.00 80.23  ? 90  GLU A CA  1 
ATOM   690  C C   . GLU A 1 93  ? -4.513  -4.286  10.120  1.00 77.01  ? 90  GLU A C   1 
ATOM   691  O O   . GLU A 1 93  ? -5.477  -3.545  10.059  1.00 74.33  ? 90  GLU A O   1 
ATOM   692  C CB  . GLU A 1 93  ? -4.093  -5.906  12.009  1.00 79.91  ? 90  GLU A CB  1 
ATOM   693  C CG  . GLU A 1 93  ? -4.591  -7.163  12.720  1.00 83.70  ? 90  GLU A CG  1 
ATOM   694  C CD  . GLU A 1 93  ? -6.027  -7.091  13.242  1.00 94.23  ? 90  GLU A CD  1 
ATOM   695  O OE1 . GLU A 1 93  ? -6.649  -6.007  13.199  1.00 97.54  ? 90  GLU A OE1 1 
ATOM   696  O OE2 . GLU A 1 93  ? -6.527  -8.141  13.727  1.00 97.02  ? 90  GLU A OE2 1 
ATOM   697  N N   . ALA A 1 94  ? -3.282  -3.916  9.769   1.00 76.32  ? 91  ALA A N   1 
ATOM   698  C CA  . ALA A 1 94  ? -2.937  -2.586  9.323   1.00 67.91  ? 91  ALA A CA  1 
ATOM   699  C C   . ALA A 1 94  ? -3.659  -2.201  8.048   1.00 68.52  ? 91  ALA A C   1 
ATOM   700  O O   . ALA A 1 94  ? -4.077  -1.086  7.879   1.00 72.04  ? 91  ALA A O   1 
ATOM   701  C CB  . ALA A 1 94  ? -1.453  -2.455  9.196   1.00 59.87  ? 91  ALA A CB  1 
ATOM   702  N N   . LEU A 1 95  ? -3.810  -3.146  7.145   1.00 69.86  ? 92  LEU A N   1 
ATOM   703  C CA  . LEU A 1 95  ? -4.567  -2.949  5.928   1.00 67.73  ? 92  LEU A CA  1 
ATOM   704  C C   . LEU A 1 95  ? -6.029  -2.595  6.134   1.00 72.67  ? 92  LEU A C   1 
ATOM   705  O O   . LEU A 1 95  ? -6.588  -1.865  5.349   1.00 74.67  ? 92  LEU A O   1 
ATOM   706  C CB  . LEU A 1 95  ? -4.442  -4.117  4.990   1.00 65.77  ? 92  LEU A CB  1 
ATOM   707  C CG  . LEU A 1 95  ? -3.003  -4.332  4.537   1.00 65.57  ? 92  LEU A CG  1 
ATOM   708  C CD1 . LEU A 1 95  ? -2.913  -5.438  3.513   1.00 63.91  ? 92  LEU A CD1 1 
ATOM   709  C CD2 . LEU A 1 95  ? -2.278  -3.103  3.997   1.00 70.02  ? 92  LEU A CD2 1 
ATOM   710  N N   . HIS A 1 96  ? -6.690  -3.234  7.091   1.00 78.54  ? 93  HIS A N   1 
ATOM   711  C CA  . HIS A 1 96  ? -8.135  -3.027  7.288   1.00 84.70  ? 93  HIS A CA  1 
ATOM   712  C C   . HIS A 1 96  ? -8.652  -1.558  7.143   1.00 79.58  ? 93  HIS A C   1 
ATOM   713  O O   . HIS A 1 96  ? -9.658  -1.346  6.476   1.00 74.83  ? 93  HIS A O   1 
ATOM   714  C CB  . HIS A 1 96  ? -8.631  -3.644  8.612   1.00 86.60  ? 93  HIS A CB  1 
ATOM   715  C CG  . HIS A 1 96  ? -8.469  -5.135  8.763   1.00 93.20  ? 93  HIS A CG  1 
ATOM   716  N ND1 . HIS A 1 96  ? -8.688  -6.036  7.770   1.00 96.41  ? 93  HIS A ND1 1 
ATOM   717  C CD2 . HIS A 1 96  ? -8.168  -5.883  9.841   1.00 90.32  ? 93  HIS A CD2 1 
ATOM   718  C CE1 . HIS A 1 96  ? -8.492  -7.257  8.278   1.00 94.27  ? 93  HIS A CE1 1 
ATOM   719  N NE2 . HIS A 1 96  ? -8.186  -7.214  9.532   1.00 91.10  ? 93  HIS A NE2 1 
ATOM   720  N N   . PRO A 1 97  ? -8.063  -0.470  7.673   1.00 73.10  ? 94  PRO A N   1 
ATOM   721  C CA  . PRO A 1 97  ? -8.620  0.870   7.499   1.00 79.11  ? 94  PRO A CA  1 
ATOM   722  C C   . PRO A 1 97  ? -8.622  1.294   6.013   1.00 79.86  ? 94  PRO A C   1 
ATOM   723  O O   . PRO A 1 97  ? -9.507  1.998   5.553   1.00 76.04  ? 94  PRO A O   1 
ATOM   724  C CB  . PRO A 1 97  ? -7.645  1.698   8.290   1.00 74.30  ? 94  PRO A CB  1 
ATOM   725  C CG  . PRO A 1 97  ? -7.170  0.784   9.361   1.00 69.31  ? 94  PRO A CG  1 
ATOM   726  C CD  . PRO A 1 97  ? -6.986  -0.466  8.586   1.00 69.88  ? 94  PRO A CD  1 
ATOM   727  N N   . ILE A 1 98  ? -7.594  0.851   5.314   1.00 78.69  ? 95  ILE A N   1 
ATOM   728  C CA  . ILE A 1 98  ? -7.442  1.049   3.901   1.00 77.79  ? 95  ILE A CA  1 
ATOM   729  C C   . ILE A 1 98  ? -8.518  0.316   3.092   1.00 79.30  ? 95  ILE A C   1 
ATOM   730  O O   . ILE A 1 98  ? -9.042  0.840   2.131   1.00 77.79  ? 95  ILE A O   1 
ATOM   731  C CB  . ILE A 1 98  ? -6.049  0.640   3.455   1.00 83.48  ? 95  ILE A CB  1 
ATOM   732  C CG1 . ILE A 1 98  ? -5.029  1.076   4.518   1.00 79.82  ? 95  ILE A CG1 1 
ATOM   733  C CG2 . ILE A 1 98  ? -5.784  1.252   2.085   1.00 81.24  ? 95  ILE A CG2 1 
ATOM   734  C CD1 . ILE A 1 98  ? -3.596  0.723   4.173   1.00 80.71  ? 95  ILE A CD1 1 
ATOM   735  N N   . GLU A 1 99  ? -8.885  -0.895  3.515   1.00 79.44  ? 96  GLU A N   1 
ATOM   736  C CA  . GLU A 1 99  ? -10.012 -1.577  2.903   1.00 78.22  ? 96  GLU A CA  1 
ATOM   737  C C   . GLU A 1 99  ? -11.256 -0.746  3.050   1.00 81.70  ? 96  GLU A C   1 
ATOM   738  O O   . GLU A 1 99  ? -12.047 -0.579  2.142   1.00 77.71  ? 96  GLU A O   1 
ATOM   739  C CB  . GLU A 1 99  ? -10.298 -2.918  3.565   1.00 82.13  ? 96  GLU A CB  1 
ATOM   740  C CG  . GLU A 1 99  ? -9.123  -3.870  3.612   1.00 93.20  ? 96  GLU A CG  1 
ATOM   741  C CD  . GLU A 1 99  ? -9.484  -5.099  4.414   1.00 98.54  ? 96  GLU A CD  1 
ATOM   742  O OE1 . GLU A 1 99  ? -10.681 -5.434  4.499   1.00 99.68  ? 96  GLU A OE1 1 
ATOM   743  O OE2 . GLU A 1 99  ? -8.549  -5.733  4.940   1.00 95.11  ? 96  GLU A OE2 1 
ATOM   744  N N   . ALA A 1 100 ? -11.410 -0.226  4.252   1.00 81.65  ? 97  ALA A N   1 
ATOM   745  C CA  . ALA A 1 100 ? -12.578 0.519   4.610   1.00 82.58  ? 97  ALA A CA  1 
ATOM   746  C C   . ALA A 1 100 ? -12.672 1.762   3.796   1.00 85.06  ? 97  ALA A C   1 
ATOM   747  O O   . ALA A 1 100 ? -13.709 2.116   3.289   1.00 82.85  ? 97  ALA A O   1 
ATOM   748  C CB  . ALA A 1 100 ? -12.517 0.888   6.065   1.00 79.77  ? 97  ALA A CB  1 
ATOM   749  N N   . TRP A 1 101 ? -11.538 2.403   3.652   1.00 87.52  ? 98  TRP A N   1 
ATOM   750  C CA  . TRP A 1 101 ? -11.436 3.564   2.853   1.00 81.88  ? 98  TRP A CA  1 
ATOM   751  C C   . TRP A 1 101 ? -11.837 3.287   1.428   1.00 86.06  ? 98  TRP A C   1 
ATOM   752  O O   . TRP A 1 101 ? -12.653 3.978   0.871   1.00 95.45  ? 98  TRP A O   1 
ATOM   753  C CB  . TRP A 1 101 ? -9.989  4.005   2.869   1.00 81.49  ? 98  TRP A CB  1 
ATOM   754  C CG  . TRP A 1 101 ? -9.669  5.164   2.022   1.00 90.15  ? 98  TRP A CG  1 
ATOM   755  C CD1 . TRP A 1 101 ? -9.832  6.457   2.299   1.00 90.23  ? 98  TRP A CD1 1 
ATOM   756  C CD2 . TRP A 1 101 ? -9.161  5.097   0.719   1.00 91.74  ? 98  TRP A CD2 1 
ATOM   757  N NE1 . TRP A 1 101 ? -9.495  7.192   1.242   1.00 90.44  ? 98  TRP A NE1 1 
ATOM   758  C CE2 . TRP A 1 101 ? -9.097  6.385   0.260   1.00 92.81  ? 98  TRP A CE2 1 
ATOM   759  C CE3 . TRP A 1 101 ? -8.755  4.043   -0.056  1.00 92.22  ? 98  TRP A CE3 1 
ATOM   760  C CZ2 . TRP A 1 101 ? -8.633  6.657   -0.994  1.00 88.92  ? 98  TRP A CZ2 1 
ATOM   761  C CZ3 . TRP A 1 101 ? -8.283  4.311   -1.323  1.00 86.09  ? 98  TRP A CZ3 1 
ATOM   762  C CH2 . TRP A 1 101 ? -8.225  5.602   -1.788  1.00 87.28  ? 98  TRP A CH2 1 
ATOM   763  N N   . ALA A 1 102 ? -11.312 2.233   0.857   1.00 84.67  ? 99  ALA A N   1 
ATOM   764  C CA  . ALA A 1 102 ? -11.630 1.913   -0.512  1.00 88.47  ? 99  ALA A CA  1 
ATOM   765  C C   . ALA A 1 102 ? -13.114 1.678   -0.696  1.00 92.62  ? 99  ALA A C   1 
ATOM   766  O O   . ALA A 1 102 ? -13.731 2.189   -1.617  1.00 90.80  ? 99  ALA A O   1 
ATOM   767  C CB  . ALA A 1 102 ? -10.831 0.712   -0.943  1.00 89.58  ? 99  ALA A CB  1 
ATOM   768  N N   . GLN A 1 103 ? -13.688 0.934   0.250   1.00 94.00  ? 100 GLN A N   1 
ATOM   769  C CA  . GLN A 1 103 ? -15.120 0.666   0.265   1.00 94.63  ? 100 GLN A CA  1 
ATOM   770  C C   . GLN A 1 103 ? -15.966 1.947   0.198   1.00 94.63  ? 100 GLN A C   1 
ATOM   771  O O   . GLN A 1 103 ? -16.969 2.012   -0.500  1.00 95.78  ? 100 GLN A O   1 
ATOM   772  C CB  . GLN A 1 103 ? -15.491 -0.136  1.518   1.00 92.72  ? 100 GLN A CB  1 
ATOM   773  C CG  . GLN A 1 103 ? -16.424 -1.322  1.268   1.00 91.08  ? 100 GLN A CG  1 
ATOM   774  C CD  . GLN A 1 103 ? -15.836 -2.626  1.832   1.00 111.70 ? 100 GLN A CD  1 
ATOM   775  O OE1 . GLN A 1 103 ? -15.872 -3.676  1.162   1.00 110.77 ? 100 GLN A OE1 1 
ATOM   776  N NE2 . GLN A 1 103 ? -15.287 -2.579  3.077   1.00 100.41 ? 100 GLN A NE2 1 
ATOM   777  N N   . SER A 1 104 ? -15.548 2.968   0.959   1.00 91.93  ? 101 SER A N   1 
ATOM   778  C CA  . SER A 1 104 ? -16.300 4.206   1.045   1.00 90.45  ? 101 SER A CA  1 
ATOM   779  C C   . SER A 1 104 ? -16.468 4.869   -0.301  1.00 93.96  ? 101 SER A C   1 
ATOM   780  O O   . SER A 1 104 ? -17.435 5.580   -0.518  1.00 97.69  ? 101 SER A O   1 
ATOM   781  C CB  . SER A 1 104 ? -15.549 5.229   1.898   1.00 86.90  ? 101 SER A CB  1 
ATOM   782  O OG  . SER A 1 104 ? -14.976 4.683   3.056   1.00 93.80  ? 101 SER A OG  1 
ATOM   783  N N   . TYR A 1 105 ? -15.478 4.643   -1.179  1.00 96.76  ? 102 TYR A N   1 
ATOM   784  C CA  . TYR A 1 105 ? -15.451 5.250   -2.506  1.00 97.63  ? 102 TYR A CA  1 
ATOM   785  C C   . TYR A 1 105 ? -15.948 4.272   -3.531  1.00 93.46  ? 102 TYR A C   1 
ATOM   786  O O   . TYR A 1 105 ? -15.379 4.251   -4.651  1.00 93.03  ? 102 TYR A O   1 
ATOM   787  C CB  . TYR A 1 105 ? -14.040 5.705   -2.860  1.00 94.54  ? 102 TYR A CB  1 
ATOM   788  C CG  . TYR A 1 105 ? -13.726 6.769   -1.873  1.00 93.65  ? 102 TYR A CG  1 
ATOM   789  C CD1 . TYR A 1 105 ? -14.281 8.031   -2.040  1.00 96.38  ? 102 TYR A CD1 1 
ATOM   790  C CD2 . TYR A 1 105 ? -12.939 6.525   -0.761  1.00 90.02  ? 102 TYR A CD2 1 
ATOM   791  C CE1 . TYR A 1 105 ? -14.052 9.035   -1.118  1.00 94.28  ? 102 TYR A CE1 1 
ATOM   792  C CE2 . TYR A 1 105 ? -12.773 7.490   0.213   1.00 91.48  ? 102 TYR A CE2 1 
ATOM   793  C CZ  . TYR A 1 105 ? -13.317 8.753   0.012   1.00 98.16  ? 102 TYR A CZ  1 
ATOM   794  O OH  . TYR A 1 105 ? -13.195 9.772   0.958   1.00 100.32 ? 102 TYR A OH  1 
ATOM   795  N N   . VAL B 1 7   ? -13.208 -2.644  -5.216  1.00 99.93  ? 4   VAL B N   1 
ATOM   796  C CA  . VAL B 1 7   ? -12.660 -2.748  -3.870  1.00 98.55  ? 4   VAL B CA  1 
ATOM   797  C C   . VAL B 1 7   ? -11.371 -3.522  -3.957  1.00 96.38  ? 4   VAL B C   1 
ATOM   798  O O   . VAL B 1 7   ? -10.392 -3.222  -3.282  1.00 98.57  ? 4   VAL B O   1 
ATOM   799  C CB  . VAL B 1 7   ? -13.611 -3.490  -2.924  1.00 92.00  ? 4   VAL B CB  1 
ATOM   800  C CG1 . VAL B 1 7   ? -12.956 -3.699  -1.558  1.00 90.54  ? 4   VAL B CG1 1 
ATOM   801  C CG2 . VAL B 1 7   ? -14.922 -2.729  -2.794  1.00 97.33  ? 4   VAL B CG2 1 
ATOM   802  N N   . CYS B 1 8   ? -11.378 -4.533  -4.806  1.00 94.46  ? 5   CYS B N   1 
ATOM   803  C CA  . CYS B 1 8   ? -10.194 -5.326  -4.994  1.00 94.55  ? 5   CYS B CA  1 
ATOM   804  C C   . CYS B 1 8   ? -9.216  -4.568  -5.846  1.00 93.42  ? 5   CYS B C   1 
ATOM   805  O O   . CYS B 1 8   ? -8.124  -4.248  -5.329  1.00 89.92  ? 5   CYS B O   1 
ATOM   806  C CB  . CYS B 1 8   ? -10.528 -6.714  -5.521  1.00 102.08 ? 5   CYS B CB  1 
ATOM   807  S SG  . CYS B 1 8   ? -9.221  -7.729  -4.942  1.00 110.92 ? 5   CYS B SG  1 
ATOM   808  N N   . PRO B 1 9   ? -9.570  -4.241  -7.108  1.00 95.76  ? 6   PRO B N   1 
ATOM   809  C CA  . PRO B 1 9   ? -8.560  -3.540  -7.903  1.00 92.78  ? 6   PRO B CA  1 
ATOM   810  C C   . PRO B 1 9   ? -8.444  -2.062  -7.535  1.00 92.90  ? 6   PRO B C   1 
ATOM   811  O O   . PRO B 1 9   ? -7.574  -1.391  -8.079  1.00 89.03  ? 6   PRO B O   1 
ATOM   812  C CB  . PRO B 1 9   ? -9.075  -3.701  -9.329  1.00 85.29  ? 6   PRO B CB  1 
ATOM   813  C CG  . PRO B 1 9   ? -10.537 -3.707  -9.171  1.00 84.80  ? 6   PRO B CG  1 
ATOM   814  C CD  . PRO B 1 9   ? -10.827 -4.397  -7.863  1.00 96.91  ? 6   PRO B CD  1 
ATOM   815  N N   . TYR B 1 10  ? -9.295  -1.564  -6.637  1.00 89.49  ? 7   TYR B N   1 
ATOM   816  C CA  . TYR B 1 10  ? -9.122  -0.205  -6.134  1.00 86.50  ? 7   TYR B CA  1 
ATOM   817  C C   . TYR B 1 10  ? -7.975  -0.198  -5.123  1.00 83.66  ? 7   TYR B C   1 
ATOM   818  O O   . TYR B 1 10  ? -7.046  0.608   -5.222  1.00 76.87  ? 7   TYR B O   1 
ATOM   819  C CB  . TYR B 1 10  ? -10.411 0.342   -5.517  1.00 91.91  ? 7   TYR B CB  1 
ATOM   820  C CG  . TYR B 1 10  ? -10.448 1.860   -5.465  1.00 92.05  ? 7   TYR B CG  1 
ATOM   821  C CD1 . TYR B 1 10  ? -10.532 2.611   -6.633  1.00 92.85  ? 7   TYR B CD1 1 
ATOM   822  C CD2 . TYR B 1 10  ? -10.383 2.544   -4.256  1.00 87.78  ? 7   TYR B CD2 1 
ATOM   823  C CE1 . TYR B 1 10  ? -10.558 4.004   -6.600  1.00 100.03 ? 7   TYR B CE1 1 
ATOM   824  C CE2 . TYR B 1 10  ? -10.406 3.942   -4.211  1.00 89.31  ? 7   TYR B CE2 1 
ATOM   825  C CZ  . TYR B 1 10  ? -10.493 4.664   -5.389  1.00 95.50  ? 7   TYR B CZ  1 
ATOM   826  O OH  . TYR B 1 10  ? -10.516 6.043   -5.366  1.00 94.09  ? 7   TYR B OH  1 
ATOM   827  N N   . LEU B 1 11  ? -7.978  -1.113  -4.336  1.00 83.06  ? 8   LEU B N   1 
ATOM   828  C CA  . LEU B 1 11  ? -6.921  -1.272  -3.390  1.00 80.54  ? 8   LEU B CA  1 
ATOM   829  C C   . LEU B 1 11  ? -5.609  -1.629  -4.058  1.00 79.89  ? 8   LEU B C   1 
ATOM   830  O O   . LEU B 1 11  ? -4.599  -1.056  -3.737  1.00 72.82  ? 8   LEU B O   1 
ATOM   831  C CB  . LEU B 1 11  ? -7.273  -2.424  -2.469  1.00 76.82  ? 8   LEU B CB  1 
ATOM   832  C CG  . LEU B 1 11  ? -8.184  -2.031  -1.344  1.00 74.09  ? 8   LEU B CG  1 
ATOM   833  C CD1 . LEU B 1 11  ? -8.841  -3.268  -0.776  1.00 80.19  ? 8   LEU B CD1 1 
ATOM   834  C CD2 . LEU B 1 11  ? -7.378  -1.278  -0.298  1.00 75.02  ? 8   LEU B CD2 1 
ATOM   835  N N   . GLU B 1 12  ? -5.636  -2.586  -4.985  1.00 75.32  ? 9   GLU B N   1 
ATOM   836  C CA  . GLU B 1 12  ? -4.427  -3.005  -5.693  1.00 72.74  ? 9   GLU B CA  1 
ATOM   837  C C   . GLU B 1 12  ? -3.742  -1.855  -6.454  1.00 73.86  ? 9   GLU B C   1 
ATOM   838  O O   . GLU B 1 12  ? -2.550  -1.624  -6.384  1.00 63.68  ? 9   GLU B O   1 
ATOM   839  C CB  . GLU B 1 12  ? -4.776  -4.115  -6.653  1.00 76.61  ? 9   GLU B CB  1 
ATOM   840  C CG  . GLU B 1 12  ? -3.537  -4.762  -7.240  1.00 85.53  ? 9   GLU B CG  1 
ATOM   841  C CD  . GLU B 1 12  ? -3.883  -5.736  -8.325  1.00 79.80  ? 9   GLU B CD  1 
ATOM   842  O OE1 . GLU B 1 12  ? -3.280  -5.665  -9.417  1.00 76.82  ? 9   GLU B OE1 1 
ATOM   843  O OE2 . GLU B 1 12  ? -4.756  -6.585  -8.050  1.00 69.16  ? 9   GLU B OE2 1 
ATOM   844  N N   . GLU B 1 13  ? -4.571  -1.065  -7.102  1.00 78.88  ? 10  GLU B N   1 
ATOM   845  C CA  . GLU B 1 13  ? -4.138  0.145   -7.737  1.00 72.75  ? 10  GLU B CA  1 
ATOM   846  C C   . GLU B 1 13  ? -3.652  1.197   -6.767  1.00 69.31  ? 10  GLU B C   1 
ATOM   847  O O   . GLU B 1 13  ? -2.726  1.891   -7.051  1.00 75.68  ? 10  GLU B O   1 
ATOM   848  C CB  . GLU B 1 13  ? -5.177  0.697   -8.674  1.00 77.87  ? 10  GLU B CB  1 
ATOM   849  C CG  . GLU B 1 13  ? -4.746  0.448   -10.129 1.00 83.43  ? 10  GLU B CG  1 
ATOM   850  C CD  . GLU B 1 13  ? -3.711  1.446   -10.650 1.00 90.23  ? 10  GLU B CD  1 
ATOM   851  O OE1 . GLU B 1 13  ? -3.204  2.305   -9.907  1.00 80.16  ? 10  GLU B OE1 1 
ATOM   852  O OE2 . GLU B 1 13  ? -3.420  1.362   -11.855 1.00 93.45  ? 10  GLU B OE2 1 
ATOM   853  N N   . THR B 1 14  ? -4.311  1.373   -5.653  1.00 68.43  ? 11  THR B N   1 
ATOM   854  C CA  . THR B 1 14  ? -3.892  2.394   -4.717  1.00 71.87  ? 11  THR B CA  1 
ATOM   855  C C   . THR B 1 14  ? -2.564  2.052   -4.089  1.00 64.33  ? 11  THR B C   1 
ATOM   856  O O   . THR B 1 14  ? -1.698  2.866   -3.950  1.00 69.44  ? 11  THR B O   1 
ATOM   857  C CB  . THR B 1 14  ? -4.870  2.438   -3.568  1.00 76.65  ? 11  THR B CB  1 
ATOM   858  O OG1 . THR B 1 14  ? -6.091  2.876   -4.034  1.00 73.70  ? 11  THR B OG1 1 
ATOM   859  C CG2 . THR B 1 14  ? -4.441  3.333   -2.441  1.00 72.23  ? 11  THR B CG2 1 
ATOM   860  N N   . PHE B 1 15  ? -2.386  0.792   -3.830  1.00 67.06  ? 12  PHE B N   1 
ATOM   861  C CA  . PHE B 1 15  ? -1.144  0.217   -3.413  1.00 63.62  ? 12  PHE B CA  1 
ATOM   862  C C   . PHE B 1 15  ? -0.055  0.527   -4.372  1.00 61.02  ? 12  PHE B C   1 
ATOM   863  O O   . PHE B 1 15  ? 1.004   0.925   -4.023  1.00 64.54  ? 12  PHE B O   1 
ATOM   864  C CB  . PHE B 1 15  ? -1.279  -1.272  -3.223  1.00 68.75  ? 12  PHE B CB  1 
ATOM   865  C CG  . PHE B 1 15  ? -2.154  -1.694  -2.120  1.00 65.37  ? 12  PHE B CG  1 
ATOM   866  C CD1 . PHE B 1 15  ? -2.328  -0.972  -0.959  1.00 68.05  ? 12  PHE B CD1 1 
ATOM   867  C CD2 . PHE B 1 15  ? -2.738  -2.954  -2.201  1.00 72.79  ? 12  PHE B CD2 1 
ATOM   868  C CE1 . PHE B 1 15  ? -3.044  -1.506  0.096   1.00 71.11  ? 12  PHE B CE1 1 
ATOM   869  C CE2 . PHE B 1 15  ? -3.453  -3.511  -1.147  1.00 70.08  ? 12  PHE B CE2 1 
ATOM   870  C CZ  . PHE B 1 15  ? -3.599  -2.773  0.005   1.00 72.87  ? 12  PHE B CZ  1 
ATOM   871  N N   . LYS B 1 16  ? -0.335  0.277   -5.596  1.00 59.90  ? 13  LYS B N   1 
ATOM   872  C CA  . LYS B 1 16  ? 0.602   0.396   -6.658  1.00 62.19  ? 13  LYS B CA  1 
ATOM   873  C C   . LYS B 1 16  ? 1.087   1.833   -6.826  1.00 58.32  ? 13  LYS B C   1 
ATOM   874  O O   . LYS B 1 16  ? 2.261   2.102   -6.838  1.00 61.74  ? 13  LYS B O   1 
ATOM   875  C CB  . LYS B 1 16  ? -0.123  -0.094  -7.882  1.00 64.53  ? 13  LYS B CB  1 
ATOM   876  C CG  . LYS B 1 16  ? 0.525   0.056   -9.218  1.00 61.84  ? 13  LYS B CG  1 
ATOM   877  C CD  . LYS B 1 16  ? 0.144   -1.079  -10.125 1.00 68.74  ? 13  LYS B CD  1 
ATOM   878  C CE  . LYS B 1 16  ? -1.328  -1.402  -10.168 1.00 79.57  ? 13  LYS B CE  1 
ATOM   879  N NZ  . LYS B 1 16  ? -1.546  -2.637  -10.933 1.00 86.48  ? 13  LYS B NZ  1 
ATOM   880  N N   . ILE B 1 17  ? 0.176   2.750   -6.719  1.00 60.31  ? 14  ILE B N   1 
ATOM   881  C CA  . ILE B 1 17  ? 0.494   4.145   -6.624  1.00 59.89  ? 14  ILE B CA  1 
ATOM   882  C C   . ILE B 1 17  ? 1.365   4.462   -5.424  1.00 60.54  ? 14  ILE B C   1 
ATOM   883  O O   . ILE B 1 17  ? 2.323   5.180   -5.509  1.00 67.94  ? 14  ILE B O   1 
ATOM   884  C CB  . ILE B 1 17  ? -0.753  4.950   -6.597  1.00 69.41  ? 14  ILE B CB  1 
ATOM   885  C CG1 . ILE B 1 17  ? -1.421  4.764   -7.948  1.00 72.66  ? 14  ILE B CG1 1 
ATOM   886  C CG2 . ILE B 1 17  ? -0.457  6.417   -6.334  1.00 69.63  ? 14  ILE B CG2 1 
ATOM   887  C CD1 . ILE B 1 17  ? -2.876  5.125   -7.947  1.00 81.58  ? 14  ILE B CD1 1 
ATOM   888  N N   . LEU B 1 18  ? 1.011   3.889   -4.304  1.00 59.09  ? 15  LEU B N   1 
ATOM   889  C CA  . LEU B 1 18  ? 1.702   4.071   -3.040  1.00 63.57  ? 15  LEU B CA  1 
ATOM   890  C C   . LEU B 1 18  ? 3.088   3.490   -3.051  1.00 61.22  ? 15  LEU B C   1 
ATOM   891  O O   . LEU B 1 18  ? 3.994   4.054   -2.504  1.00 66.13  ? 15  LEU B O   1 
ATOM   892  C CB  . LEU B 1 18  ? 0.913   3.556   -1.898  1.00 56.64  ? 15  LEU B CB  1 
ATOM   893  C CG  . LEU B 1 18  ? -0.302  4.409   -1.668  1.00 64.37  ? 15  LEU B CG  1 
ATOM   894  C CD1 . LEU B 1 18  ? -1.178  3.801   -0.607  1.00 63.82  ? 15  LEU B CD1 1 
ATOM   895  C CD2 . LEU B 1 18  ? 0.062   5.807   -1.267  1.00 70.51  ? 15  LEU B CD2 1 
ATOM   896  N N   . GLY B 1 19  ? 3.223   2.397   -3.747  1.00 56.81  ? 16  GLY B N   1 
ATOM   897  C CA  . GLY B 1 19  ? 4.432   1.715   -4.080  1.00 58.71  ? 16  GLY B CA  1 
ATOM   898  C C   . GLY B 1 19  ? 5.446   2.527   -4.779  1.00 64.69  ? 16  GLY B C   1 
ATOM   899  O O   . GLY B 1 19  ? 6.605   2.440   -4.468  1.00 65.17  ? 16  GLY B O   1 
ATOM   900  N N   . ARG B 1 20  ? 5.002   3.370   -5.704  1.00 69.69  ? 17  ARG B N   1 
ATOM   901  C CA  . ARG B 1 20  ? 5.865   4.357   -6.326  1.00 66.98  ? 17  ARG B CA  1 
ATOM   902  C C   . ARG B 1 20  ? 6.269   5.489   -5.354  1.00 68.39  ? 17  ARG B C   1 
ATOM   903  O O   . ARG B 1 20  ? 5.667   5.657   -4.297  1.00 70.36  ? 17  ARG B O   1 
ATOM   904  C CB  . ARG B 1 20  ? 5.236   4.873   -7.587  1.00 60.66  ? 17  ARG B CB  1 
ATOM   905  C CG  . ARG B 1 20  ? 5.106   3.747   -8.570  1.00 53.90  ? 17  ARG B CG  1 
ATOM   906  C CD  . ARG B 1 20  ? 4.604   4.215   -9.916  1.00 71.41  ? 17  ARG B CD  1 
ATOM   907  N NE  . ARG B 1 20  ? 3.137   4.381   -9.952  1.00 67.17  ? 17  ARG B NE  1 
ATOM   908  C CZ  . ARG B 1 20  ? 2.350   3.587   -10.708 1.00 62.84  ? 17  ARG B CZ  1 
ATOM   909  N NH1 . ARG B 1 20  ? 2.810   2.436   -11.250 1.00 70.30  ? 17  ARG B NH1 1 
ATOM   910  N NH2 . ARG B 1 20  ? 1.065   3.933   -10.926 1.00 65.97  ? 17  ARG B NH2 1 
ATOM   911  N N   . SER B 1 21  ? 7.472   6.013   -5.607  1.00 68.31  ? 18  SER B N   1 
ATOM   912  C CA  . SER B 1 21  ? 8.278   6.548   -4.523  1.00 80.27  ? 18  SER B CA  1 
ATOM   913  C C   . SER B 1 21  ? 7.861   7.826   -3.768  1.00 77.52  ? 18  SER B C   1 
ATOM   914  O O   . SER B 1 21  ? 7.717   7.906   -2.537  1.00 89.42  ? 18  SER B O   1 
ATOM   915  C CB  . SER B 1 21  ? 9.658   6.793   -5.077  1.00 80.57  ? 18  SER B CB  1 
ATOM   916  O OG  . SER B 1 21  ? 9.546   7.472   -6.291  1.00 79.82  ? 18  SER B OG  1 
ATOM   917  N N   . TRP B 1 22  ? 7.632   8.829   -4.469  1.00 68.08  ? 19  TRP B N   1 
ATOM   918  C CA  . TRP B 1 22  ? 7.211   10.012  -3.840  1.00 75.43  ? 19  TRP B CA  1 
ATOM   919  C C   . TRP B 1 22  ? 5.869   9.985   -3.218  1.00 73.35  ? 19  TRP B C   1 
ATOM   920  O O   . TRP B 1 22  ? 5.573   10.763  -2.350  1.00 70.35  ? 19  TRP B O   1 
ATOM   921  C CB  . TRP B 1 22  ? 7.692   11.242  -4.543  1.00 84.83  ? 19  TRP B CB  1 
ATOM   922  C CG  . TRP B 1 22  ? 9.091   11.380  -3.991  1.00 85.21  ? 19  TRP B CG  1 
ATOM   923  C CD1 . TRP B 1 22  ? 9.361   11.772  -2.733  1.00 85.82  ? 19  TRP B CD1 1 
ATOM   924  C CD2 . TRP B 1 22  ? 10.323  10.914  -4.519  1.00 81.66  ? 19  TRP B CD2 1 
ATOM   925  N NE1 . TRP B 1 22  ? 10.686  11.745  -2.506  1.00 94.22  ? 19  TRP B NE1 1 
ATOM   926  C CE2 . TRP B 1 22  ? 11.304  11.238  -3.590  1.00 88.67  ? 19  TRP B CE2 1 
ATOM   927  C CE3 . TRP B 1 22  ? 10.637  10.298  -5.689  1.00 79.33  ? 19  TRP B CE3 1 
ATOM   928  C CZ2 . TRP B 1 22  ? 12.627  10.989  -3.826  1.00 89.74  ? 19  TRP B CZ2 1 
ATOM   929  C CZ3 . TRP B 1 22  ? 11.967  10.001  -5.924  1.00 84.05  ? 19  TRP B CZ3 1 
ATOM   930  C CH2 . TRP B 1 22  ? 12.957  10.367  -5.020  1.00 85.23  ? 19  TRP B CH2 1 
ATOM   931  N N   . ASN B 1 23  ? 4.990   9.312   -3.907  1.00 69.64  ? 20  ASN B N   1 
ATOM   932  C CA  . ASN B 1 23  ? 3.588   9.392   -3.675  1.00 69.88  ? 20  ASN B CA  1 
ATOM   933  C C   . ASN B 1 23  ? 3.263   9.167   -2.244  1.00 74.45  ? 20  ASN B C   1 
ATOM   934  O O   . ASN B 1 23  ? 2.566   9.956   -1.645  1.00 74.31  ? 20  ASN B O   1 
ATOM   935  C CB  . ASN B 1 23  ? 2.931   8.275   -4.443  1.00 70.55  ? 20  ASN B CB  1 
ATOM   936  C CG  . ASN B 1 23  ? 3.083   8.556   -5.896  1.00 71.51  ? 20  ASN B CG  1 
ATOM   937  O OD1 . ASN B 1 23  ? 2.798   9.678   -6.293  1.00 71.64  ? 20  ASN B OD1 1 
ATOM   938  N ND2 . ASN B 1 23  ? 3.435   7.552   -6.701  1.00 64.63  ? 20  ASN B ND2 1 
ATOM   939  N N   . GLY B 1 24  ? 3.901   8.159   -1.663  1.00 75.36  ? 21  GLY B N   1 
ATOM   940  C CA  . GLY B 1 24  ? 3.694   7.977   -0.263  1.00 75.15  ? 21  GLY B CA  1 
ATOM   941  C C   . GLY B 1 24  ? 4.150   9.147   0.586   1.00 79.97  ? 21  GLY B C   1 
ATOM   942  O O   . GLY B 1 24  ? 3.385   9.700   1.366   1.00 71.39  ? 21  GLY B O   1 
ATOM   943  N N   . LEU B 1 25  ? 5.380   9.584   0.361   1.00 81.68  ? 22  LEU B N   1 
ATOM   944  C CA  . LEU B 1 25  ? 5.879   10.762  1.080   1.00 82.84  ? 22  LEU B CA  1 
ATOM   945  C C   . LEU B 1 25  ? 5.063   12.090  0.868   1.00 80.19  ? 22  LEU B C   1 
ATOM   946  O O   . LEU B 1 25  ? 4.919   12.906  1.767   1.00 88.84  ? 22  LEU B O   1 
ATOM   947  C CB  . LEU B 1 25  ? 7.333   10.994  0.713   1.00 88.30  ? 22  LEU B CB  1 
ATOM   948  C CG  . LEU B 1 25  ? 8.233   11.314  1.905   1.00 99.62  ? 22  LEU B CG  1 
ATOM   949  C CD1 . LEU B 1 25  ? 9.604   11.720  1.352   1.00 103.53 ? 22  LEU B CD1 1 
ATOM   950  C CD2 . LEU B 1 25  ? 7.651   12.351  2.879   1.00 86.80  ? 22  LEU B CD2 1 
ATOM   951  N N   . ILE B 1 26  ? 4.588   12.333  -0.347  1.00 75.38  ? 23  ILE B N   1 
ATOM   952  C CA  . ILE B 1 26  ? 3.885   13.568  -0.690  1.00 78.99  ? 23  ILE B CA  1 
ATOM   953  C C   . ILE B 1 26  ? 2.594   13.781  0.105   1.00 83.61  ? 23  ILE B C   1 
ATOM   954  O O   . ILE B 1 26  ? 2.294   14.866  0.566   1.00 84.32  ? 23  ILE B O   1 
ATOM   955  C CB  . ILE B 1 26  ? 3.606   13.684  -2.187  1.00 76.05  ? 23  ILE B CB  1 
ATOM   956  C CG1 . ILE B 1 26  ? 4.908   13.842  -2.948  1.00 66.84  ? 23  ILE B CG1 1 
ATOM   957  C CG2 . ILE B 1 26  ? 2.720   14.859  -2.497  1.00 66.90  ? 23  ILE B CG2 1 
ATOM   958  C CD1 . ILE B 1 26  ? 4.751   13.459  -4.402  1.00 66.83  ? 23  ILE B CD1 1 
ATOM   959  N N   . ILE B 1 27  ? 1.794   12.753  0.252   1.00 81.60  ? 24  ILE B N   1 
ATOM   960  C CA  . ILE B 1 27  ? 0.534   12.935  0.941   1.00 81.62  ? 24  ILE B CA  1 
ATOM   961  C C   . ILE B 1 27  ? 0.755   12.878  2.422   1.00 89.08  ? 24  ILE B C   1 
ATOM   962  O O   . ILE B 1 27  ? -0.122  13.201  3.198   1.00 91.02  ? 24  ILE B O   1 
ATOM   963  C CB  . ILE B 1 27  ? -0.528  11.914  0.608   1.00 82.55  ? 24  ILE B CB  1 
ATOM   964  C CG1 . ILE B 1 27  ? 0.020   10.508  0.480   1.00 79.97  ? 24  ILE B CG1 1 
ATOM   965  C CG2 . ILE B 1 27  ? -1.232  12.452  -0.611  1.00 87.93  ? 24  ILE B CG2 1 
ATOM   966  C CD1 . ILE B 1 27  ? -0.423  9.814   -0.793  1.00 81.78  ? 24  ILE B CD1 1 
ATOM   967  N N   . ASN B 1 28  ? 1.960   12.502  2.824   1.00 86.40  ? 25  ASN B N   1 
ATOM   968  C CA  . ASN B 1 28  ? 2.366   12.780  4.173   1.00 92.08  ? 25  ASN B CA  1 
ATOM   969  C C   . ASN B 1 28  ? 2.450   14.294  4.412   1.00 93.66  ? 25  ASN B C   1 
ATOM   970  O O   . ASN B 1 28  ? 1.893   14.820  5.358   1.00 92.33  ? 25  ASN B O   1 
ATOM   971  C CB  . ASN B 1 28  ? 3.737   12.140  4.455   1.00 95.09  ? 25  ASN B CB  1 
ATOM   972  C CG  . ASN B 1 28  ? 3.893   11.698  5.900   1.00 99.34  ? 25  ASN B CG  1 
ATOM   973  O OD1 . ASN B 1 28  ? 2.907   11.468  6.608   1.00 97.30  ? 25  ASN B OD1 1 
ATOM   974  N ND2 . ASN B 1 28  ? 5.166   11.548  6.331   1.00 96.72  ? 25  ASN B ND2 1 
ATOM   975  N N   . TYR B 1 29  ? 3.126   14.993  3.503   1.00 94.60  ? 26  TYR B N   1 
ATOM   976  C CA  . TYR B 1 29  ? 3.278   16.447  3.620   1.00 94.70  ? 26  TYR B CA  1 
ATOM   977  C C   . TYR B 1 29  ? 1.928   17.168  3.575   1.00 93.89  ? 26  TYR B C   1 
ATOM   978  O O   . TYR B 1 29  ? 1.563   17.944  4.440   1.00 98.14  ? 26  TYR B O   1 
ATOM   979  C CB  . TYR B 1 29  ? 4.148   16.908  2.478   1.00 94.91  ? 26  TYR B CB  1 
ATOM   980  C CG  . TYR B 1 29  ? 4.720   18.272  2.593   1.00 112.17 ? 26  TYR B CG  1 
ATOM   981  C CD1 . TYR B 1 29  ? 3.931   19.443  2.673   1.00 109.73 ? 26  TYR B CD1 1 
ATOM   982  C CD2 . TYR B 1 29  ? 6.100   18.403  2.368   1.00 117.12 ? 26  TYR B CD2 1 
ATOM   983  C CE1 . TYR B 1 29  ? 4.515   20.708  2.636   1.00 112.36 ? 26  TYR B CE1 1 
ATOM   984  C CE2 . TYR B 1 29  ? 6.682   19.660  2.274   1.00 114.42 ? 26  TYR B CE2 1 
ATOM   985  C CZ  . TYR B 1 29  ? 5.898   20.801  2.465   1.00 120.02 ? 26  TYR B CZ  1 
ATOM   986  O OH  . TYR B 1 29  ? 6.523   22.049  2.490   1.00 124.62 ? 26  TYR B OH  1 
ATOM   987  N N   . LEU B 1 30  ? 1.166   16.840  2.582   1.00 87.78  ? 27  LEU B N   1 
ATOM   988  C CA  . LEU B 1 30  ? -0.104  17.451  2.359   1.00 91.69  ? 27  LEU B CA  1 
ATOM   989  C C   . LEU B 1 30  ? -1.005  17.385  3.564   1.00 96.76  ? 27  LEU B C   1 
ATOM   990  O O   . LEU B 1 30  ? -1.680  18.350  3.903   1.00 103.98 ? 27  LEU B O   1 
ATOM   991  C CB  . LEU B 1 30  ? -0.770  16.857  1.156   1.00 96.54  ? 27  LEU B CB  1 
ATOM   992  C CG  . LEU B 1 30  ? -0.682  17.828  -0.003  1.00 87.62  ? 27  LEU B CG  1 
ATOM   993  C CD1 . LEU B 1 30  ? -0.757  17.093  -1.322  1.00 88.28  ? 27  LEU B CD1 1 
ATOM   994  C CD2 . LEU B 1 30  ? -1.773  18.852  0.120   1.00 92.38  ? 27  LEU B CD2 1 
ATOM   995  N N   . SER B 1 31  ? -0.991  16.233  4.220   1.00 101.93 ? 28  SER B N   1 
ATOM   996  C CA  . SER B 1 31  ? -1.752  16.060  5.453   1.00 104.60 ? 28  SER B CA  1 
ATOM   997  C C   . SER B 1 31  ? -1.131  16.845  6.653   1.00 98.82  ? 28  SER B C   1 
ATOM   998  O O   . SER B 1 31  ? -1.874  17.420  7.432   1.00 89.03  ? 28  SER B O   1 
ATOM   999  C CB  . SER B 1 31  ? -1.813  14.567  5.814   1.00 92.82  ? 28  SER B CB  1 
ATOM   1000 O OG  . SER B 1 31  ? -0.523  14.002  5.917   1.00 87.42  ? 28  SER B OG  1 
ATOM   1001 N N   . ARG B 1 32  ? 0.210   16.670  6.835   1.00 97.92  ? 29  ARG B N   1 
ATOM   1002 C CA  . ARG B 1 32  ? 0.997   17.135  7.994   1.00 104.91 ? 29  ARG B CA  1 
ATOM   1003 C C   . ARG B 1 32  ? 1.612   18.576  8.034   1.00 111.86 ? 29  ARG B C   1 
ATOM   1004 O O   . ARG B 1 32  ? 1.580   19.249  9.058   1.00 113.08 ? 29  ARG B O   1 
ATOM   1005 C CB  . ARG B 1 32  ? 2.200   16.189  8.050   1.00 106.64 ? 29  ARG B CB  1 
ATOM   1006 C CG  . ARG B 1 32  ? 2.913   16.178  9.379   1.00 112.01 ? 29  ARG B CG  1 
ATOM   1007 C CD  . ARG B 1 32  ? 3.559   14.834  9.695   1.00 110.71 ? 29  ARG B CD  1 
ATOM   1008 N NE  . ARG B 1 32  ? 4.514   14.526  8.610   1.00 104.39 ? 29  ARG B NE  1 
ATOM   1009 C CZ  . ARG B 1 32  ? 5.800   14.162  8.848   1.00 116.22 ? 29  ARG B CZ  1 
ATOM   1010 N NH1 . ARG B 1 32  ? 6.263   13.957  10.108  1.00 111.25 ? 29  ARG B NH1 1 
ATOM   1011 N NH2 . ARG B 1 32  ? 6.657   14.018  7.796   1.00 123.87 ? 29  ARG B NH2 1 
ATOM   1012 N N   . SER B 1 33  ? 2.478   18.837  7.042   1.00 112.30 ? 30  SER B N   1 
ATOM   1013 C CA  . SER B 1 33  ? 3.226   20.108  6.887   1.00 114.81 ? 30  SER B CA  1 
ATOM   1014 C C   . SER B 1 33  ? 2.369   21.296  6.491   1.00 115.97 ? 30  SER B C   1 
ATOM   1015 O O   . SER B 1 33  ? 2.641   22.444  6.831   1.00 111.79 ? 30  SER B O   1 
ATOM   1016 C CB  . SER B 1 33  ? 4.454   19.966  6.015   1.00 114.06 ? 30  SER B CB  1 
ATOM   1017 O OG  . SER B 1 33  ? 5.511   19.492  6.833   1.00 117.10 ? 30  SER B OG  1 
ATOM   1018 N N   . ASN B 1 34  ? 1.266   20.983  5.845   1.00 115.97 ? 31  ASN B N   1 
ATOM   1019 C CA  . ASN B 1 34  ? 0.255   21.983  5.550   1.00 116.22 ? 31  ASN B CA  1 
ATOM   1020 C C   . ASN B 1 34  ? -0.170  22.644  6.855   1.00 122.51 ? 31  ASN B C   1 
ATOM   1021 O O   . ASN B 1 34  ? -0.251  21.976  7.875   1.00 129.81 ? 31  ASN B O   1 
ATOM   1022 C CB  . ASN B 1 34  ? -1.025  21.301  5.018   1.00 111.36 ? 31  ASN B CB  1 
ATOM   1023 C CG  . ASN B 1 34  ? -1.723  20.565  6.192   1.00 115.23 ? 31  ASN B CG  1 
ATOM   1024 O OD1 . ASN B 1 34  ? -1.073  19.702  6.781   1.00 115.02 ? 31  ASN B OD1 1 
ATOM   1025 N ND2 . ASN B 1 34  ? -2.838  21.102  6.752   1.00 111.88 ? 31  ASN B ND2 1 
ATOM   1026 N N   . ASP B 1 35  ? -0.569  23.870  6.804   1.00 116.38 ? 32  ASP B N   1 
ATOM   1027 C CA  . ASP B 1 35  ? -1.186  24.411  7.993   1.00 122.91 ? 32  ASP B CA  1 
ATOM   1028 C C   . ASP B 1 35  ? -2.651  24.698  7.672   1.00 125.93 ? 32  ASP B C   1 
ATOM   1029 O O   . ASP B 1 35  ? -3.465  24.978  8.555   1.00 126.34 ? 32  ASP B O   1 
ATOM   1030 C CB  . ASP B 1 35  ? -0.429  25.624  8.547   1.00 124.66 ? 32  ASP B CB  1 
ATOM   1031 C CG  . ASP B 1 35  ? 0.341   25.085  9.752   1.00 128.47 ? 32  ASP B CG  1 
ATOM   1032 O OD1 . ASP B 1 35  ? 1.157   24.147  9.576   1.00 126.83 ? 32  ASP B OD1 1 
ATOM   1033 O OD2 . ASP B 1 35  ? 0.082   25.567  10.878  1.00 123.97 ? 32  ASP B OD2 1 
ATOM   1034 N N   . SER B 1 36  ? -2.976  24.640  6.367   1.00 121.26 ? 33  SER B N   1 
ATOM   1035 C CA  . SER B 1 36  ? -4.344  24.895  5.930   1.00 119.79 ? 33  SER B CA  1 
ATOM   1036 C C   . SER B 1 36  ? -4.723  23.953  4.769   1.00 119.10 ? 33  SER B C   1 
ATOM   1037 O O   . SER B 1 36  ? -5.651  24.211  3.995   1.00 109.80 ? 33  SER B O   1 
ATOM   1038 C CB  . SER B 1 36  ? -4.399  26.331  5.391   1.00 107.32 ? 33  SER B CB  1 
ATOM   1039 O OG  . SER B 1 36  ? -3.557  27.213  6.119   1.00 98.48  ? 33  SER B OG  1 
ATOM   1040 N N   . SER B 1 37  ? -4.088  22.767  4.838   1.00 117.14 ? 34  SER B N   1 
ATOM   1041 C CA  . SER B 1 37  ? -4.377  21.545  4.057   1.00 115.60 ? 34  SER B CA  1 
ATOM   1042 C C   . SER B 1 37  ? -4.179  21.728  2.554   1.00 116.28 ? 34  SER B C   1 
ATOM   1043 O O   . SER B 1 37  ? -4.745  20.991  1.755   1.00 115.39 ? 34  SER B O   1 
ATOM   1044 C CB  . SER B 1 37  ? -5.802  21.031  4.378   1.00 111.42 ? 34  SER B CB  1 
ATOM   1045 O OG  . SER B 1 37  ? -5.758  19.723  4.900   1.00 108.97 ? 34  SER B OG  1 
ATOM   1046 N N   . ALA B 1 38  ? -3.252  22.650  2.241   1.00 111.83 ? 35  ALA B N   1 
ATOM   1047 C CA  . ALA B 1 38  ? -2.880  23.087  0.895   1.00 99.94  ? 35  ALA B CA  1 
ATOM   1048 C C   . ALA B 1 38  ? -1.371  23.274  0.834   1.00 97.41  ? 35  ALA B C   1 
ATOM   1049 O O   . ALA B 1 38  ? -0.722  23.260  1.848   1.00 105.49 ? 35  ALA B O   1 
ATOM   1050 C CB  . ALA B 1 38  ? -3.607  24.384  0.492   1.00 106.00 ? 35  ALA B CB  1 
ATOM   1051 N N   . HIS B 1 39  ? -0.774  23.234  -0.334  1.00 102.64 ? 36  HIS B N   1 
ATOM   1052 C CA  . HIS B 1 39  ? 0.672   23.205  -0.368  1.00 112.37 ? 36  HIS B CA  1 
ATOM   1053 C C   . HIS B 1 39  ? 1.313   24.533  -0.838  1.00 121.58 ? 36  HIS B C   1 
ATOM   1054 O O   . HIS B 1 39  ? 2.423   24.857  -0.404  1.00 125.80 ? 36  HIS B O   1 
ATOM   1055 C CB  . HIS B 1 39  ? 1.064   22.144  -1.374  1.00 113.37 ? 36  HIS B CB  1 
ATOM   1056 C CG  . HIS B 1 39  ? 2.451   21.631  -1.387  1.00 120.87 ? 36  HIS B CG  1 
ATOM   1057 N ND1 . HIS B 1 39  ? 3.584   22.165  -0.828  1.00 119.16 ? 36  HIS B ND1 1 
ATOM   1058 C CD2 . HIS B 1 39  ? 2.840   20.543  -2.101  1.00 119.20 ? 36  HIS B CD2 1 
ATOM   1059 C CE1 . HIS B 1 39  ? 4.599   21.381  -1.247  1.00 121.73 ? 36  HIS B CE1 1 
ATOM   1060 N NE2 . HIS B 1 39  ? 4.196   20.381  -2.019  1.00 120.41 ? 36  HIS B NE2 1 
ATOM   1061 N N   . PHE B 1 40  ? 0.674   25.173  -1.839  1.00 110.78 ? 37  PHE B N   1 
ATOM   1062 C CA  . PHE B 1 40  ? 1.222   26.326  -2.579  1.00 111.41 ? 37  PHE B CA  1 
ATOM   1063 C C   . PHE B 1 40  ? 2.691   26.139  -3.111  1.00 113.37 ? 37  PHE B C   1 
ATOM   1064 O O   . PHE B 1 40  ? 3.362   27.135  -3.397  1.00 115.42 ? 37  PHE B O   1 
ATOM   1065 C CB  . PHE B 1 40  ? 1.177   27.627  -1.765  1.00 111.60 ? 37  PHE B CB  1 
ATOM   1066 C CG  . PHE B 1 40  ? -0.132  28.208  -1.341  1.00 112.30 ? 37  PHE B CG  1 
ATOM   1067 C CD1 . PHE B 1 40  ? -0.919  27.601  -0.338  1.00 117.46 ? 37  PHE B CD1 1 
ATOM   1068 C CD2 . PHE B 1 40  ? -0.400  29.539  -1.692  1.00 95.72  ? 37  PHE B CD2 1 
ATOM   1069 C CE1 . PHE B 1 40  ? -1.930  28.330  0.306   1.00 110.99 ? 37  PHE B CE1 1 
ATOM   1070 C CE2 . PHE B 1 40  ? -1.382  30.261  -1.036  1.00 91.82  ? 37  PHE B CE2 1 
ATOM   1071 C CZ  . PHE B 1 40  ? -2.148  29.673  -0.041  1.00 100.53 ? 37  PHE B CZ  1 
ATOM   1072 N N   . SER B 1 41  ? 3.149   24.885  -3.338  1.00 106.38 ? 38  SER B N   1 
ATOM   1073 C CA  . SER B 1 41  ? 4.591   24.594  -3.557  1.00 108.03 ? 38  SER B CA  1 
ATOM   1074 C C   . SER B 1 41  ? 5.492   25.357  -2.579  1.00 115.50 ? 38  SER B C   1 
ATOM   1075 O O   . SER B 1 41  ? 6.051   26.402  -2.922  1.00 105.69 ? 38  SER B O   1 
ATOM   1076 C CB  . SER B 1 41  ? 5.054   24.970  -4.957  1.00 100.94 ? 38  SER B CB  1 
ATOM   1077 O OG  . SER B 1 41  ? 4.361   24.266  -5.949  1.00 94.16  ? 38  SER B OG  1 
ATOM   1078 N N   . ASP B 1 42  ? 5.635   24.811  -1.371  1.00 121.11 ? 39  ASP B N   1 
ATOM   1079 C CA  . ASP B 1 42  ? 6.440   25.427  -0.312  1.00 118.66 ? 39  ASP B CA  1 
ATOM   1080 C C   . ASP B 1 42  ? 7.748   24.653  -0.126  1.00 117.28 ? 39  ASP B C   1 
ATOM   1081 O O   . ASP B 1 42  ? 7.756   23.446  0.074   1.00 114.14 ? 39  ASP B O   1 
ATOM   1082 C CB  . ASP B 1 42  ? 5.675   25.683  1.020   1.00 117.35 ? 39  ASP B CB  1 
ATOM   1083 C CG  . ASP B 1 42  ? 4.754   26.915  0.984   1.00 113.32 ? 39  ASP B CG  1 
ATOM   1084 O OD1 . ASP B 1 42  ? 3.877   26.958  0.101   1.00 115.93 ? 39  ASP B OD1 1 
ATOM   1085 O OD2 . ASP B 1 42  ? 4.910   27.825  1.833   1.00 109.14 ? 39  ASP B OD2 1 
ATOM   1086 N N   . MET B 1 43  ? 8.697   25.499  -0.372  1.00 123.55 ? 40  MET B N   1 
ATOM   1087 C CA  . MET B 1 43  ? 10.074  25.063  -0.622  1.00 123.69 ? 40  MET B CA  1 
ATOM   1088 C C   . MET B 1 43  ? 10.155  24.349  -1.976  1.00 121.45 ? 40  MET B C   1 
ATOM   1089 O O   . MET B 1 43  ? 11.193  23.783  -2.319  1.00 120.67 ? 40  MET B O   1 
ATOM   1090 C CB  . MET B 1 43  ? 10.606  24.153  0.501   1.00 121.90 ? 40  MET B CB  1 
ATOM   1091 C CG  . MET B 1 43  ? 10.677  24.795  1.883   1.00 119.48 ? 40  MET B CG  1 
ATOM   1092 S SD  . MET B 1 43  ? 10.121  26.512  1.902   1.00 130.66 ? 40  MET B SD  1 
ATOM   1093 C CE  . MET B 1 43  ? 8.865   26.453  3.181   1.00 118.41 ? 40  MET B CE  1 
ATOM   1094 N N   . LYS B 1 44  ? 9.077   24.455  -2.761  1.00 119.84 ? 41  LYS B N   1 
ATOM   1095 C CA  . LYS B 1 44  ? 8.761   23.500  -3.817  1.00 115.12 ? 41  LYS B CA  1 
ATOM   1096 C C   . LYS B 1 44  ? 9.209   22.150  -3.295  1.00 116.40 ? 41  LYS B C   1 
ATOM   1097 O O   . LYS B 1 44  ? 10.196  21.589  -3.771  1.00 117.31 ? 41  LYS B O   1 
ATOM   1098 C CB  . LYS B 1 44  ? 9.447   23.862  -5.133  1.00 101.96 ? 41  LYS B CB  1 
ATOM   1099 C CG  . LYS B 1 44  ? 9.097   22.937  -6.305  1.00 97.22  ? 41  LYS B CG  1 
ATOM   1100 C CD  . LYS B 1 44  ? 7.602   22.669  -6.437  1.00 91.46  ? 41  LYS B CD  1 
ATOM   1101 C CE  . LYS B 1 44  ? 7.254   22.324  -7.881  1.00 80.39  ? 41  LYS B CE  1 
ATOM   1102 N NZ  . LYS B 1 44  ? 5.992   21.539  -8.001  1.00 85.06  ? 41  LYS B NZ  1 
ATOM   1103 N N   . ARG B 1 45  ? 8.500   21.669  -2.274  1.00 113.25 ? 42  ARG B N   1 
ATOM   1104 C CA  . ARG B 1 45  ? 8.946   20.539  -1.456  1.00 121.86 ? 42  ARG B CA  1 
ATOM   1105 C C   . ARG B 1 45  ? 10.045  21.092  -0.527  1.00 123.98 ? 42  ARG B C   1 
ATOM   1106 O O   . ARG B 1 45  ? 10.709  22.085  -0.833  1.00 120.70 ? 42  ARG B O   1 
ATOM   1107 C CB  . ARG B 1 45  ? 9.123   19.268  -2.293  1.00 117.21 ? 42  ARG B CB  1 
ATOM   1108 C CG  . ARG B 1 45  ? 10.148  18.302  -1.711  1.00 114.20 ? 42  ARG B CG  1 
ATOM   1109 C CD  . ARG B 1 45  ? 11.279  18.042  -2.678  1.00 113.41 ? 42  ARG B CD  1 
ATOM   1110 N NE  . ARG B 1 45  ? 11.872  19.264  -3.216  1.00 121.17 ? 42  ARG B NE  1 
ATOM   1111 C CZ  . ARG B 1 45  ? 12.463  19.336  -4.404  1.00 119.53 ? 42  ARG B CZ  1 
ATOM   1112 N NH1 . ARG B 1 45  ? 12.525  18.255  -5.169  1.00 113.94 ? 42  ARG B NH1 1 
ATOM   1113 N NH2 . ARG B 1 45  ? 12.982  20.482  -4.832  1.00 116.97 ? 42  ARG B NH2 1 
ATOM   1114 N N   . ASP B 1 46  ? 10.234  20.430  0.609   1.00 120.01 ? 43  ASP B N   1 
ATOM   1115 C CA  . ASP B 1 46  ? 11.395  20.609  1.467   1.00 115.73 ? 43  ASP B CA  1 
ATOM   1116 C C   . ASP B 1 46  ? 12.620  19.856  0.941   1.00 116.31 ? 43  ASP B C   1 
ATOM   1117 O O   . ASP B 1 46  ? 12.801  18.669  1.231   1.00 114.00 ? 43  ASP B O   1 
ATOM   1118 C CB  . ASP B 1 46  ? 11.052  20.158  2.882   1.00 115.31 ? 43  ASP B CB  1 
ATOM   1119 C CG  . ASP B 1 46  ? 9.738   20.732  3.364   1.00 119.83 ? 43  ASP B CG  1 
ATOM   1120 O OD1 . ASP B 1 46  ? 9.333   21.810  2.860   1.00 114.94 ? 43  ASP B OD1 1 
ATOM   1121 O OD2 . ASP B 1 46  ? 9.109   20.105  4.243   1.00 120.33 ? 43  ASP B OD2 1 
ATOM   1122 N N   . LEU B 1 47  ? 13.433  20.567  0.154   1.00 113.51 ? 44  LEU B N   1 
ATOM   1123 C CA  . LEU B 1 47  ? 14.700  20.070  -0.405  1.00 115.14 ? 44  LEU B CA  1 
ATOM   1124 C C   . LEU B 1 47  ? 14.453  18.631  -0.893  1.00 118.46 ? 44  LEU B C   1 
ATOM   1125 O O   . LEU B 1 47  ? 13.675  18.408  -1.824  1.00 120.90 ? 44  LEU B O   1 
ATOM   1126 C CB  . LEU B 1 47  ? 15.827  20.116  0.631   1.00 118.46 ? 44  LEU B CB  1 
ATOM   1127 C CG  . LEU B 1 47  ? 17.048  19.238  0.342   1.00 120.67 ? 44  LEU B CG  1 
ATOM   1128 C CD1 . LEU B 1 47  ? 16.886  17.868  0.980   1.00 121.79 ? 44  LEU B CD1 1 
ATOM   1129 C CD2 . LEU B 1 47  ? 17.280  19.114  -1.156  1.00 114.14 ? 44  LEU B CD2 1 
ATOM   1130 N N   . LYS B 1 48  ? 15.150  17.680  -0.271  1.00 121.22 ? 45  LYS B N   1 
ATOM   1131 C CA  . LYS B 1 48  ? 15.053  16.241  -0.572  1.00 115.19 ? 45  LYS B CA  1 
ATOM   1132 C C   . LYS B 1 48  ? 15.522  15.893  -1.992  1.00 118.61 ? 45  LYS B C   1 
ATOM   1133 O O   . LYS B 1 48  ? 15.667  16.770  -2.849  1.00 121.04 ? 45  LYS B O   1 
ATOM   1134 C CB  . LYS B 1 48  ? 13.636  15.698  -0.735  1.00 103.92 ? 45  LYS B CB  1 
ATOM   1135 C CG  . LYS B 1 48  ? 12.927  15.524  0.581   1.00 107.45 ? 45  LYS B CG  1 
ATOM   1136 C CD  . LYS B 1 48  ? 11.432  15.713  0.423   1.00 112.48 ? 45  LYS B CD  1 
ATOM   1137 C CE  . LYS B 1 48  ? 10.814  14.678  -0.503  1.00 101.07 ? 45  LYS B CE  1 
ATOM   1138 N NZ  . LYS B 1 48  ? 9.536   15.201  -1.073  1.00 96.64  ? 45  LYS B NZ  1 
ATOM   1139 N N   . THR B 1 49  ? 15.774  14.603  -2.218  1.00 120.32 ? 46  THR B N   1 
ATOM   1140 C CA  . THR B 1 49  ? 16.626  14.022  -3.263  1.00 119.78 ? 46  THR B CA  1 
ATOM   1141 C C   . THR B 1 49  ? 15.957  14.039  -4.638  1.00 114.25 ? 46  THR B C   1 
ATOM   1142 O O   . THR B 1 49  ? 16.451  13.422  -5.583  1.00 115.26 ? 46  THR B O   1 
ATOM   1143 C CB  . THR B 1 49  ? 17.015  12.579  -2.890  1.00 119.43 ? 46  THR B CB  1 
ATOM   1144 O OG1 . THR B 1 49  ? 15.832  11.786  -2.746  1.00 119.58 ? 46  THR B OG1 1 
ATOM   1145 C CG2 . THR B 1 49  ? 17.639  12.536  -1.504  1.00 123.99 ? 46  THR B CG2 1 
ATOM   1146 N N   . ILE B 1 50  ? 14.850  14.767  -4.744  1.00 110.48 ? 47  ILE B N   1 
ATOM   1147 C CA  . ILE B 1 50  ? 13.897  14.558  -5.829  1.00 106.31 ? 47  ILE B CA  1 
ATOM   1148 C C   . ILE B 1 50  ? 13.798  15.696  -6.841  1.00 109.74 ? 47  ILE B C   1 
ATOM   1149 O O   . ILE B 1 50  ? 13.656  16.858  -6.472  1.00 111.32 ? 47  ILE B O   1 
ATOM   1150 C CB  . ILE B 1 50  ? 12.517  14.307  -5.236  1.00 103.74 ? 47  ILE B CB  1 
ATOM   1151 C CG1 . ILE B 1 50  ? 11.412  14.637  -6.232  1.00 94.41  ? 47  ILE B CG1 1 
ATOM   1152 C CG2 . ILE B 1 50  ? 12.348  15.132  -3.986  1.00 106.13 ? 47  ILE B CG2 1 
ATOM   1153 C CD1 . ILE B 1 50  ? 10.038  14.589  -5.615  1.00 87.12  ? 47  ILE B CD1 1 
ATOM   1154 N N   . THR B 1 51  ? 13.816  15.257  -8.144  1.00 108.53 ? 48  THR B N   1 
ATOM   1155 C CA  . THR B 1 51  ? 13.755  16.255  -9.164  1.00 103.59 ? 48  THR B CA  1 
ATOM   1156 C C   . THR B 1 51  ? 12.336  16.734  -9.305  1.00 96.48  ? 48  THR B C   1 
ATOM   1157 O O   . THR B 1 51  ? 11.474  15.887  -9.299  1.00 92.42  ? 48  THR B O   1 
ATOM   1158 C CB  . THR B 1 51  ? 14.199  15.710  -10.502 1.00 102.47 ? 48  THR B CB  1 
ATOM   1159 O OG1 . THR B 1 51  ? 13.582  14.469  -10.708 1.00 102.29 ? 48  THR B OG1 1 
ATOM   1160 C CG2 . THR B 1 51  ? 15.732  15.542  -10.516 1.00 110.99 ? 48  THR B CG2 1 
ATOM   1161 N N   . PRO B 1 52  ? 12.180  18.114  -9.505  1.00 104.47 ? 49  PRO B N   1 
ATOM   1162 C CA  . PRO B 1 52  ? 10.796  18.481  -9.772  1.00 92.82  ? 49  PRO B CA  1 
ATOM   1163 C C   . PRO B 1 52  ? 10.298  17.909  -11.129 1.00 84.45  ? 49  PRO B C   1 
ATOM   1164 O O   . PRO B 1 52  ? 9.119   17.815  -11.293 1.00 82.94  ? 49  PRO B O   1 
ATOM   1165 C CB  . PRO B 1 52  ? 10.861  19.982  -9.698  1.00 91.60  ? 49  PRO B CB  1 
ATOM   1166 C CG  . PRO B 1 52  ? 12.199  20.337  -10.355 1.00 104.25 ? 49  PRO B CG  1 
ATOM   1167 C CD  . PRO B 1 52  ? 13.090  19.151  -9.981  1.00 106.40 ? 49  PRO B CD  1 
ATOM   1168 N N   . ARG B 1 53  ? 11.124  17.522  -12.085 1.00 85.68  ? 50  ARG B N   1 
ATOM   1169 C CA  . ARG B 1 53  ? 10.651  16.718  -13.205 1.00 84.58  ? 50  ARG B CA  1 
ATOM   1170 C C   . ARG B 1 53  ? 9.810   15.501  -12.775 1.00 91.25  ? 50  ARG B C   1 
ATOM   1171 O O   . ARG B 1 53  ? 8.754   15.198  -13.323 1.00 88.16  ? 50  ARG B O   1 
ATOM   1172 C CB  . ARG B 1 53  ? 11.804  16.238  -14.050 1.00 73.97  ? 50  ARG B CB  1 
ATOM   1173 C CG  . ARG B 1 53  ? 11.307  15.532  -15.289 1.00 73.96  ? 50  ARG B CG  1 
ATOM   1174 C CD  . ARG B 1 53  ? 12.436  15.079  -16.142 1.00 74.69  ? 50  ARG B CD  1 
ATOM   1175 N NE  . ARG B 1 53  ? 11.841  14.459  -17.313 1.00 72.11  ? 50  ARG B NE  1 
ATOM   1176 C CZ  . ARG B 1 53  ? 12.416  13.416  -17.971 1.00 97.27  ? 50  ARG B CZ  1 
ATOM   1177 N NH1 . ARG B 1 53  ? 13.615  12.888  -17.587 1.00 102.84 ? 50  ARG B NH1 1 
ATOM   1178 N NH2 . ARG B 1 53  ? 11.777  12.879  -19.054 1.00 99.04  ? 50  ARG B NH2 1 
ATOM   1179 N N   . ALA B 1 54  ? 10.306  14.821  -11.749 1.00 91.09  ? 51  ALA B N   1 
ATOM   1180 C CA  . ALA B 1 54  ? 9.657   13.643  -11.231 1.00 86.48  ? 51  ALA B CA  1 
ATOM   1181 C C   . ALA B 1 54  ? 8.723   13.991  -10.063 1.00 82.91  ? 51  ALA B C   1 
ATOM   1182 O O   . ALA B 1 54  ? 7.780   13.291  -9.795  1.00 85.22  ? 51  ALA B O   1 
ATOM   1183 C CB  . ALA B 1 54  ? 10.722  12.667  -10.823 1.00 86.10  ? 51  ALA B CB  1 
ATOM   1184 N N   . LEU B 1 55  ? 8.948   15.095  -9.383  1.00 72.27  ? 52  LEU B N   1 
ATOM   1185 C CA  . LEU B 1 55  ? 7.961   15.593  -8.475  1.00 68.08  ? 52  LEU B CA  1 
ATOM   1186 C C   . LEU B 1 55  ? 6.674   15.936  -9.171  1.00 75.95  ? 52  LEU B C   1 
ATOM   1187 O O   . LEU B 1 55  ? 5.597   15.622  -8.709  1.00 84.06  ? 52  LEU B O   1 
ATOM   1188 C CB  . LEU B 1 55  ? 8.475   16.763  -7.695  1.00 75.89  ? 52  LEU B CB  1 
ATOM   1189 C CG  . LEU B 1 55  ? 7.890   16.986  -6.303  1.00 80.67  ? 52  LEU B CG  1 
ATOM   1190 C CD1 . LEU B 1 55  ? 7.265   18.359  -6.235  1.00 76.63  ? 52  LEU B CD1 1 
ATOM   1191 C CD2 . LEU B 1 55  ? 7.008   15.891  -5.668  1.00 81.72  ? 52  LEU B CD2 1 
ATOM   1192 N N   . SER B 1 56  ? 6.801   16.634  -10.291 1.00 81.10  ? 53  SER B N   1 
ATOM   1193 C CA  . SER B 1 56  ? 5.667   17.093  -11.077 1.00 78.78  ? 53  SER B CA  1 
ATOM   1194 C C   . SER B 1 56  ? 4.881   15.916  -11.574 1.00 75.10  ? 53  SER B C   1 
ATOM   1195 O O   . SER B 1 56  ? 3.669   15.919  -11.504 1.00 66.36  ? 53  SER B O   1 
ATOM   1196 C CB  . SER B 1 56  ? 6.086   17.987  -12.248 1.00 76.35  ? 53  SER B CB  1 
ATOM   1197 O OG  . SER B 1 56  ? 6.870   17.309  -13.205 1.00 72.60  ? 53  SER B OG  1 
ATOM   1198 N N   . LEU B 1 57  ? 5.616   14.883  -12.001 1.00 69.64  ? 54  LEU B N   1 
ATOM   1199 C CA  . LEU B 1 57  ? 5.016   13.618  -12.371 1.00 74.07  ? 54  LEU B CA  1 
ATOM   1200 C C   . LEU B 1 57  ? 4.130   13.042  -11.251 1.00 79.78  ? 54  LEU B C   1 
ATOM   1201 O O   . LEU B 1 57  ? 3.005   12.651  -11.471 1.00 80.44  ? 54  LEU B O   1 
ATOM   1202 C CB  . LEU B 1 57  ? 6.113   12.612  -12.668 1.00 72.46  ? 54  LEU B CB  1 
ATOM   1203 C CG  . LEU B 1 57  ? 5.769   11.411  -13.555 1.00 78.20  ? 54  LEU B CG  1 
ATOM   1204 C CD1 . LEU B 1 57  ? 6.696   10.259  -13.272 1.00 66.63  ? 54  LEU B CD1 1 
ATOM   1205 C CD2 . LEU B 1 57  ? 4.362   10.886  -13.504 1.00 70.82  ? 54  LEU B CD2 1 
ATOM   1206 N N   . LYS B 1 58  ? 4.648   12.988  -10.035 1.00 76.71  ? 55  LYS B N   1 
ATOM   1207 C CA  . LYS B 1 58  ? 3.932   12.348  -8.972  1.00 71.04  ? 55  LYS B CA  1 
ATOM   1208 C C   . LYS B 1 58  ? 2.721   13.117  -8.573  1.00 72.24  ? 55  LYS B C   1 
ATOM   1209 O O   . LYS B 1 58  ? 1.653   12.559  -8.494  1.00 71.77  ? 55  LYS B O   1 
ATOM   1210 C CB  . LYS B 1 58  ? 4.817   12.157  -7.784  1.00 74.92  ? 55  LYS B CB  1 
ATOM   1211 C CG  . LYS B 1 58  ? 6.051   11.348  -8.098  1.00 71.73  ? 55  LYS B CG  1 
ATOM   1212 C CD  . LYS B 1 58  ? 5.866   9.881   -8.325  1.00 71.20  ? 55  LYS B CD  1 
ATOM   1213 C CE  . LYS B 1 58  ? 7.221   9.288   -8.530  1.00 75.08  ? 55  LYS B CE  1 
ATOM   1214 N NZ  . LYS B 1 58  ? 7.092   8.026   -9.219  1.00 69.88  ? 55  LYS B NZ  1 
ATOM   1215 N N   . LEU B 1 59  ? 2.859   14.414  -8.414  1.00 75.36  ? 56  LEU B N   1 
ATOM   1216 C CA  . LEU B 1 59  ? 1.705   15.262  -8.136  1.00 71.46  ? 56  LEU B CA  1 
ATOM   1217 C C   . LEU B 1 59  ? 0.577   15.053  -9.126  1.00 68.06  ? 56  LEU B C   1 
ATOM   1218 O O   . LEU B 1 59  ? -0.526  14.785  -8.748  1.00 70.66  ? 56  LEU B O   1 
ATOM   1219 C CB  . LEU B 1 59  ? 2.103   16.704  -8.096  1.00 77.85  ? 56  LEU B CB  1 
ATOM   1220 C CG  . LEU B 1 59  ? 2.916   16.967  -6.834  1.00 85.89  ? 56  LEU B CG  1 
ATOM   1221 C CD1 . LEU B 1 59  ? 4.011   17.965  -7.109  1.00 81.63  ? 56  LEU B CD1 1 
ATOM   1222 C CD2 . LEU B 1 59  ? 2.023   17.423  -5.671  1.00 83.43  ? 56  LEU B CD2 1 
ATOM   1223 N N   . SER B 1 60  ? 0.907   15.024  -10.403 1.00 69.76  ? 57  SER B N   1 
ATOM   1224 C CA  . SER B 1 60  ? -0.007  14.580  -11.423 1.00 70.32  ? 57  SER B CA  1 
ATOM   1225 C C   . SER B 1 60  ? -0.725  13.253  -11.153 1.00 73.98  ? 57  SER B C   1 
ATOM   1226 O O   . SER B 1 60  ? -1.915  13.140  -11.361 1.00 75.33  ? 57  SER B O   1 
ATOM   1227 C CB  . SER B 1 60  ? 0.587   14.639  -12.813 1.00 77.93  ? 57  SER B CB  1 
ATOM   1228 O OG  . SER B 1 60  ? 1.174   13.434  -13.206 1.00 82.26  ? 57  SER B OG  1 
ATOM   1229 N N   . GLU B 1 61  ? 0.031   12.228  -10.740 1.00 71.73  ? 58  GLU B N   1 
ATOM   1230 C CA  . GLU B 1 61  ? -0.564  10.948  -10.414 1.00 68.40  ? 58  GLU B CA  1 
ATOM   1231 C C   . GLU B 1 61  ? -1.605  11.021  -9.294  1.00 65.80  ? 58  GLU B C   1 
ATOM   1232 O O   . GLU B 1 61  ? -2.689  10.488  -9.399  1.00 68.43  ? 58  GLU B O   1 
ATOM   1233 C CB  . GLU B 1 61  ? 0.499   9.958   -9.992  1.00 64.17  ? 58  GLU B CB  1 
ATOM   1234 C CG  . GLU B 1 61  ? 1.432   9.525   -11.099 1.00 62.94  ? 58  GLU B CG  1 
ATOM   1235 C CD  . GLU B 1 61  ? 2.363   8.439   -10.590 1.00 76.77  ? 58  GLU B CD  1 
ATOM   1236 O OE1 . GLU B 1 61  ? 3.561   8.495   -10.885 1.00 71.19  ? 58  GLU B OE1 1 
ATOM   1237 O OE2 . GLU B 1 61  ? 1.894   7.500   -9.922  1.00 77.21  ? 58  GLU B OE2 1 
ATOM   1238 N N   . LEU B 1 62  ? -1.269  11.762  -8.257  1.00 61.64  ? 59  LEU B N   1 
ATOM   1239 C CA  . LEU B 1 62  ? -2.157  12.061  -7.165  1.00 66.05  ? 59  LEU B CA  1 
ATOM   1240 C C   . LEU B 1 62  ? -3.449  12.696  -7.609  1.00 68.19  ? 59  LEU B C   1 
ATOM   1241 O O   . LEU B 1 62  ? -4.538  12.312  -7.234  1.00 67.88  ? 59  LEU B O   1 
ATOM   1242 C CB  . LEU B 1 62  ? -1.460  12.930  -6.168  1.00 70.19  ? 59  LEU B CB  1 
ATOM   1243 C CG  . LEU B 1 62  ? -0.625  12.189  -5.125  1.00 74.43  ? 59  LEU B CG  1 
ATOM   1244 C CD1 . LEU B 1 62  ? 0.327   11.146  -5.642  1.00 71.26  ? 59  LEU B CD1 1 
ATOM   1245 C CD2 . LEU B 1 62  ? 0.193   13.188  -4.346  1.00 71.00  ? 59  LEU B CD2 1 
ATOM   1246 N N   . ALA B 1 63  ? -3.301  13.673  -8.454  1.00 67.48  ? 60  ALA B N   1 
ATOM   1247 C CA  . ALA B 1 63  ? -4.406  14.411  -8.980  1.00 69.42  ? 60  ALA B CA  1 
ATOM   1248 C C   . ALA B 1 63  ? -5.327  13.543  -9.819  1.00 70.10  ? 60  ALA B C   1 
ATOM   1249 O O   . ALA B 1 63  ? -6.535  13.648  -9.737  1.00 67.56  ? 60  ALA B O   1 
ATOM   1250 C CB  . ALA B 1 63  ? -3.892  15.547  -9.795  1.00 60.49  ? 60  ALA B CB  1 
ATOM   1251 N N   . GLN B 1 64  ? -4.739  12.671  -10.629 1.00 68.60  ? 61  GLN B N   1 
ATOM   1252 C CA  . GLN B 1 64  ? -5.502  11.765  -11.455 1.00 65.69  ? 61  GLN B CA  1 
ATOM   1253 C C   . GLN B 1 64  ? -6.325  10.822  -10.605 1.00 72.52  ? 61  GLN B C   1 
ATOM   1254 O O   . GLN B 1 64  ? -7.481  10.574  -10.867 1.00 67.73  ? 61  GLN B O   1 
ATOM   1255 C CB  . GLN B 1 64  ? -4.585  11.000  -12.389 1.00 63.95  ? 61  GLN B CB  1 
ATOM   1256 C CG  . GLN B 1 64  ? -4.658  9.472   -12.464 1.00 83.37  ? 61  GLN B CG  1 
ATOM   1257 C CD  . GLN B 1 64  ? -5.865  8.932   -13.213 1.00 89.89  ? 61  GLN B CD  1 
ATOM   1258 O OE1 . GLN B 1 64  ? -6.477  9.636   -14.027 1.00 87.94  ? 61  GLN B OE1 1 
ATOM   1259 N NE2 . GLN B 1 64  ? -6.204  7.632   -12.983 1.00 84.54  ? 61  GLN B NE2 1 
ATOM   1260 N N   . TRP B 1 65  ? -5.765  10.460  -9.422  1.00 76.09  ? 62  TRP B N   1 
ATOM   1261 C CA  . TRP B 1 65  ? -6.506  9.578   -8.538  1.00 80.29  ? 62  TRP B CA  1 
ATOM   1262 C C   . TRP B 1 65  ? -7.317  10.324  -7.485  1.00 80.24  ? 62  TRP B C   1 
ATOM   1263 O O   . TRP B 1 65  ? -7.617  9.783   -6.421  1.00 82.38  ? 62  TRP B O   1 
ATOM   1264 C CB  . TRP B 1 65  ? -5.595  8.527   -7.924  1.00 79.35  ? 62  TRP B CB  1 
ATOM   1265 C CG  . TRP B 1 65  ? -5.951  7.169   -8.409  1.00 91.00  ? 62  TRP B CG  1 
ATOM   1266 C CD1 . TRP B 1 65  ? -5.928  6.716   -9.705  1.00 90.94  ? 62  TRP B CD1 1 
ATOM   1267 C CD2 . TRP B 1 65  ? -6.411  6.081   -7.614  1.00 88.80  ? 62  TRP B CD2 1 
ATOM   1268 N NE1 . TRP B 1 65  ? -6.341  5.403   -9.758  1.00 89.56  ? 62  TRP B NE1 1 
ATOM   1269 C CE2 . TRP B 1 65  ? -6.641  4.988   -8.488  1.00 91.97  ? 62  TRP B CE2 1 
ATOM   1270 C CE3 . TRP B 1 65  ? -6.642  5.919   -6.252  1.00 84.40  ? 62  TRP B CE3 1 
ATOM   1271 C CZ2 . TRP B 1 65  ? -7.092  3.755   -8.033  1.00 88.73  ? 62  TRP B CZ2 1 
ATOM   1272 C CZ3 . TRP B 1 65  ? -7.086  4.699   -5.801  1.00 89.02  ? 62  TRP B CZ3 1 
ATOM   1273 C CH2 . TRP B 1 65  ? -7.299  3.625   -6.688  1.00 91.44  ? 62  TRP B CH2 1 
ATOM   1274 N N   . GLU B 1 66  ? -7.651  11.575  -7.804  1.00 79.10  ? 63  GLU B N   1 
ATOM   1275 C CA  . GLU B 1 66  ? -8.581  12.384  -7.023  1.00 80.17  ? 63  GLU B CA  1 
ATOM   1276 C C   . GLU B 1 66  ? -8.167  12.520  -5.566  1.00 80.82  ? 63  GLU B C   1 
ATOM   1277 O O   . GLU B 1 66  ? -8.985  12.826  -4.687  1.00 78.07  ? 63  GLU B O   1 
ATOM   1278 C CB  . GLU B 1 66  ? -10.005 11.825  -7.131  1.00 82.65  ? 63  GLU B CB  1 
ATOM   1279 C CG  . GLU B 1 66  ? -10.472 11.628  -8.564  1.00 85.96  ? 63  GLU B CG  1 
ATOM   1280 C CD  . GLU B 1 66  ? -11.950 11.888  -8.750  1.00 96.97  ? 63  GLU B CD  1 
ATOM   1281 O OE1 . GLU B 1 66  ? -12.486 12.804  -8.091  1.00 94.73  ? 63  GLU B OE1 1 
ATOM   1282 O OE2 . GLU B 1 66  ? -12.578 11.176  -9.563  1.00 104.72 ? 63  GLU B OE2 1 
ATOM   1283 N N   . LEU B 1 67  ? -6.915  12.337  -5.313  1.00 81.15  ? 64  LEU B N   1 
ATOM   1284 C CA  . LEU B 1 67  ? -6.334  12.467  -4.034  1.00 81.07  ? 64  LEU B CA  1 
ATOM   1285 C C   . LEU B 1 67  ? -6.160  13.894  -3.815  1.00 83.11  ? 64  LEU B C   1 
ATOM   1286 O O   . LEU B 1 67  ? -6.370  14.393  -2.737  1.00 83.95  ? 64  LEU B O   1 
ATOM   1287 C CB  . LEU B 1 67  ? -5.013  11.737  -3.950  1.00 76.27  ? 64  LEU B CB  1 
ATOM   1288 C CG  . LEU B 1 67  ? -5.275  10.242  -4.076  1.00 73.88  ? 64  LEU B CG  1 
ATOM   1289 C CD1 . LEU B 1 67  ? -4.009  9.457   -4.034  1.00 78.44  ? 64  LEU B CD1 1 
ATOM   1290 C CD2 . LEU B 1 67  ? -6.162  9.699   -2.980  1.00 73.27  ? 64  LEU B CD2 1 
ATOM   1291 N N   . VAL B 1 68  ? -5.748  14.548  -4.879  1.00 84.13  ? 65  VAL B N   1 
ATOM   1292 C CA  . VAL B 1 68  ? -5.370  15.905  -4.815  1.00 83.71  ? 65  VAL B CA  1 
ATOM   1293 C C   . VAL B 1 68  ? -6.075  16.643  -5.941  1.00 90.60  ? 65  VAL B C   1 
ATOM   1294 O O   . VAL B 1 68  ? -6.488  16.100  -6.955  1.00 81.34  ? 65  VAL B O   1 
ATOM   1295 C CB  . VAL B 1 68  ? -3.881  15.976  -5.098  1.00 71.09  ? 65  VAL B CB  1 
ATOM   1296 C CG1 . VAL B 1 68  ? -3.357  17.361  -5.249  1.00 75.25  ? 65  VAL B CG1 1 
ATOM   1297 C CG2 . VAL B 1 68  ? -3.155  15.317  -3.971  1.00 72.82  ? 65  VAL B CG2 1 
ATOM   1298 N N   . GLU B 1 69  ? -6.156  17.935  -5.741  1.00 100.05 ? 66  GLU B N   1 
ATOM   1299 C CA  . GLU B 1 69  ? -6.682  18.812  -6.707  1.00 94.88  ? 66  GLU B CA  1 
ATOM   1300 C C   . GLU B 1 69  ? -5.753  19.953  -6.736  1.00 94.09  ? 66  GLU B C   1 
ATOM   1301 O O   . GLU B 1 69  ? -5.223  20.323  -5.711  1.00 94.02  ? 66  GLU B O   1 
ATOM   1302 C CB  . GLU B 1 69  ? -8.044  19.318  -6.274  1.00 95.60  ? 66  GLU B CB  1 
ATOM   1303 C CG  . GLU B 1 69  ? -8.613  20.383  -7.188  1.00 101.61 ? 66  GLU B CG  1 
ATOM   1304 C CD  . GLU B 1 69  ? -10.052 20.614  -6.849  1.00 112.65 ? 66  GLU B CD  1 
ATOM   1305 O OE1 . GLU B 1 69  ? -10.359 20.789  -5.654  1.00 114.80 ? 66  GLU B OE1 1 
ATOM   1306 O OE2 . GLU B 1 69  ? -10.879 20.640  -7.784  1.00 120.04 ? 66  GLU B OE2 1 
ATOM   1307 N N   . LYS B 1 70  ? -5.647  20.569  -7.896  1.00 97.86  ? 67  LYS B N   1 
ATOM   1308 C CA  . LYS B 1 70  ? -4.871  21.754  -8.053  1.00 89.98  ? 67  LYS B CA  1 
ATOM   1309 C C   . LYS B 1 70  ? -5.754  22.880  -8.516  1.00 89.65  ? 67  LYS B C   1 
ATOM   1310 O O   . LYS B 1 70  ? -6.670  22.695  -9.300  1.00 83.17  ? 67  LYS B O   1 
ATOM   1311 C CB  . LYS B 1 70  ? -3.646  21.576  -8.928  1.00 84.40  ? 67  LYS B CB  1 
ATOM   1312 C CG  . LYS B 1 70  ? -3.740  21.801  -10.422 1.00 83.71  ? 67  LYS B CG  1 
ATOM   1313 C CD  . LYS B 1 70  ? -2.339  21.684  -11.023 1.00 74.89  ? 67  LYS B CD  1 
ATOM   1314 C CE  . LYS B 1 70  ? -2.220  22.038  -12.481 1.00 66.75  ? 67  LYS B CE  1 
ATOM   1315 N NZ  . LYS B 1 70  ? -0.825  21.984  -12.860 1.00 74.60  ? 67  LYS B NZ  1 
ATOM   1316 N N   . GLN B 1 71  ? -5.423  24.064  -8.032  1.00 99.71  ? 68  GLN B N   1 
ATOM   1317 C CA  . GLN B 1 71  ? -6.064  25.278  -8.453  1.00 92.75  ? 68  GLN B CA  1 
ATOM   1318 C C   . GLN B 1 71  ? -4.944  26.254  -8.699  1.00 86.01  ? 68  GLN B C   1 
ATOM   1319 O O   . GLN B 1 71  ? -4.008  26.422  -7.942  1.00 84.72  ? 68  GLN B O   1 
ATOM   1320 C CB  . GLN B 1 71  ? -6.983  25.910  -7.417  1.00 89.62  ? 68  GLN B CB  1 
ATOM   1321 C CG  . GLN B 1 71  ? -7.829  24.962  -6.586  1.00 86.50  ? 68  GLN B CG  1 
ATOM   1322 C CD  . GLN B 1 71  ? -8.511  25.830  -5.582  1.00 96.69  ? 68  GLN B CD  1 
ATOM   1323 O OE1 . GLN B 1 71  ? -9.240  25.347  -4.711  1.00 97.23  ? 68  GLN B OE1 1 
ATOM   1324 N NE2 . GLN B 1 71  ? -8.331  27.152  -5.751  1.00 96.63  ? 68  GLN B NE2 1 
ATOM   1325 N N   . ILE B 1 72  ? -4.955  26.592  -9.923  1.00 84.66  ? 69  ILE B N   1 
ATOM   1326 C CA  . ILE B 1 72  ? -4.057  27.671  -10.244 1.00 81.69  ? 69  ILE B CA  1 
ATOM   1327 C C   . ILE B 1 72  ? -4.710  28.947  -9.745  1.00 78.41  ? 69  ILE B C   1 
ATOM   1328 O O   . ILE B 1 72  ? -5.809  29.315  -10.178 1.00 78.40  ? 69  ILE B O   1 
ATOM   1329 C CB  . ILE B 1 72  ? -3.755  27.757  -11.746 1.00 79.33  ? 69  ILE B CB  1 
ATOM   1330 C CG1 . ILE B 1 72  ? -2.953  26.533  -12.214 1.00 80.98  ? 69  ILE B CG1 1 
ATOM   1331 C CG2 . ILE B 1 72  ? -2.971  29.022  -12.045 1.00 77.24  ? 69  ILE B CG2 1 
ATOM   1332 C CD1 . ILE B 1 72  ? -3.807  25.334  -12.613 1.00 78.21  ? 69  ILE B CD1 1 
ATOM   1333 N N   . ILE B 1 73  ? -4.042  29.607  -8.809  1.00 69.18  ? 70  ILE B N   1 
ATOM   1334 C CA  . ILE B 1 73  ? -4.551  30.860  -8.266  1.00 75.03  ? 70  ILE B CA  1 
ATOM   1335 C C   . ILE B 1 73  ? -4.374  32.003  -9.257  1.00 82.48  ? 70  ILE B C   1 
ATOM   1336 O O   . ILE B 1 73  ? -5.338  32.615  -9.735  1.00 81.30  ? 70  ILE B O   1 
ATOM   1337 C CB  . ILE B 1 73  ? -3.814  31.246  -6.989  1.00 70.39  ? 70  ILE B CB  1 
ATOM   1338 C CG1 . ILE B 1 73  ? -4.093  30.225  -5.895  1.00 60.24  ? 70  ILE B CG1 1 
ATOM   1339 C CG2 . ILE B 1 73  ? -4.181  32.668  -6.572  1.00 69.22  ? 70  ILE B CG2 1 
ATOM   1340 C CD1 . ILE B 1 73  ? -2.856  29.644  -5.378  1.00 68.72  ? 70  ILE B CD1 1 
ATOM   1341 N N   . SER B 1 74  ? -3.126  32.305  -9.556  1.00 82.54  ? 71  SER B N   1 
ATOM   1342 C CA  . SER B 1 74  ? -2.874  33.371  -10.476 1.00 81.88  ? 71  SER B CA  1 
ATOM   1343 C C   . SER B 1 74  ? -1.757  32.998  -11.406 1.00 79.67  ? 71  SER B C   1 
ATOM   1344 O O   . SER B 1 74  ? -0.606  33.036  -11.018 1.00 82.89  ? 71  SER B O   1 
ATOM   1345 C CB  . SER B 1 74  ? -2.521  34.660  -9.726  1.00 86.88  ? 71  SER B CB  1 
ATOM   1346 O OG  . SER B 1 74  ? -1.470  34.448  -8.799  1.00 88.12  ? 71  SER B OG  1 
ATOM   1347 N N   . THR B 1 75  ? -2.139  32.764  -12.792 1.00 86.99  ? 72  THR B N   1 
ATOM   1348 C CA  . THR B 1 75  ? -1.047  33.108  -13.651 1.00 91.72  ? 72  THR B CA  1 
ATOM   1349 C C   . THR B 1 75  ? -1.060  34.629  -13.707 1.00 90.62  ? 72  THR B C   1 
ATOM   1350 O O   . THR B 1 75  ? -2.086  35.214  -13.366 1.00 92.11  ? 72  THR B O   1 
ATOM   1351 C CB  . THR B 1 75  ? -1.151  32.412  -15.039 1.00 91.13  ? 72  THR B CB  1 
ATOM   1352 O OG1 . THR B 1 75  ? 0.003   32.648  -15.825 1.00 96.96  ? 72  THR B OG1 1 
ATOM   1353 C CG2 . THR B 1 75  ? -2.400  32.809  -15.820 1.00 86.00  ? 72  THR B CG2 1 
ATOM   1354 N N   . SER B 1 76  ? -0.015  35.227  -14.278 1.00 89.15  ? 73  SER B N   1 
ATOM   1355 C CA  . SER B 1 76  ? 0.331   36.604  -13.960 1.00 91.30  ? 73  SER B CA  1 
ATOM   1356 C C   . SER B 1 76  ? 0.841   36.903  -12.533 1.00 84.82  ? 73  SER B C   1 
ATOM   1357 O O   . SER B 1 76  ? 0.200   37.688  -11.847 1.00 81.36  ? 73  SER B O   1 
ATOM   1358 C CB  . SER B 1 76  ? -0.784  37.641  -14.396 1.00 101.16 ? 73  SER B CB  1 
ATOM   1359 O OG  . SER B 1 76  ? -1.877  37.884  -13.500 1.00 94.55  ? 73  SER B OG  1 
ATOM   1360 N N   . PRO B 1 77  ? 2.073   36.527  -12.066 1.00 83.02  ? 74  PRO B N   1 
ATOM   1361 C CA  . PRO B 1 77  ? 2.886   35.311  -12.034 1.00 77.73  ? 74  PRO B CA  1 
ATOM   1362 C C   . PRO B 1 77  ? 2.173   34.058  -11.535 1.00 80.59  ? 74  PRO B C   1 
ATOM   1363 O O   . PRO B 1 77  ? 1.587   34.120  -10.472 1.00 81.73  ? 74  PRO B O   1 
ATOM   1364 C CB  . PRO B 1 77  ? 4.078   35.686  -11.209 1.00 75.83  ? 74  PRO B CB  1 
ATOM   1365 C CG  . PRO B 1 77  ? 3.515   36.549  -10.135 1.00 79.58  ? 74  PRO B CG  1 
ATOM   1366 C CD  . PRO B 1 77  ? 2.408   37.272  -10.861 1.00 84.12  ? 74  PRO B CD  1 
ATOM   1367 N N   . VAL B 1 78  ? 2.628   32.926  -12.080 1.00 78.73  ? 75  VAL B N   1 
ATOM   1368 C CA  . VAL B 1 78  ? 1.999   31.646  -11.849 1.00 81.76  ? 75  VAL B CA  1 
ATOM   1369 C C   . VAL B 1 78  ? 2.240   31.137  -10.396 1.00 78.19  ? 75  VAL B C   1 
ATOM   1370 O O   . VAL B 1 78  ? 3.318   30.679  -10.059 1.00 88.47  ? 75  VAL B O   1 
ATOM   1371 C CB  . VAL B 1 78  ? 2.452   30.600  -12.871 1.00 80.85  ? 75  VAL B CB  1 
ATOM   1372 C CG1 . VAL B 1 78  ? 3.978   30.504  -12.998 1.00 80.25  ? 75  VAL B CG1 1 
ATOM   1373 C CG2 . VAL B 1 78  ? 1.758   29.272  -12.587 1.00 71.53  ? 75  VAL B CG2 1 
ATOM   1374 N N   . GLN B 1 79  ? 1.049   30.936  -9.708  1.00 78.26  ? 76  GLN B N   1 
ATOM   1375 C CA  . GLN B 1 79  ? 1.126   30.531  -8.310  1.00 80.09  ? 76  GLN B CA  1 
ATOM   1376 C C   . GLN B 1 79  ? 0.178   29.349  -8.185  1.00 76.98  ? 76  GLN B C   1 
ATOM   1377 O O   . GLN B 1 79  ? -1.004  29.454  -8.493  1.00 68.99  ? 76  GLN B O   1 
ATOM   1378 C CB  . GLN B 1 79  ? 0.660   31.650  -7.372  1.00 83.61  ? 76  GLN B CB  1 
ATOM   1379 C CG  . GLN B 1 79  ? 1.373   33.010  -7.517  1.00 87.00  ? 76  GLN B CG  1 
ATOM   1380 C CD  . GLN B 1 79  ? 2.727   33.054  -6.810  1.00 98.91  ? 76  GLN B CD  1 
ATOM   1381 O OE1 . GLN B 1 79  ? 3.109   32.118  -6.092  1.00 104.10 ? 76  GLN B OE1 1 
ATOM   1382 N NE2 . GLN B 1 79  ? 3.457   34.145  -7.009  1.00 87.99  ? 76  GLN B NE2 1 
ATOM   1383 N N   . ILE B 1 80  ? 0.694   28.214  -7.747  1.00 79.99  ? 77  ILE B N   1 
ATOM   1384 C CA  . ILE B 1 80  ? -0.047  26.982  -7.863  1.00 84.84  ? 77  ILE B CA  1 
ATOM   1385 C C   . ILE B 1 80  ? -0.184  26.303  -6.499  1.00 91.68  ? 77  ILE B C   1 
ATOM   1386 O O   . ILE B 1 80  ? 0.818   26.095  -5.826  1.00 98.70  ? 77  ILE B O   1 
ATOM   1387 C CB  . ILE B 1 80  ? 0.668   26.054  -8.870  1.00 89.41  ? 77  ILE B CB  1 
ATOM   1388 C CG1 . ILE B 1 80  ? 0.438   26.551  -10.290 1.00 81.05  ? 77  ILE B CG1 1 
ATOM   1389 C CG2 . ILE B 1 80  ? 0.196   24.610  -8.732  1.00 89.92  ? 77  ILE B CG2 1 
ATOM   1390 C CD1 . ILE B 1 80  ? 1.000   25.642  -11.362 1.00 75.60  ? 77  ILE B CD1 1 
ATOM   1391 N N   . ILE B 1 81  ? -1.405  25.955  -6.088  1.00 89.24  ? 78  ILE B N   1 
ATOM   1392 C CA  . ILE B 1 81  ? -1.583  25.305  -4.774  1.00 104.64 ? 78  ILE B CA  1 
ATOM   1393 C C   . ILE B 1 81  ? -1.273  23.836  -4.384  1.00 107.31 ? 78  ILE B C   1 
ATOM   1394 O O   . ILE B 1 81  ? -0.377  23.599  -3.574  1.00 107.81 ? 78  ILE B O   1 
ATOM   1395 C CB  . ILE B 1 81  ? -3.026  25.446  -4.174  1.00 99.53  ? 78  ILE B CB  1 
ATOM   1396 C CG1 . ILE B 1 81  ? -4.110  25.157  -5.213  1.00 96.63  ? 78  ILE B CG1 1 
ATOM   1397 C CG2 . ILE B 1 81  ? -3.217  26.783  -3.502  1.00 94.56  ? 78  ILE B CG2 1 
ATOM   1398 C CD1 . ILE B 1 81  ? -5.042  24.039  -4.791  1.00 96.76  ? 78  ILE B CD1 1 
ATOM   1399 N N   . TYR B 1 82  ? -1.962  23.035  -5.332  1.00 102.31 ? 79  TYR B N   1 
ATOM   1400 C CA  . TYR B 1 82  ? -1.879  21.599  -4.847  1.00 99.74  ? 79  TYR B CA  1 
ATOM   1401 C C   . TYR B 1 82  ? -2.554  21.200  -3.465  1.00 95.80  ? 79  TYR B C   1 
ATOM   1402 O O   . TYR B 1 82  ? -1.958  20.520  -2.665  1.00 97.59  ? 79  TYR B O   1 
ATOM   1403 C CB  . TYR B 1 82  ? -0.424  21.090  -4.815  1.00 100.21 ? 79  TYR B CB  1 
ATOM   1404 C CG  . TYR B 1 82  ? 0.258   21.138  -6.144  1.00 101.42 ? 79  TYR B CG  1 
ATOM   1405 C CD1 . TYR B 1 82  ? -0.336  20.620  -7.302  1.00 95.20  ? 79  TYR B CD1 1 
ATOM   1406 C CD2 . TYR B 1 82  ? 1.556   21.632  -6.235  1.00 103.96 ? 79  TYR B CD2 1 
ATOM   1407 C CE1 . TYR B 1 82  ? 0.336   20.648  -8.517  1.00 96.73  ? 79  TYR B CE1 1 
ATOM   1408 C CE2 . TYR B 1 82  ? 2.227   21.673  -7.459  1.00 103.52 ? 79  TYR B CE2 1 
ATOM   1409 C CZ  . TYR B 1 82  ? 1.610   21.190  -8.604  1.00 101.04 ? 79  TYR B CZ  1 
ATOM   1410 O OH  . TYR B 1 82  ? 2.241   21.311  -9.850  1.00 88.46  ? 79  TYR B OH  1 
ATOM   1411 N N   . VAL B 1 83  ? -3.807  21.615  -3.223  1.00 94.13  ? 80  VAL B N   1 
ATOM   1412 C CA  . VAL B 1 83  ? -4.627  21.242  -2.030  1.00 100.76 ? 80  VAL B CA  1 
ATOM   1413 C C   . VAL B 1 83  ? -5.175  19.762  -2.038  1.00 105.99 ? 80  VAL B C   1 
ATOM   1414 O O   . VAL B 1 83  ? -5.373  19.159  -3.086  1.00 98.20  ? 80  VAL B O   1 
ATOM   1415 C CB  . VAL B 1 83  ? -5.846  22.222  -1.873  1.00 114.07 ? 80  VAL B CB  1 
ATOM   1416 C CG1 . VAL B 1 83  ? -6.921  21.984  -2.958  1.00 107.41 ? 80  VAL B CG1 1 
ATOM   1417 C CG2 . VAL B 1 83  ? -6.486  22.195  -0.474  1.00 117.98 ? 80  VAL B CG2 1 
ATOM   1418 N N   . LEU B 1 84  ? -5.311  19.135  -0.836  1.00 111.20 ? 81  LEU B N   1 
ATOM   1419 C CA  . LEU B 1 84  ? -5.697  17.699  -0.749  1.00 100.69 ? 81  LEU B CA  1 
ATOM   1420 C C   . LEU B 1 84  ? -7.233  17.542  -0.718  1.00 102.44 ? 81  LEU B C   1 
ATOM   1421 O O   . LEU B 1 84  ? -7.926  18.410  -0.231  1.00 110.86 ? 81  LEU B O   1 
ATOM   1422 C CB  . LEU B 1 84  ? -5.185  17.189  0.606   1.00 92.97  ? 81  LEU B CB  1 
ATOM   1423 C CG  . LEU B 1 84  ? -4.390  15.900  0.646   1.00 94.28  ? 81  LEU B CG  1 
ATOM   1424 C CD1 . LEU B 1 84  ? -4.377  15.296  2.049   1.00 89.35  ? 81  LEU B CD1 1 
ATOM   1425 C CD2 . LEU B 1 84  ? -4.895  14.896  -0.337  1.00 92.93  ? 81  LEU B CD2 1 
ATOM   1426 N N   . THR B 1 85  ? -7.770  16.450  -1.267  1.00 90.77  ? 82  THR B N   1 
ATOM   1427 C CA  . THR B 1 85  ? -9.212  16.263  -1.305  1.00 98.51  ? 82  THR B CA  1 
ATOM   1428 C C   . THR B 1 85  ? -9.700  15.507  -0.096  1.00 102.43 ? 82  THR B C   1 
ATOM   1429 O O   . THR B 1 85  ? -8.899  15.117  0.732   1.00 98.67  ? 82  THR B O   1 
ATOM   1430 C CB  . THR B 1 85  ? -9.673  15.520  -2.549  1.00 97.67  ? 82  THR B CB  1 
ATOM   1431 O OG1 . THR B 1 85  ? -9.100  14.253  -2.606  1.00 94.70  ? 82  THR B OG1 1 
ATOM   1432 C CG2 . THR B 1 85  ? -9.270  16.285  -3.795  1.00 95.30  ? 82  THR B CG2 1 
ATOM   1433 N N   . GLU B 1 86  ? -11.020 15.210  -0.051  1.00 100.69 ? 83  GLU B N   1 
ATOM   1434 C CA  . GLU B 1 86  ? -11.560 14.376  1.024   1.00 105.09 ? 83  GLU B CA  1 
ATOM   1435 C C   . GLU B 1 86  ? -10.987 12.978  0.954   1.00 97.62  ? 83  GLU B C   1 
ATOM   1436 O O   . GLU B 1 86  ? -10.642 12.382  1.952   1.00 94.82  ? 83  GLU B O   1 
ATOM   1437 C CB  . GLU B 1 86  ? -13.081 14.189  0.841   1.00 107.10 ? 83  GLU B CB  1 
ATOM   1438 C CG  . GLU B 1 86  ? -13.941 15.448  0.929   1.00 110.44 ? 83  GLU B CG  1 
ATOM   1439 C CD  . GLU B 1 86  ? -13.785 16.066  2.301   1.00 115.96 ? 83  GLU B CD  1 
ATOM   1440 O OE1 . GLU B 1 86  ? -13.666 15.306  3.291   1.00 112.11 ? 83  GLU B OE1 1 
ATOM   1441 O OE2 . GLU B 1 86  ? -13.768 17.314  2.382   1.00 120.10 ? 83  GLU B OE2 1 
ATOM   1442 N N   . LYS B 1 87  ? -10.877 12.491  -0.282  1.00 93.48  ? 84  LYS B N   1 
ATOM   1443 C CA  . LYS B 1 87  ? -10.413 11.160  -0.563  1.00 86.44  ? 84  LYS B CA  1 
ATOM   1444 C C   . LYS B 1 87  ? -9.006  11.006  -0.114  1.00 83.21  ? 84  LYS B C   1 
ATOM   1445 O O   . LYS B 1 87  ? -8.654  10.046  0.527   1.00 83.79  ? 84  LYS B O   1 
ATOM   1446 C CB  . LYS B 1 87  ? -10.560 10.857  -2.039  1.00 82.63  ? 84  LYS B CB  1 
ATOM   1447 C CG  . LYS B 1 87  ? -10.096 9.499   -2.469  1.00 82.45  ? 84  LYS B CG  1 
ATOM   1448 C CD  . LYS B 1 87  ? -10.195 9.242   -3.970  1.00 83.11  ? 84  LYS B CD  1 
ATOM   1449 C CE  . LYS B 1 87  ? -11.604 8.990   -4.484  1.00 88.43  ? 84  LYS B CE  1 
ATOM   1450 N NZ  . LYS B 1 87  ? -11.599 8.655   -5.915  1.00 89.40  ? 84  LYS B NZ  1 
ATOM   1451 N N   . GLY B 1 88  ? -8.230  12.022  -0.412  1.00 83.22  ? 85  GLY B N   1 
ATOM   1452 C CA  . GLY B 1 88  ? -6.874  12.132  -0.013  1.00 83.87  ? 85  GLY B CA  1 
ATOM   1453 C C   . GLY B 1 88  ? -6.664  12.220  1.448   1.00 89.04  ? 85  GLY B C   1 
ATOM   1454 O O   . GLY B 1 88  ? -5.727  11.665  1.998   1.00 87.69  ? 85  GLY B O   1 
ATOM   1455 N N   . LYS B 1 89  ? -7.522  13.021  2.074   1.00 94.13  ? 86  LYS B N   1 
ATOM   1456 C CA  . LYS B 1 89  ? -7.460  13.287  3.507   1.00 97.83  ? 86  LYS B CA  1 
ATOM   1457 C C   . LYS B 1 89  ? -7.719  12.012  4.317   1.00 89.73  ? 86  LYS B C   1 
ATOM   1458 O O   . LYS B 1 89  ? -6.954  11.616  5.184   1.00 86.69  ? 86  LYS B O   1 
ATOM   1459 C CB  . LYS B 1 89  ? -8.566  14.291  3.852   1.00 102.40 ? 86  LYS B CB  1 
ATOM   1460 C CG  . LYS B 1 89  ? -8.185  15.771  3.767   1.00 109.29 ? 86  LYS B CG  1 
ATOM   1461 C CD  . LYS B 1 89  ? -9.316  16.703  4.248   1.00 114.42 ? 86  LYS B CD  1 
ATOM   1462 C CE  . LYS B 1 89  ? -10.058 17.475  3.151   1.00 113.41 ? 86  LYS B CE  1 
ATOM   1463 N NZ  . LYS B 1 89  ? -9.176  18.479  2.515   1.00 113.59 ? 86  LYS B NZ  1 
ATOM   1464 N N   . ALA B 1 90  ? -8.783  11.348  3.886   1.00 81.92  ? 87  ALA B N   1 
ATOM   1465 C CA  . ALA B 1 90  ? -9.200  10.047  4.313   1.00 82.21  ? 87  ALA B CA  1 
ATOM   1466 C C   . ALA B 1 90  ? -8.112  8.989   4.112   1.00 89.84  ? 87  ALA B C   1 
ATOM   1467 O O   . ALA B 1 90  ? -7.847  8.192   4.991   1.00 93.06  ? 87  ALA B O   1 
ATOM   1468 C CB  . ALA B 1 90  ? -10.485 9.740   3.611   1.00 80.46  ? 87  ALA B CB  1 
ATOM   1469 N N   . LEU B 1 91  ? -7.480  8.994   2.948   1.00 85.02  ? 88  LEU B N   1 
ATOM   1470 C CA  . LEU B 1 91  ? -6.438  8.040   2.645   1.00 84.36  ? 88  LEU B CA  1 
ATOM   1471 C C   . LEU B 1 91  ? -5.255  8.200   3.599   1.00 86.27  ? 88  LEU B C   1 
ATOM   1472 O O   . LEU B 1 91  ? -4.754  7.249   4.158   1.00 87.49  ? 88  LEU B O   1 
ATOM   1473 C CB  . LEU B 1 91  ? -5.991  8.198   1.190   1.00 78.35  ? 88  LEU B CB  1 
ATOM   1474 C CG  . LEU B 1 91  ? -5.130  7.092   0.583   1.00 79.06  ? 88  LEU B CG  1 
ATOM   1475 C CD1 . LEU B 1 91  ? -3.657  7.282   0.882   1.00 72.83  ? 88  LEU B CD1 1 
ATOM   1476 C CD2 . LEU B 1 91  ? -5.579  5.663   0.944   1.00 91.20  ? 88  LEU B CD2 1 
ATOM   1477 N N   . ALA B 1 92  ? -4.886  9.432   3.862   1.00 89.30  ? 89  ALA B N   1 
ATOM   1478 C CA  . ALA B 1 92  ? -3.870  9.750   4.861   1.00 92.79  ? 89  ALA B CA  1 
ATOM   1479 C C   . ALA B 1 92  ? -4.278  9.242   6.252   1.00 90.75  ? 89  ALA B C   1 
ATOM   1480 O O   . ALA B 1 92  ? -3.477  8.748   7.022   1.00 90.53  ? 89  ALA B O   1 
ATOM   1481 C CB  . ALA B 1 92  ? -3.591  11.241  4.870   1.00 97.77  ? 89  ALA B CB  1 
ATOM   1482 N N   . GLU B 1 93  ? -5.556  9.380   6.550   1.00 83.97  ? 90  GLU B N   1 
ATOM   1483 C CA  . GLU B 1 93  ? -6.103  8.920   7.818   1.00 93.06  ? 90  GLU B CA  1 
ATOM   1484 C C   . GLU B 1 93  ? -6.014  7.392   7.974   1.00 99.03  ? 90  GLU B C   1 
ATOM   1485 O O   . GLU B 1 93  ? -5.639  6.866   9.030   1.00 103.67 ? 90  GLU B O   1 
ATOM   1486 C CB  . GLU B 1 93  ? -7.554  9.363   7.996   1.00 92.44  ? 90  GLU B CB  1 
ATOM   1487 C CG  . GLU B 1 93  ? -7.833  9.916   9.390   1.00 92.23  ? 90  GLU B CG  1 
ATOM   1488 C CD  . GLU B 1 93  ? -7.089  11.221  9.569   1.00 95.11  ? 90  GLU B CD  1 
ATOM   1489 O OE1 . GLU B 1 93  ? -7.702  12.262  9.276   1.00 90.81  ? 90  GLU B OE1 1 
ATOM   1490 O OE2 . GLU B 1 93  ? -5.915  11.227  9.990   1.00 92.93  ? 90  GLU B OE2 1 
ATOM   1491 N N   . ALA B 1 94  ? -6.341  6.697   6.875   1.00 95.47  ? 91  ALA B N   1 
ATOM   1492 C CA  . ALA B 1 94  ? -6.248  5.249   6.777   1.00 84.44  ? 91  ALA B CA  1 
ATOM   1493 C C   . ALA B 1 94  ? -4.802  4.758   6.832   1.00 84.47  ? 91  ALA B C   1 
ATOM   1494 O O   . ALA B 1 94  ? -4.515  3.695   7.333   1.00 87.02  ? 91  ALA B O   1 
ATOM   1495 C CB  . ALA B 1 94  ? -6.877  4.793   5.493   1.00 81.25  ? 91  ALA B CB  1 
ATOM   1496 N N   . LEU B 1 95  ? -3.894  5.546   6.291   1.00 84.90  ? 92  LEU B N   1 
ATOM   1497 C CA  . LEU B 1 95  ? -2.484  5.240   6.294   1.00 85.28  ? 92  LEU B CA  1 
ATOM   1498 C C   . LEU B 1 95  ? -1.873  5.040   7.667   1.00 86.39  ? 92  LEU B C   1 
ATOM   1499 O O   . LEU B 1 95  ? -0.953  4.269   7.798   1.00 90.30  ? 92  LEU B O   1 
ATOM   1500 C CB  . LEU B 1 95  ? -1.699  6.237   5.476   1.00 90.21  ? 92  LEU B CB  1 
ATOM   1501 C CG  . LEU B 1 95  ? -1.225  5.715   4.107   1.00 88.70  ? 92  LEU B CG  1 
ATOM   1502 C CD1 . LEU B 1 95  ? 0.085   4.912   4.190   1.00 97.02  ? 92  LEU B CD1 1 
ATOM   1503 C CD2 . LEU B 1 95  ? -2.285  4.943   3.346   1.00 77.86  ? 92  LEU B CD2 1 
ATOM   1504 N N   . HIS B 1 96  ? -2.212  5.896   8.621   1.00 87.81  ? 93  HIS B N   1 
ATOM   1505 C CA  . HIS B 1 96  ? -1.546  5.897   9.942   1.00 90.65  ? 93  HIS B CA  1 
ATOM   1506 C C   . HIS B 1 96  ? -1.182  4.500   10.558  1.00 86.99  ? 93  HIS B C   1 
ATOM   1507 O O   . HIS B 1 96  ? -0.067  4.301   11.017  1.00 83.96  ? 93  HIS B O   1 
ATOM   1508 C CB  . HIS B 1 96  ? -2.360  6.720   10.959  1.00 91.95  ? 93  HIS B CB  1 
ATOM   1509 C CG  . HIS B 1 96  ? -2.419  8.174   10.629  1.00 103.10 ? 93  HIS B CG  1 
ATOM   1510 N ND1 . HIS B 1 96  ? -3.564  8.913   10.498  1.00 100.08 ? 93  HIS B ND1 1 
ATOM   1511 C CD2 . HIS B 1 96  ? -1.408  9.038   10.409  1.00 102.65 ? 93  HIS B CD2 1 
ATOM   1512 C CE1 . HIS B 1 96  ? -3.192  10.158  10.194  1.00 96.77  ? 93  HIS B CE1 1 
ATOM   1513 N NE2 . HIS B 1 96  ? -1.900  10.284  10.125  1.00 107.01 ? 93  HIS B NE2 1 
ATOM   1514 N N   . PRO B 1 97  ? -2.033  3.477   10.618  1.00 85.42  ? 94  PRO B N   1 
ATOM   1515 C CA  . PRO B 1 97  ? -1.652  2.213   11.226  1.00 83.06  ? 94  PRO B CA  1 
ATOM   1516 C C   . PRO B 1 97  ? -0.539  1.478   10.500  1.00 82.28  ? 94  PRO B C   1 
ATOM   1517 O O   . PRO B 1 97  ? 0.331   0.929   11.156  1.00 83.82  ? 94  PRO B O   1 
ATOM   1518 C CB  . PRO B 1 97  ? -2.925  1.453   11.269  1.00 85.10  ? 94  PRO B CB  1 
ATOM   1519 C CG  . PRO B 1 97  ? -3.987  2.304   10.618  1.00 89.56  ? 94  PRO B CG  1 
ATOM   1520 C CD  . PRO B 1 97  ? -3.433  3.667   10.663  1.00 85.65  ? 94  PRO B CD  1 
ATOM   1521 N N   . ILE B 1 98  ? -0.534  1.502   9.174   1.00 82.21  ? 95  ILE B N   1 
ATOM   1522 C CA  . ILE B 1 98  ? 0.516   0.831   8.431   1.00 84.31  ? 95  ILE B CA  1 
ATOM   1523 C C   . ILE B 1 98  ? 1.825   1.589   8.543   1.00 80.02  ? 95  ILE B C   1 
ATOM   1524 O O   . ILE B 1 98  ? 2.906   1.035   8.574   1.00 78.48  ? 95  ILE B O   1 
ATOM   1525 C CB  . ILE B 1 98  ? 0.129   0.449   6.996   1.00 73.07  ? 95  ILE B CB  1 
ATOM   1526 C CG1 . ILE B 1 98  ? 1.231   -0.266  6.231   1.00 75.43  ? 95  ILE B CG1 1 
ATOM   1527 C CG2 . ILE B 1 98  ? -0.436  1.611   6.266   1.00 78.74  ? 95  ILE B CG2 1 
ATOM   1528 C CD1 . ILE B 1 98  ? 0.752   -0.968  4.956   1.00 81.93  ? 95  ILE B CD1 1 
ATOM   1529 N N   . GLU B 1 99  ? 1.710   2.887   8.727   1.00 83.10  ? 96  GLU B N   1 
ATOM   1530 C CA  . GLU B 1 99  ? 2.869   3.698   8.981   1.00 91.13  ? 96  GLU B CA  1 
ATOM   1531 C C   . GLU B 1 99  ? 3.523   3.319   10.303  1.00 88.99  ? 96  GLU B C   1 
ATOM   1532 O O   . GLU B 1 99  ? 4.730   3.172   10.419  1.00 87.81  ? 96  GLU B O   1 
ATOM   1533 C CB  . GLU B 1 99  ? 2.443   5.156   9.020   1.00 92.13  ? 96  GLU B CB  1 
ATOM   1534 C CG  . GLU B 1 99  ? 3.604   6.133   8.981   1.00 98.47  ? 96  GLU B CG  1 
ATOM   1535 C CD  . GLU B 1 99  ? 3.124   7.539   9.271   1.00 106.43 ? 96  GLU B CD  1 
ATOM   1536 O OE1 . GLU B 1 99  ? 3.999   8.437   9.341   1.00 108.26 ? 96  GLU B OE1 1 
ATOM   1537 O OE2 . GLU B 1 99  ? 1.903   7.760   9.424   1.00 104.53 ? 96  GLU B OE2 1 
ATOM   1538 N N   . ALA B 1 100 ? 2.671   3.137   11.301  1.00 86.87  ? 97  ALA B N   1 
ATOM   1539 C CA  . ALA B 1 100 ? 3.106   2.722   12.621  1.00 89.56  ? 97  ALA B CA  1 
ATOM   1540 C C   . ALA B 1 100 ? 3.771   1.352   12.614  1.00 91.04  ? 97  ALA B C   1 
ATOM   1541 O O   . ALA B 1 100 ? 4.862   1.132   13.142  1.00 93.23  ? 97  ALA B O   1 
ATOM   1542 C CB  . ALA B 1 100 ? 1.890   2.662   13.522  1.00 90.02  ? 97  ALA B CB  1 
ATOM   1543 N N   . TRP B 1 101 ? 3.097   0.422   11.944  1.00 88.78  ? 98  TRP B N   1 
ATOM   1544 C CA  . TRP B 1 101 ? 3.586   -0.929  11.746  1.00 88.37  ? 98  TRP B CA  1 
ATOM   1545 C C   . TRP B 1 101 ? 4.946   -0.956  11.104  1.00 85.26  ? 98  TRP B C   1 
ATOM   1546 O O   . TRP B 1 101 ? 5.835   -1.728  11.519  1.00 85.36  ? 98  TRP B O   1 
ATOM   1547 C CB  . TRP B 1 101 ? 2.585   -1.706  10.892  1.00 82.71  ? 98  TRP B CB  1 
ATOM   1548 C CG  . TRP B 1 101 ? 3.106   -3.003  10.318  1.00 80.62  ? 98  TRP B CG  1 
ATOM   1549 C CD1 . TRP B 1 101 ? 3.040   -4.270  10.886  1.00 82.15  ? 98  TRP B CD1 1 
ATOM   1550 C CD2 . TRP B 1 101 ? 3.773   -3.205  9.023   1.00 76.58  ? 98  TRP B CD2 1 
ATOM   1551 N NE1 . TRP B 1 101 ? 3.610   -5.206  10.065  1.00 81.19  ? 98  TRP B NE1 1 
ATOM   1552 C CE2 . TRP B 1 101 ? 4.068   -4.635  8.934   1.00 75.07  ? 98  TRP B CE2 1 
ATOM   1553 C CE3 . TRP B 1 101 ? 4.145   -2.377  7.978   1.00 81.40  ? 98  TRP B CE3 1 
ATOM   1554 C CZ2 . TRP B 1 101 ? 4.707   -5.184  7.839   1.00 76.35  ? 98  TRP B CZ2 1 
ATOM   1555 C CZ3 . TRP B 1 101 ? 4.790   -2.944  6.878   1.00 73.99  ? 98  TRP B CZ3 1 
ATOM   1556 C CH2 . TRP B 1 101 ? 5.063   -4.313  6.811   1.00 70.20  ? 98  TRP B CH2 1 
ATOM   1557 N N   . ALA B 1 102 ? 5.131   -0.120  10.088  1.00 88.85  ? 99  ALA B N   1 
ATOM   1558 C CA  . ALA B 1 102 ? 6.354   -0.070  9.338   1.00 91.42  ? 99  ALA B CA  1 
ATOM   1559 C C   . ALA B 1 102 ? 7.501   0.278   10.238  1.00 94.03  ? 99  ALA B C   1 
ATOM   1560 O O   . ALA B 1 102 ? 8.542   -0.360  10.205  1.00 95.10  ? 99  ALA B O   1 
ATOM   1561 C CB  . ALA B 1 102 ? 6.241   0.943   8.218   1.00 93.09  ? 99  ALA B CB  1 
ATOM   1562 N N   . GLN B 1 103 ? 7.260   1.242   11.118  1.00 97.77  ? 100 GLN B N   1 
ATOM   1563 C CA  . GLN B 1 103 ? 8.262   1.575   12.103  1.00 103.80 ? 100 GLN B CA  1 
ATOM   1564 C C   . GLN B 1 103 ? 8.577   0.402   13.055  1.00 104.53 ? 100 GLN B C   1 
ATOM   1565 O O   . GLN B 1 103 ? 9.741   0.176   13.373  1.00 111.51 ? 100 GLN B O   1 
ATOM   1566 C CB  . GLN B 1 103 ? 7.899   2.819   12.914  1.00 107.13 ? 100 GLN B CB  1 
ATOM   1567 C CG  . GLN B 1 103 ? 9.014   3.266   13.875  1.00 110.56 ? 100 GLN B CG  1 
ATOM   1568 C CD  . GLN B 1 103 ? 10.361  3.518   13.193  1.00 112.69 ? 100 GLN B CD  1 
ATOM   1569 O OE1 . GLN B 1 103 ? 10.597  4.595   12.616  1.00 112.11 ? 100 GLN B OE1 1 
ATOM   1570 N NE2 . GLN B 1 103 ? 11.282  2.516   13.282  1.00 107.32 ? 100 GLN B NE2 1 
ATOM   1571 N N   . SER B 1 104 ? 7.581   -0.362  13.528  1.00 97.11  ? 101 SER B N   1 
ATOM   1572 C CA  . SER B 1 104 ? 7.968   -1.465  14.418  1.00 94.80  ? 101 SER B CA  1 
ATOM   1573 C C   . SER B 1 104 ? 8.985   -2.440  13.789  1.00 98.18  ? 101 SER B C   1 
ATOM   1574 O O   . SER B 1 104 ? 10.044  -2.661  14.350  1.00 103.44 ? 101 SER B O   1 
ATOM   1575 C CB  . SER B 1 104 ? 6.768   -2.322  14.782  1.00 86.33  ? 101 SER B CB  1 
ATOM   1576 O OG  . SER B 1 104 ? 5.749   -1.549  15.364  1.00 93.71  ? 101 SER B OG  1 
ATOM   1577 N N   . TYR B 1 105 ? 8.733   -2.905  12.568  1.00 96.24  ? 102 TYR B N   1 
ATOM   1578 C CA  . TYR B 1 105 ? 9.613   -3.899  11.927  1.00 98.30  ? 102 TYR B CA  1 
ATOM   1579 C C   . TYR B 1 105 ? 10.933  -3.454  11.242  1.00 100.93 ? 102 TYR B C   1 
ATOM   1580 O O   . TYR B 1 105 ? 11.911  -4.198  11.267  1.00 109.23 ? 102 TYR B O   1 
ATOM   1581 C CB  . TYR B 1 105 ? 8.798   -4.777  10.973  1.00 92.95  ? 102 TYR B CB  1 
ATOM   1582 C CG  . TYR B 1 105 ? 7.673   -5.513  11.663  1.00 93.91  ? 102 TYR B CG  1 
ATOM   1583 C CD1 . TYR B 1 105 ? 7.923   -6.651  12.417  1.00 92.91  ? 102 TYR B CD1 1 
ATOM   1584 C CD2 . TYR B 1 105 ? 6.365   -5.059  11.577  1.00 84.89  ? 102 TYR B CD2 1 
ATOM   1585 C CE1 . TYR B 1 105 ? 6.900   -7.322  13.057  1.00 88.49  ? 102 TYR B CE1 1 
ATOM   1586 C CE2 . TYR B 1 105 ? 5.336   -5.724  12.214  1.00 86.32  ? 102 TYR B CE2 1 
ATOM   1587 C CZ  . TYR B 1 105 ? 5.609   -6.855  12.952  1.00 88.42  ? 102 TYR B CZ  1 
ATOM   1588 O OH  . TYR B 1 105 ? 4.585   -7.517  13.587  1.00 80.43  ? 102 TYR B OH  1 
ATOM   1589 N N   . VAL B 1 106 ? 10.965  -2.274  10.626  1.00 99.36  ? 103 VAL B N   1 
ATOM   1590 C CA  . VAL B 1 106 ? 12.134  -1.817  9.847   1.00 98.64  ? 103 VAL B CA  1 
ATOM   1591 C C   . VAL B 1 106 ? 13.469  -2.576  9.795   1.00 91.20  ? 103 VAL B C   1 
ATOM   1592 O O   . VAL B 1 106 ? 13.888  -2.963  8.679   1.00 92.57  ? 103 VAL B O   1 
ATOM   1593 C CB  . VAL B 1 106 ? 12.579  -0.428  10.319  1.00 101.22 ? 103 VAL B CB  1 
ATOM   1594 C CG1 . VAL B 1 106 ? 11.499  0.567   9.928   1.00 100.47 ? 103 VAL B CG1 1 
ATOM   1595 C CG2 . VAL B 1 106 ? 12.754  -0.377  11.845  1.00 100.96 ? 103 VAL B CG2 1 
HETATM 1596 C C8  . 17Z C 2 .   ? 8.107   7.568   3.620   1.00 101.21 ? 201 17Z A C8  1 
HETATM 1597 C C13 . 17Z C 2 .   ? 6.976   6.892   2.933   1.00 96.66  ? 201 17Z A C13 1 
HETATM 1598 O O20 . 17Z C 2 .   ? 7.226   6.053   1.889   1.00 92.21  ? 201 17Z A O20 1 
HETATM 1599 C C12 . 17Z C 2 .   ? 5.573   7.109   3.382   1.00 93.22  ? 201 17Z A C12 1 
HETATM 1600 C C17 . 17Z C 2 .   ? 4.517   6.466   2.737   1.00 86.01  ? 201 17Z A C17 1 
HETATM 1601 C C16 . 17Z C 2 .   ? 3.217   6.693   3.180   1.00 91.57  ? 201 17Z A C16 1 
HETATM 1602 C C15 . 17Z C 2 .   ? 2.959   7.548   4.254   1.00 85.47  ? 201 17Z A C15 1 
HETATM 1603 C C14 . 17Z C 2 .   ? 3.983   8.209   4.931   1.00 91.50  ? 201 17Z A C14 1 
HETATM 1604 C C11 . 17Z C 2 .   ? 5.301   8.019   4.528   1.00 94.15  ? 201 17Z A C11 1 
HETATM 1605 C C10 . 17Z C 2 .   ? 6.431   8.706   5.221   1.00 96.71  ? 201 17Z A C10 1 
HETATM 1606 O O19 . 17Z C 2 .   ? 6.183   9.541   6.271   1.00 105.32 ? 201 17Z A O19 1 
HETATM 1607 C C9  . 17Z C 2 .   ? 7.836   8.490   4.774   1.00 101.28 ? 201 17Z A C9  1 
HETATM 1608 C C18 . 17Z C 2 .   ? 8.923   9.229   5.526   1.00 101.54 ? 201 17Z A C18 1 
HETATM 1609 C C8  . 17Z D 2 .   ? -9.050  -7.555  -3.258  1.00 91.35  ? 201 17Z B C8  1 
HETATM 1610 C C13 . 17Z D 2 .   ? -7.737  -7.060  -2.749  1.00 87.96  ? 201 17Z B C13 1 
HETATM 1611 O O20 . 17Z D 2 .   ? -6.726  -6.746  -3.610  1.00 81.11  ? 201 17Z B O20 1 
HETATM 1612 C C12 . 17Z D 2 .   ? -7.510  -6.896  -1.292  1.00 86.55  ? 201 17Z B C12 1 
HETATM 1613 C C17 . 17Z D 2 .   ? -6.278  -6.431  -0.827  1.00 83.92  ? 201 17Z B C17 1 
HETATM 1614 C C16 . 17Z D 2 .   ? -6.070  -6.271  0.542   1.00 80.52  ? 201 17Z B C16 1 
HETATM 1615 C C15 . 17Z D 2 .   ? -7.083  -6.583  1.452   1.00 83.74  ? 201 17Z B C15 1 
HETATM 1616 C C14 . 17Z D 2 .   ? -8.329  -7.055  1.027   1.00 89.28  ? 201 17Z B C14 1 
HETATM 1617 C C11 . 17Z D 2 .   ? -8.589  -7.227  -0.330  1.00 82.85  ? 201 17Z B C11 1 
HETATM 1618 C C10 . 17Z D 2 .   ? -9.910  -7.727  -0.822  1.00 89.50  ? 201 17Z B C10 1 
HETATM 1619 O O19 . 17Z D 2 .   ? -10.915 -8.036  0.056   1.00 96.89  ? 201 17Z B O19 1 
HETATM 1620 C C9  . 17Z D 2 .   ? -10.143 -7.897  -2.286  1.00 95.35  ? 201 17Z B C9  1 
HETATM 1621 C C18 . 17Z D 2 .   ? -11.494 -8.413  -2.733  1.00 97.84  ? 201 17Z B C18 1 
# 
